data_8VAP
#
_entry.id   8VAP
#
_cell.length_a   1.00
_cell.length_b   1.00
_cell.length_c   1.00
_cell.angle_alpha   90.00
_cell.angle_beta   90.00
_cell.angle_gamma   90.00
#
_symmetry.space_group_name_H-M   'P 1'
#
loop_
_entity.id
_entity.type
_entity.pdbx_description
1 polymer 'DNA polymerase III subunit delta'
2 polymer 'DNA polymerase III subunit tau'
3 polymer "DNA polymerase III subunit delta'"
4 polymer 'Beta sliding clamp'
5 non-polymer "ADENOSINE-5'-DIPHOSPHATE"
6 non-polymer 'BERYLLIUM TRIFLUORIDE ION'
7 non-polymer 'MAGNESIUM ION'
8 non-polymer 'ZINC ION'
#
loop_
_entity_poly.entity_id
_entity_poly.type
_entity_poly.pdbx_seq_one_letter_code
_entity_poly.pdbx_strand_id
1 'polypeptide(L)'
;MIRLYPEQLRAQLNEGLRAAYLLLGNDPLLLQESQDAVRQVAAAQGFEEHHTFSIDPNTDWNAIFSLCQAMSLFASRQTL
LLLLPENGPNAAINEQLLTLTGLLHDDLLLIVRGNKLSKAQENAAWFTALANRSVQVTCQTPEQAQLPRWVAARAKQLNL
ELDDAANQVLCYCYEGNLLALAQALERLSLLWPDGKLTLPRVEQAVNDAAHFTPFHWVDALLMGKSKRALHILQQLRLEG
SEPVILLRTLQRELLLLVNLKRQSAHTPLRALFDKHRVWQNRRGMMGEALNRLSQTQLRQAVQLLTRTELTLKQDYGQSV
WAELEGLSLLLCH
;
A
2 'polypeptide(L)'
;GPHMSYQVLARKWRPQTFADVVGQEHVLTALANGLSLGRIHHAYLFSGTRGVGKTSIARLLAKGLNCETGITATPCGVCD
NCREIEQGRFVDLIEIDAASRTKVEDTRDLLDNVQYAPARGRFKVYLIDEVHMLSRHSFNALLKTLEEPPEHVKFLLATT
DPQKLPVTILSRCLQFHLKALDVEQIRHQLEHILNEEHIAHEPRALQLLARAAEGSLRDALSLTDQAIASGDGQVSTQAV
SAMLGTLDDDQALSLVEAMVEANGERVMALINEAAARGIEWEALLVEMLGLLHRIAMVQLSPAALGNDMAAIELRMRELA
RTIPPTDIQLYYQTLLIGRKELPYAPDRRMGVEMTLLRALAFHPRMPLPEPEVPRQ
;
B,C,D
3 'polypeptide(L)'
;GPHMRWYPWLRPDFEKLVASYQAGRGHHALLIQALPGMGDDALIYALSRYLLCQQPQGHKSCGHCRGCQLMQAGTHPDYY
TLAPEKGKNTLGVDAVREVTEKLNEHARLGGAKVVWVTDAALLTDAAANALLKTLEEPPAETWFFLATREPERLLATLRS
RCRLHYLAPPPEQYAVTWLSREVTMSQDALLAALRLSAGSPGAALALFQGDNWQARETLCQALAYSVPSGDWYSLLAALN
HEQAPARLHWLATLLMDALKRHHGAAQVTNVDVPGLVAELANHLSPSRLQAILGDVCHIREQLMSVTGINRELLITDLLL
RIEHYLQPGVVLPVPHL
;
E
4 'polypeptide(L)'
;GPHMKFTVEREHLLKPLQQVSGPLGGRPTLPILGNLLLQVADGTLSLTGTDLEMEMVARVALVQPHEPGATTVPARKFFD
ICRGLPEGAEIAVQLEGERMLVRSGRSRFSLSTLPAADFPNLDDWQSEVEFTLPQATMKRLIEATQFSMAHQDVRYYLNG
MLFETEGEELRTVATDGHRLAVCSMPIGQSLPSHSVIVPRKGVIELMRMLDGGDNPLRVQIGSNNIRAHVGDFIFTSKLV
DGRFPDYRRVLPKNPDKHLEAGCDLLKQAFARAAILSNEKFRGVRLYVSENQLKITANNPEQEEAEEILDVTYSGAEMEI
GFNVSYVLDVLNALKCENVRMMLTDSVSSVQIEDAASQSAAYVVMPMRL
;
F,G
#
# COMPACT_ATOMS: atom_id res chain seq x y z
N MET A 1 -16.49 51.76 1.04
CA MET A 1 -15.28 52.33 0.45
C MET A 1 -15.50 52.64 -1.02
N ILE A 2 -14.59 52.13 -1.84
CA ILE A 2 -14.67 52.22 -3.29
C ILE A 2 -14.59 50.80 -3.82
N ARG A 3 -15.73 50.23 -4.18
CA ARG A 3 -15.81 48.86 -4.69
C ARG A 3 -15.84 48.91 -6.21
N LEU A 4 -14.92 48.20 -6.84
CA LEU A 4 -14.72 48.29 -8.28
C LEU A 4 -14.53 46.91 -8.87
N TYR A 5 -14.45 46.88 -10.19
CA TYR A 5 -14.20 45.69 -11.00
C TYR A 5 -12.87 45.86 -11.72
N PRO A 6 -12.30 44.78 -12.27
CA PRO A 6 -11.02 44.90 -12.97
C PRO A 6 -11.03 45.94 -14.08
N GLU A 7 -12.17 46.13 -14.75
CA GLU A 7 -12.25 47.13 -15.82
C GLU A 7 -12.29 48.55 -15.29
N GLN A 8 -12.49 48.75 -13.99
CA GLN A 8 -12.55 50.09 -13.41
C GLN A 8 -11.31 50.45 -12.60
N LEU A 9 -10.55 49.46 -12.14
CA LEU A 9 -9.35 49.74 -11.35
C LEU A 9 -8.31 50.49 -12.17
N ARG A 10 -8.21 50.20 -13.46
CA ARG A 10 -7.23 50.91 -14.30
C ARG A 10 -7.51 52.40 -14.33
N ALA A 11 -8.79 52.77 -14.42
CA ALA A 11 -9.16 54.19 -14.38
C ALA A 11 -9.01 54.76 -12.98
N GLN A 12 -9.31 53.98 -11.95
CA GLN A 12 -9.21 54.47 -10.58
C GLN A 12 -7.77 54.75 -10.17
N LEU A 13 -6.82 53.93 -10.64
CA LEU A 13 -5.44 54.05 -10.19
C LEU A 13 -4.79 55.36 -10.61
N ASN A 14 -5.26 56.01 -11.66
CA ASN A 14 -4.71 57.28 -12.11
C ASN A 14 -5.27 58.47 -11.34
N GLU A 15 -6.23 58.24 -10.44
CA GLU A 15 -6.77 59.29 -9.60
C GLU A 15 -6.00 59.48 -8.30
N GLY A 16 -4.94 58.71 -8.09
CA GLY A 16 -4.18 58.80 -6.86
C GLY A 16 -4.27 57.54 -6.02
N LEU A 17 -3.13 56.96 -5.69
CA LEU A 17 -3.11 55.72 -4.90
C LEU A 17 -3.70 55.97 -3.53
N ARG A 18 -4.45 54.98 -3.03
CA ARG A 18 -5.10 55.06 -1.74
C ARG A 18 -4.23 54.41 -0.67
N ALA A 19 -4.74 54.40 0.56
CA ALA A 19 -3.97 53.82 1.66
C ALA A 19 -3.81 52.32 1.51
N ALA A 20 -4.86 51.62 1.07
CA ALA A 20 -4.80 50.17 0.95
C ALA A 20 -5.72 49.69 -0.15
N TYR A 21 -5.36 48.55 -0.73
CA TYR A 21 -6.14 47.90 -1.77
C TYR A 21 -6.44 46.47 -1.34
N LEU A 22 -7.70 46.06 -1.51
CA LEU A 22 -8.14 44.72 -1.14
C LEU A 22 -8.64 44.02 -2.40
N LEU A 23 -7.86 43.07 -2.90
CA LEU A 23 -8.21 42.31 -4.10
C LEU A 23 -8.91 41.04 -3.65
N LEU A 24 -10.24 40.99 -3.83
CA LEU A 24 -11.05 39.88 -3.36
C LEU A 24 -11.67 39.17 -4.56
N GLY A 25 -11.55 37.86 -4.59
CA GLY A 25 -12.14 37.08 -5.66
C GLY A 25 -11.56 35.69 -5.71
N ASN A 26 -12.25 34.83 -6.47
CA ASN A 26 -11.82 33.44 -6.65
C ASN A 26 -11.08 33.22 -7.97
N ASP A 27 -10.89 34.26 -8.76
CA ASP A 27 -10.24 34.11 -10.06
C ASP A 27 -8.77 34.47 -9.93
N PRO A 28 -7.85 33.52 -10.13
CA PRO A 28 -6.42 33.87 -10.04
C PRO A 28 -5.98 34.90 -11.07
N LEU A 29 -6.54 34.85 -12.28
CA LEU A 29 -6.09 35.76 -13.34
C LEU A 29 -6.46 37.20 -13.03
N LEU A 30 -7.71 37.44 -12.63
CA LEU A 30 -8.13 38.80 -12.33
C LEU A 30 -7.35 39.37 -11.17
N LEU A 31 -7.14 38.57 -10.13
CA LEU A 31 -6.33 39.02 -8.99
C LEU A 31 -4.91 39.34 -9.43
N GLN A 32 -4.30 38.47 -10.23
CA GLN A 32 -2.93 38.71 -10.68
C GLN A 32 -2.84 39.98 -11.51
N GLU A 33 -3.78 40.18 -12.44
CA GLU A 33 -3.74 41.36 -13.29
C GLU A 33 -3.96 42.64 -12.50
N SER A 34 -4.91 42.61 -11.56
CA SER A 34 -5.14 43.80 -10.74
C SER A 34 -3.93 44.12 -9.87
N GLN A 35 -3.31 43.09 -9.29
CA GLN A 35 -2.10 43.30 -8.49
C GLN A 35 -0.97 43.85 -9.34
N ASP A 36 -0.81 43.33 -10.55
CA ASP A 36 0.22 43.83 -11.46
C ASP A 36 -0.02 45.30 -11.80
N ALA A 37 -1.28 45.65 -12.08
CA ALA A 37 -1.59 47.04 -12.40
C ALA A 37 -1.30 47.96 -11.21
N VAL A 38 -1.69 47.53 -10.01
CA VAL A 38 -1.43 48.34 -8.81
C VAL A 38 0.07 48.53 -8.62
N ARG A 39 0.84 47.45 -8.80
CA ARG A 39 2.29 47.54 -8.65
C ARG A 39 2.91 48.45 -9.70
N GLN A 40 2.44 48.37 -10.94
CA GLN A 40 2.98 49.24 -11.99
C GLN A 40 2.70 50.70 -11.71
N VAL A 41 1.46 51.01 -11.28
CA VAL A 41 1.13 52.40 -10.94
C VAL A 41 1.96 52.87 -9.75
N ALA A 42 2.16 52.00 -8.77
CA ALA A 42 2.99 52.36 -7.62
C ALA A 42 4.42 52.64 -8.04
N ALA A 43 4.97 51.82 -8.94
CA ALA A 43 6.32 52.07 -9.44
C ALA A 43 6.40 53.38 -10.20
N ALA A 44 5.36 53.70 -10.96
CA ALA A 44 5.31 54.99 -11.64
C ALA A 44 5.29 56.14 -10.65
N GLN A 45 4.59 55.96 -9.53
CA GLN A 45 4.46 57.03 -8.53
C GLN A 45 5.55 57.01 -7.47
N GLY A 46 6.53 56.12 -7.58
CA GLY A 46 7.69 56.14 -6.70
C GLY A 46 7.88 54.92 -5.81
N PHE A 47 7.01 53.92 -5.85
CA PHE A 47 7.18 52.72 -5.05
C PHE A 47 8.14 51.78 -5.77
N GLU A 48 9.35 51.65 -5.25
CA GLU A 48 10.39 50.89 -5.95
C GLU A 48 10.31 49.40 -5.68
N GLU A 49 10.42 49.00 -4.42
CA GLU A 49 10.48 47.58 -4.07
C GLU A 49 9.16 47.12 -3.46
N HIS A 50 8.98 45.80 -3.44
CA HIS A 50 7.75 45.20 -2.95
C HIS A 50 8.09 43.97 -2.11
N HIS A 51 7.27 43.72 -1.10
CA HIS A 51 7.46 42.61 -0.19
C HIS A 51 6.21 41.73 -0.18
N THR A 52 6.41 40.41 -0.22
CA THR A 52 5.34 39.45 -0.31
C THR A 52 5.34 38.57 0.94
N PHE A 53 4.17 38.39 1.54
CA PHE A 53 4.02 37.54 2.73
C PHE A 53 2.73 36.76 2.63
N SER A 54 2.82 35.44 2.71
CA SER A 54 1.65 34.58 2.73
C SER A 54 1.20 34.39 4.17
N ILE A 55 -0.07 34.66 4.43
CA ILE A 55 -0.61 34.49 5.78
C ILE A 55 -0.78 33.00 6.09
N ASP A 56 -0.07 32.55 7.11
CA ASP A 56 0.01 31.17 7.56
C ASP A 56 -0.16 31.21 9.07
N PRO A 57 -0.69 30.13 9.68
CA PRO A 57 -0.70 30.07 11.15
C PRO A 57 0.66 30.34 11.79
N ASN A 58 1.73 30.27 11.02
CA ASN A 58 3.08 30.61 11.48
C ASN A 58 3.62 31.86 10.78
N THR A 59 2.75 32.85 10.59
CA THR A 59 3.16 34.09 9.95
C THR A 59 4.03 34.91 10.90
N ASP A 60 5.16 35.42 10.39
CA ASP A 60 6.05 36.26 11.18
C ASP A 60 5.48 37.67 11.24
N TRP A 61 4.46 37.83 12.09
CA TRP A 61 3.79 39.12 12.22
C TRP A 61 4.74 40.20 12.72
N ASN A 62 5.75 39.82 13.50
CA ASN A 62 6.73 40.80 13.93
C ASN A 62 7.53 41.34 12.77
N ALA A 63 7.90 40.48 11.81
CA ALA A 63 8.62 40.94 10.63
C ALA A 63 7.78 41.94 9.84
N ILE A 64 6.51 41.64 9.60
CA ILE A 64 5.66 42.52 8.82
C ILE A 64 5.36 43.81 9.58
N PHE A 65 5.13 43.71 10.88
CA PHE A 65 4.86 44.90 11.68
C PHE A 65 6.07 45.82 11.73
N SER A 66 7.26 45.25 11.92
CA SER A 66 8.47 46.03 11.79
C SER A 66 8.58 46.62 10.39
N LEU A 67 8.12 45.88 9.37
CA LEU A 67 8.13 46.38 8.01
C LEU A 67 7.25 47.62 7.86
N CYS A 68 6.16 47.69 8.63
CA CYS A 68 5.34 48.90 8.65
C CYS A 68 6.18 50.10 9.06
N GLN A 69 7.00 49.94 10.10
CA GLN A 69 7.92 50.98 10.53
C GLN A 69 9.34 50.75 10.02
N ALA A 70 9.54 49.80 9.13
CA ALA A 70 10.83 49.63 8.46
C ALA A 70 10.95 50.71 7.39
N MET A 71 11.89 51.62 7.57
CA MET A 71 12.15 52.67 6.60
C MET A 71 12.97 52.10 5.45
N SER A 72 13.53 52.97 4.63
CA SER A 72 14.27 52.50 3.46
C SER A 72 15.63 53.18 3.36
N LEU A 73 16.70 52.43 3.63
CA LEU A 73 18.03 53.00 3.59
C LEU A 73 18.39 53.50 2.20
N PHE A 74 18.47 52.59 1.24
CA PHE A 74 18.77 52.99 -0.14
C PHE A 74 17.49 53.25 -0.92
N ALA A 75 16.40 52.58 -0.58
CA ALA A 75 15.12 52.77 -1.25
C ALA A 75 14.43 54.00 -0.69
N SER A 76 13.29 54.37 -1.28
CA SER A 76 12.51 55.49 -0.76
C SER A 76 11.12 55.06 -0.31
N ARG A 77 10.34 54.47 -1.21
CA ARG A 77 8.98 54.05 -0.90
C ARG A 77 8.90 52.52 -0.89
N GLN A 78 7.76 51.99 -0.48
CA GLN A 78 7.62 50.54 -0.41
C GLN A 78 6.15 50.16 -0.39
N THR A 79 5.85 49.00 -0.96
CA THR A 79 4.55 48.37 -0.86
C THR A 79 4.64 47.19 0.11
N LEU A 80 3.52 46.49 0.30
CA LEU A 80 3.50 45.36 1.20
C LEU A 80 2.33 44.46 0.78
N LEU A 81 2.65 43.27 0.28
CA LEU A 81 1.65 42.36 -0.27
C LEU A 81 1.38 41.23 0.70
N LEU A 82 0.10 40.96 0.94
CA LEU A 82 -0.33 39.89 1.83
C LEU A 82 -1.20 38.91 1.04
N LEU A 83 -0.97 37.61 1.24
CA LEU A 83 -1.68 36.56 0.53
C LEU A 83 -2.59 35.82 1.50
N LEU A 84 -3.89 36.16 1.47
CA LEU A 84 -4.83 35.58 2.40
C LEU A 84 -5.03 34.09 2.13
N PRO A 85 -5.32 33.30 3.17
CA PRO A 85 -5.59 31.88 2.96
C PRO A 85 -6.90 31.67 2.20
N GLU A 86 -7.11 30.41 1.80
CA GLU A 86 -8.30 30.08 1.02
C GLU A 86 -9.58 30.24 1.83
N ASN A 87 -9.51 30.16 3.15
CA ASN A 87 -10.68 30.30 4.01
C ASN A 87 -10.80 31.69 4.61
N GLY A 88 -9.90 32.61 4.29
CA GLY A 88 -9.97 33.95 4.80
C GLY A 88 -9.39 34.08 6.20
N PRO A 89 -9.54 35.25 6.80
CA PRO A 89 -8.97 35.50 8.12
C PRO A 89 -9.81 34.90 9.24
N ASN A 90 -9.20 34.82 10.42
CA ASN A 90 -9.90 34.47 11.65
C ASN A 90 -9.61 35.52 12.71
N ALA A 91 -9.94 35.22 13.97
CA ALA A 91 -9.78 36.20 15.05
C ALA A 91 -8.36 36.73 15.12
N ALA A 92 -7.37 35.84 15.15
CA ALA A 92 -5.98 36.27 15.31
C ALA A 92 -5.50 37.06 14.09
N ILE A 93 -5.73 36.53 12.89
CA ILE A 93 -5.30 37.21 11.68
C ILE A 93 -6.04 38.54 11.53
N ASN A 94 -7.31 38.61 11.91
CA ASN A 94 -8.03 39.87 11.77
C ASN A 94 -7.55 40.90 12.79
N GLU A 95 -7.17 40.47 13.99
CA GLU A 95 -6.57 41.40 14.95
C GLU A 95 -5.23 41.91 14.44
N GLN A 96 -4.42 41.02 13.87
CA GLN A 96 -3.15 41.45 13.29
C GLN A 96 -3.37 42.44 12.16
N LEU A 97 -4.37 42.19 11.32
CA LEU A 97 -4.69 43.10 10.24
C LEU A 97 -5.21 44.44 10.76
N LEU A 98 -5.96 44.43 11.86
CA LEU A 98 -6.39 45.68 12.47
C LEU A 98 -5.19 46.50 12.95
N THR A 99 -4.22 45.83 13.60
CA THR A 99 -3.02 46.53 14.01
C THR A 99 -2.26 47.08 12.81
N LEU A 100 -2.13 46.27 11.75
CA LEU A 100 -1.46 46.73 10.53
C LEU A 100 -2.17 47.94 9.95
N THR A 101 -3.52 47.92 9.94
CA THR A 101 -4.28 49.06 9.47
C THR A 101 -3.99 50.29 10.31
N GLY A 102 -3.87 50.12 11.63
CA GLY A 102 -3.41 51.20 12.47
C GLY A 102 -1.99 51.65 12.18
N LEU A 103 -1.21 50.80 11.51
CA LEU A 103 0.17 51.11 11.18
C LEU A 103 0.36 51.71 9.79
N LEU A 104 -0.70 51.92 9.03
CA LEU A 104 -0.59 52.55 7.72
C LEU A 104 -0.10 53.99 7.84
N HIS A 105 0.57 54.46 6.80
CA HIS A 105 1.03 55.85 6.75
C HIS A 105 1.08 56.30 5.29
N ASP A 106 1.82 57.38 5.02
CA ASP A 106 1.94 57.89 3.66
C ASP A 106 2.44 56.82 2.70
N ASP A 107 3.43 56.04 3.13
CA ASP A 107 3.91 54.88 2.40
C ASP A 107 3.07 53.67 2.79
N LEU A 108 3.59 52.46 2.56
CA LEU A 108 2.85 51.23 2.82
C LEU A 108 1.63 51.12 1.93
N LEU A 109 1.83 50.97 0.63
CA LEU A 109 0.71 50.68 -0.26
C LEU A 109 0.24 49.26 0.00
N LEU A 110 -0.46 49.06 1.11
CA LEU A 110 -0.88 47.73 1.52
C LEU A 110 -1.76 47.08 0.46
N ILE A 111 -1.36 45.90 0.01
CA ILE A 111 -2.09 45.13 -0.98
C ILE A 111 -2.50 43.81 -0.34
N VAL A 112 -3.78 43.46 -0.48
CA VAL A 112 -4.35 42.27 0.14
C VAL A 112 -4.95 41.41 -0.96
N ARG A 113 -4.54 40.15 -1.03
CA ARG A 113 -4.96 39.24 -2.09
C ARG A 113 -5.50 37.96 -1.47
N GLY A 114 -6.57 37.45 -2.03
CA GLY A 114 -7.17 36.22 -1.53
C GLY A 114 -8.54 36.00 -2.14
N ASN A 115 -9.31 35.12 -1.50
CA ASN A 115 -10.66 34.81 -1.92
C ASN A 115 -11.66 35.70 -1.19
N LYS A 116 -12.85 35.83 -1.77
CA LYS A 116 -13.87 36.72 -1.22
C LYS A 116 -14.23 36.32 0.20
N LEU A 117 -14.31 37.31 1.08
CA LEU A 117 -14.63 37.09 2.48
C LEU A 117 -16.15 36.98 2.67
N SER A 118 -16.54 36.32 3.75
CA SER A 118 -17.94 36.10 4.05
C SER A 118 -18.54 37.32 4.74
N LYS A 119 -19.85 37.25 5.01
CA LYS A 119 -20.53 38.33 5.70
C LYS A 119 -20.01 38.48 7.12
N ALA A 120 -19.71 37.37 7.79
CA ALA A 120 -19.14 37.43 9.13
C ALA A 120 -17.76 38.08 9.10
N GLN A 121 -16.92 37.69 8.14
CA GLN A 121 -15.63 38.35 7.97
C GLN A 121 -15.81 39.79 7.50
N GLU A 122 -16.91 40.07 6.81
CA GLU A 122 -17.21 41.44 6.40
C GLU A 122 -17.38 42.36 7.60
N ASN A 123 -18.07 41.88 8.63
CA ASN A 123 -18.31 42.67 9.84
C ASN A 123 -17.19 42.43 10.84
N ALA A 124 -16.04 43.05 10.56
CA ALA A 124 -14.85 42.89 11.38
C ALA A 124 -14.17 44.23 11.61
N ALA A 125 -13.41 44.31 12.70
CA ALA A 125 -12.78 45.56 13.09
C ALA A 125 -11.75 46.02 12.06
N TRP A 126 -10.93 45.10 11.56
CA TRP A 126 -9.91 45.47 10.58
C TRP A 126 -10.56 46.01 9.32
N PHE A 127 -11.63 45.38 8.86
CA PHE A 127 -12.30 45.80 7.64
C PHE A 127 -12.86 47.21 7.79
N THR A 128 -13.43 47.52 8.95
CA THR A 128 -13.96 48.85 9.19
C THR A 128 -12.85 49.88 9.39
N ALA A 129 -11.68 49.43 9.85
CA ALA A 129 -10.59 50.35 10.14
C ALA A 129 -10.09 51.06 8.88
N LEU A 130 -10.03 50.35 7.75
CA LEU A 130 -9.63 50.95 6.49
C LEU A 130 -10.83 51.25 5.60
N ALA A 131 -12.03 51.31 6.18
CA ALA A 131 -13.27 51.44 5.43
C ALA A 131 -13.53 52.84 4.90
N ASN A 132 -12.59 53.77 5.06
CA ASN A 132 -12.79 55.13 4.60
C ASN A 132 -12.20 55.42 3.24
N ARG A 133 -10.99 54.91 2.96
CA ARG A 133 -10.26 55.29 1.76
C ARG A 133 -9.69 54.11 0.98
N SER A 134 -9.77 52.89 1.50
CA SER A 134 -9.25 51.74 0.78
C SER A 134 -10.08 51.46 -0.47
N VAL A 135 -9.47 50.77 -1.42
CA VAL A 135 -10.12 50.41 -2.68
C VAL A 135 -10.26 48.89 -2.71
N GLN A 136 -11.50 48.41 -2.81
CA GLN A 136 -11.76 46.98 -2.91
C GLN A 136 -12.09 46.63 -4.35
N VAL A 137 -11.47 45.58 -4.86
CA VAL A 137 -11.64 45.14 -6.25
C VAL A 137 -12.18 43.73 -6.24
N THR A 138 -13.37 43.55 -6.81
CA THR A 138 -13.98 42.22 -6.91
C THR A 138 -13.41 41.50 -8.13
N CYS A 139 -12.90 40.29 -7.92
CA CYS A 139 -12.22 39.52 -8.95
C CYS A 139 -12.78 38.10 -9.03
N GLN A 140 -14.11 37.99 -9.06
CA GLN A 140 -14.73 36.69 -9.17
C GLN A 140 -14.76 36.22 -10.63
N THR A 141 -14.73 34.91 -10.80
CA THR A 141 -14.72 34.31 -12.14
C THR A 141 -16.08 34.51 -12.80
N PRO A 142 -16.12 35.02 -14.04
CA PRO A 142 -17.39 35.06 -14.77
C PRO A 142 -17.94 33.66 -14.96
N GLU A 143 -19.27 33.55 -14.85
CA GLU A 143 -19.93 32.27 -14.91
C GLU A 143 -20.24 31.90 -16.36
N GLN A 144 -21.04 30.84 -16.55
CA GLN A 144 -21.32 30.36 -17.90
C GLN A 144 -22.06 31.41 -18.73
N ALA A 145 -23.00 32.12 -18.11
CA ALA A 145 -23.82 33.07 -18.86
C ALA A 145 -22.99 34.22 -19.40
N GLN A 146 -22.07 34.75 -18.59
CA GLN A 146 -21.34 35.96 -18.95
C GLN A 146 -19.95 35.69 -19.52
N LEU A 147 -19.54 34.43 -19.62
CA LEU A 147 -18.21 34.13 -20.13
C LEU A 147 -18.01 34.54 -21.59
N PRO A 148 -18.93 34.26 -22.53
CA PRO A 148 -18.69 34.71 -23.91
C PRO A 148 -18.53 36.22 -24.04
N ARG A 149 -19.33 37.00 -23.32
CA ARG A 149 -19.17 38.44 -23.36
C ARG A 149 -17.80 38.86 -22.83
N TRP A 150 -17.37 38.22 -21.73
CA TRP A 150 -16.08 38.57 -21.14
C TRP A 150 -14.93 38.24 -22.07
N VAL A 151 -14.96 37.08 -22.70
CA VAL A 151 -13.85 36.71 -23.60
C VAL A 151 -13.87 37.60 -24.83
N ALA A 152 -15.05 37.95 -25.34
CA ALA A 152 -15.10 38.89 -26.46
C ALA A 152 -14.54 40.24 -26.07
N ALA A 153 -14.88 40.73 -24.88
CA ALA A 153 -14.37 42.01 -24.42
C ALA A 153 -12.85 41.98 -24.28
N ARG A 154 -12.31 40.89 -23.73
CA ARG A 154 -10.86 40.79 -23.60
C ARG A 154 -10.19 40.69 -24.95
N ALA A 155 -10.79 39.98 -25.89
CA ALA A 155 -10.24 39.90 -27.25
C ALA A 155 -10.20 41.27 -27.90
N LYS A 156 -11.26 42.07 -27.71
CA LYS A 156 -11.24 43.45 -28.17
C LYS A 156 -10.14 44.25 -27.48
N GLN A 157 -9.95 44.01 -26.18
CA GLN A 157 -8.88 44.68 -25.44
C GLN A 157 -7.52 44.28 -25.98
N LEU A 158 -7.34 43.01 -26.33
CA LEU A 158 -6.08 42.51 -26.85
C LEU A 158 -5.93 42.71 -28.35
N ASN A 159 -6.79 43.52 -28.96
CA ASN A 159 -6.76 43.78 -30.40
C ASN A 159 -6.88 42.49 -31.21
N LEU A 160 -7.78 41.61 -30.78
CA LEU A 160 -8.03 40.34 -31.45
C LEU A 160 -9.50 40.25 -31.84
N GLU A 161 -9.76 39.94 -33.10
CA GLU A 161 -11.11 39.76 -33.60
C GLU A 161 -11.52 38.31 -33.42
N LEU A 162 -12.62 38.07 -32.73
CA LEU A 162 -13.09 36.72 -32.42
C LEU A 162 -14.51 36.54 -32.94
N ASP A 163 -14.82 35.31 -33.34
CA ASP A 163 -16.15 34.95 -33.82
C ASP A 163 -16.98 34.38 -32.67
N ASP A 164 -18.28 34.24 -32.93
CA ASP A 164 -19.16 33.63 -31.94
C ASP A 164 -18.79 32.17 -31.71
N ALA A 165 -18.49 31.44 -32.78
CA ALA A 165 -18.10 30.04 -32.63
C ALA A 165 -16.80 29.91 -31.85
N ALA A 166 -15.81 30.76 -32.16
CA ALA A 166 -14.56 30.72 -31.42
C ALA A 166 -14.76 31.10 -29.96
N ASN A 167 -15.63 32.09 -29.70
CA ASN A 167 -15.93 32.45 -28.32
C ASN A 167 -16.55 31.28 -27.57
N GLN A 168 -17.51 30.58 -28.21
CA GLN A 168 -18.13 29.44 -27.57
C GLN A 168 -17.12 28.34 -27.31
N VAL A 169 -16.23 28.09 -28.26
CA VAL A 169 -15.24 27.03 -28.10
C VAL A 169 -14.27 27.37 -26.96
N LEU A 170 -13.82 28.63 -26.90
CA LEU A 170 -12.91 29.02 -25.83
C LEU A 170 -13.60 28.97 -24.47
N CYS A 171 -14.88 29.34 -24.41
CA CYS A 171 -15.61 29.21 -23.16
C CYS A 171 -15.80 27.75 -22.76
N TYR A 172 -15.99 26.87 -23.74
CA TYR A 172 -16.20 25.46 -23.46
C TYR A 172 -14.92 24.79 -22.96
N CYS A 173 -13.80 25.04 -23.65
CA CYS A 173 -12.57 24.33 -23.33
C CYS A 173 -11.88 24.86 -22.07
N TYR A 174 -12.07 26.13 -21.74
CA TYR A 174 -11.33 26.76 -20.64
C TYR A 174 -12.28 27.39 -19.64
N GLU A 175 -13.42 26.75 -19.39
CA GLU A 175 -14.34 27.27 -18.39
C GLU A 175 -13.74 27.11 -17.00
N GLY A 176 -13.76 28.19 -16.22
CA GLY A 176 -13.15 28.16 -14.91
C GLY A 176 -11.64 28.15 -14.91
N ASN A 177 -11.02 28.35 -16.08
CA ASN A 177 -9.58 28.30 -16.25
C ASN A 177 -9.10 29.49 -17.07
N LEU A 178 -9.56 30.68 -16.68
CA LEU A 178 -9.28 31.89 -17.44
C LEU A 178 -7.81 32.22 -17.53
N LEU A 179 -6.97 31.71 -16.63
CA LEU A 179 -5.53 31.82 -16.82
C LEU A 179 -5.12 31.14 -18.12
N ALA A 180 -5.56 29.89 -18.31
CA ALA A 180 -5.31 29.21 -19.56
C ALA A 180 -6.02 29.89 -20.73
N LEU A 181 -7.16 30.54 -20.48
CA LEU A 181 -7.84 31.23 -21.56
C LEU A 181 -7.03 32.41 -22.06
N ALA A 182 -6.48 33.21 -21.15
CA ALA A 182 -5.63 34.33 -21.57
C ALA A 182 -4.36 33.83 -22.21
N GLN A 183 -3.78 32.74 -21.70
CA GLN A 183 -2.61 32.17 -22.35
C GLN A 183 -2.95 31.70 -23.76
N ALA A 184 -4.13 31.13 -23.96
CA ALA A 184 -4.55 30.71 -25.29
C ALA A 184 -4.76 31.90 -26.20
N LEU A 185 -5.33 32.98 -25.69
CA LEU A 185 -5.49 34.19 -26.51
C LEU A 185 -4.14 34.74 -26.92
N GLU A 186 -3.18 34.77 -25.99
CA GLU A 186 -1.84 35.24 -26.32
C GLU A 186 -1.17 34.32 -27.35
N ARG A 187 -1.35 33.01 -27.19
CA ARG A 187 -0.78 32.06 -28.14
C ARG A 187 -1.37 32.25 -29.53
N LEU A 188 -2.69 32.47 -29.61
CA LEU A 188 -3.33 32.66 -30.89
C LEU A 188 -2.90 33.98 -31.54
N SER A 189 -2.73 35.02 -30.73
CA SER A 189 -2.21 36.29 -31.26
C SER A 189 -0.80 36.11 -31.79
N LEU A 190 0.04 35.35 -31.07
CA LEU A 190 1.42 35.15 -31.51
C LEU A 190 1.47 34.32 -32.79
N LEU A 191 0.72 33.21 -32.83
CA LEU A 191 0.74 32.34 -34.00
C LEU A 191 0.19 33.05 -35.24
N TRP A 192 -0.91 33.79 -35.07
CA TRP A 192 -1.52 34.52 -36.18
C TRP A 192 -1.48 36.00 -35.88
N PRO A 193 -0.51 36.74 -36.43
CA PRO A 193 -0.53 38.21 -36.28
C PRO A 193 -1.70 38.87 -36.98
N ASP A 194 -2.40 38.15 -37.86
CA ASP A 194 -3.54 38.73 -38.57
C ASP A 194 -4.62 39.18 -37.58
N GLY A 195 -4.90 38.36 -36.57
CA GLY A 195 -5.88 38.70 -35.56
C GLY A 195 -7.27 38.17 -35.81
N LYS A 196 -7.59 37.80 -37.05
CA LYS A 196 -8.90 37.24 -37.38
C LYS A 196 -8.87 35.76 -37.05
N LEU A 197 -9.21 35.44 -35.80
CA LEU A 197 -9.17 34.05 -35.32
C LEU A 197 -10.48 33.37 -35.74
N THR A 198 -10.45 32.71 -36.89
CA THR A 198 -11.59 31.95 -37.35
C THR A 198 -11.76 30.70 -36.50
N LEU A 199 -12.85 29.98 -36.75
CA LEU A 199 -13.10 28.73 -36.04
C LEU A 199 -11.97 27.71 -36.25
N PRO A 200 -11.55 27.39 -37.48
CA PRO A 200 -10.43 26.45 -37.63
C PRO A 200 -9.15 26.94 -36.99
N ARG A 201 -8.92 28.26 -36.95
CA ARG A 201 -7.70 28.79 -36.38
C ARG A 201 -7.62 28.60 -34.87
N VAL A 202 -8.75 28.41 -34.20
CA VAL A 202 -8.74 28.23 -32.75
C VAL A 202 -8.97 26.75 -32.43
N GLU A 203 -9.59 26.01 -33.35
CA GLU A 203 -9.79 24.58 -33.12
C GLU A 203 -8.48 23.82 -33.01
N GLN A 204 -7.41 24.31 -33.61
CA GLN A 204 -6.15 23.59 -33.68
C GLN A 204 -5.15 24.02 -32.60
N ALA A 205 -5.56 24.91 -31.69
CA ALA A 205 -4.60 25.42 -30.72
C ALA A 205 -5.19 25.48 -29.31
N VAL A 206 -6.20 24.68 -28.99
CA VAL A 206 -6.78 24.67 -27.67
C VAL A 206 -6.81 23.24 -27.15
N ASN A 207 -6.79 23.11 -25.83
CA ASN A 207 -6.87 21.80 -25.19
C ASN A 207 -7.86 21.89 -24.05
N ASP A 208 -8.46 20.74 -23.71
CA ASP A 208 -9.52 20.67 -22.71
C ASP A 208 -8.88 20.80 -21.33
N ALA A 209 -8.74 22.04 -20.87
CA ALA A 209 -8.16 22.33 -19.56
C ALA A 209 -9.17 22.91 -18.59
N ALA A 210 -10.47 22.80 -18.90
CA ALA A 210 -11.49 23.40 -18.05
C ALA A 210 -11.55 22.70 -16.70
N HIS A 211 -11.87 23.47 -15.66
CA HIS A 211 -12.01 22.96 -14.31
C HIS A 211 -13.42 23.22 -13.81
N PHE A 212 -14.04 22.20 -13.25
CA PHE A 212 -15.41 22.28 -12.77
C PHE A 212 -15.49 21.81 -11.33
N THR A 213 -16.54 22.24 -10.65
CA THR A 213 -16.92 21.76 -9.34
C THR A 213 -18.16 20.88 -9.45
N PRO A 214 -18.45 20.07 -8.43
CA PRO A 214 -19.67 19.24 -8.49
C PRO A 214 -20.94 20.05 -8.71
N PHE A 215 -20.99 21.27 -8.21
CA PHE A 215 -22.18 22.10 -8.40
C PHE A 215 -22.38 22.44 -9.86
N HIS A 216 -21.29 22.58 -10.63
CA HIS A 216 -21.43 22.78 -12.07
C HIS A 216 -22.16 21.61 -12.72
N TRP A 217 -21.78 20.38 -12.35
CA TRP A 217 -22.45 19.20 -12.89
C TRP A 217 -23.90 19.13 -12.43
N VAL A 218 -24.17 19.49 -11.17
CA VAL A 218 -25.55 19.47 -10.68
C VAL A 218 -26.40 20.44 -11.49
N ASP A 219 -25.88 21.64 -11.73
CA ASP A 219 -26.62 22.63 -12.52
C ASP A 219 -26.79 22.17 -13.96
N ALA A 220 -25.78 21.50 -14.51
CA ALA A 220 -25.91 20.97 -15.87
C ALA A 220 -27.00 19.93 -15.95
N LEU A 221 -27.10 19.07 -14.93
CA LEU A 221 -28.18 18.09 -14.88
C LEU A 221 -29.54 18.78 -14.77
N LEU A 222 -29.64 19.79 -13.91
CA LEU A 222 -30.91 20.48 -13.72
C LEU A 222 -31.34 21.17 -15.00
N MET A 223 -30.41 21.79 -15.71
CA MET A 223 -30.74 22.42 -16.99
C MET A 223 -31.03 21.40 -18.08
N GLY A 224 -30.55 20.17 -17.93
CA GLY A 224 -30.81 19.13 -18.91
C GLY A 224 -29.80 19.03 -20.03
N LYS A 225 -28.69 19.74 -19.95
CA LYS A 225 -27.66 19.69 -20.99
C LYS A 225 -26.84 18.42 -20.80
N SER A 226 -27.20 17.37 -21.53
CA SER A 226 -26.51 16.09 -21.38
C SER A 226 -25.05 16.20 -21.80
N LYS A 227 -24.78 16.89 -22.92
CA LYS A 227 -23.41 17.02 -23.39
C LYS A 227 -22.54 17.76 -22.39
N ARG A 228 -23.06 18.87 -21.85
CA ARG A 228 -22.30 19.63 -20.86
C ARG A 228 -22.07 18.80 -19.61
N ALA A 229 -23.07 18.04 -19.18
CA ALA A 229 -22.92 17.18 -18.01
C ALA A 229 -21.81 16.14 -18.23
N LEU A 230 -21.82 15.48 -19.40
CA LEU A 230 -20.79 14.49 -19.68
C LEU A 230 -19.40 15.12 -19.75
N HIS A 231 -19.32 16.32 -20.34
CA HIS A 231 -18.05 17.03 -20.37
C HIS A 231 -17.54 17.34 -18.96
N ILE A 232 -18.45 17.77 -18.08
CA ILE A 232 -18.08 18.05 -16.70
C ILE A 232 -17.60 16.78 -16.00
N LEU A 233 -18.28 15.66 -16.23
CA LEU A 233 -17.84 14.40 -15.65
C LEU A 233 -16.44 14.03 -16.13
N GLN A 234 -16.19 14.18 -17.43
CA GLN A 234 -14.86 13.87 -17.95
C GLN A 234 -13.80 14.75 -17.30
N GLN A 235 -14.08 16.05 -17.19
CA GLN A 235 -13.10 16.96 -16.61
C GLN A 235 -12.85 16.64 -15.14
N LEU A 236 -13.92 16.33 -14.40
CA LEU A 236 -13.76 15.99 -12.99
C LEU A 236 -12.98 14.69 -12.82
N ARG A 237 -13.21 13.70 -13.69
CA ARG A 237 -12.48 12.45 -13.59
C ARG A 237 -11.00 12.63 -13.94
N LEU A 238 -10.70 13.38 -15.00
CA LEU A 238 -9.30 13.66 -15.33
C LEU A 238 -8.63 14.43 -14.22
N GLU A 239 -9.34 15.37 -13.59
CA GLU A 239 -8.79 16.09 -12.45
C GLU A 239 -8.55 15.17 -11.25
N GLY A 240 -9.19 14.01 -11.21
CA GLY A 240 -9.01 13.10 -10.10
C GLY A 240 -9.94 13.36 -8.92
N SER A 241 -11.05 14.04 -9.13
CA SER A 241 -12.00 14.29 -8.05
C SER A 241 -12.59 12.99 -7.55
N GLU A 242 -12.77 12.90 -6.23
CA GLU A 242 -13.36 11.71 -5.66
C GLU A 242 -14.84 11.64 -6.01
N PRO A 243 -15.33 10.54 -6.56
CA PRO A 243 -16.74 10.45 -6.94
C PRO A 243 -17.70 10.50 -5.77
N VAL A 244 -17.22 10.28 -4.55
CA VAL A 244 -18.11 10.25 -3.39
C VAL A 244 -18.76 11.61 -3.19
N ILE A 245 -18.01 12.70 -3.35
CA ILE A 245 -18.57 14.03 -3.15
C ILE A 245 -19.59 14.36 -4.24
N LEU A 246 -19.33 13.92 -5.47
CA LEU A 246 -20.33 14.08 -6.53
C LEU A 246 -21.61 13.37 -6.15
N LEU A 247 -21.49 12.14 -5.66
CA LEU A 247 -22.68 11.38 -5.26
C LEU A 247 -23.39 12.07 -4.09
N ARG A 248 -22.64 12.69 -3.18
CA ARG A 248 -23.26 13.34 -2.03
C ARG A 248 -24.07 14.57 -2.45
N THR A 249 -23.48 15.45 -3.26
CA THR A 249 -24.22 16.62 -3.71
C THR A 249 -25.42 16.21 -4.57
N LEU A 250 -25.24 15.19 -5.41
CA LEU A 250 -26.33 14.66 -6.19
C LEU A 250 -27.46 14.17 -5.30
N GLN A 251 -27.11 13.42 -4.25
CA GLN A 251 -28.12 12.90 -3.33
C GLN A 251 -28.87 14.03 -2.65
N ARG A 252 -28.14 15.03 -2.16
CA ARG A 252 -28.79 16.12 -1.42
C ARG A 252 -29.79 16.86 -2.30
N GLU A 253 -29.33 17.32 -3.47
CA GLU A 253 -30.22 18.11 -4.30
C GLU A 253 -31.31 17.25 -4.95
N LEU A 254 -31.05 15.96 -5.19
CA LEU A 254 -32.07 15.09 -5.76
C LEU A 254 -33.15 14.79 -4.74
N LEU A 255 -32.78 14.59 -3.47
CA LEU A 255 -33.80 14.43 -2.44
C LEU A 255 -34.64 15.68 -2.29
N LEU A 256 -34.00 16.85 -2.32
CA LEU A 256 -34.77 18.09 -2.27
C LEU A 256 -35.73 18.18 -3.46
N LEU A 257 -35.26 17.83 -4.65
CA LEU A 257 -36.10 17.89 -5.84
C LEU A 257 -37.25 16.89 -5.78
N VAL A 258 -37.00 15.69 -5.22
CA VAL A 258 -38.07 14.71 -5.07
C VAL A 258 -39.13 15.23 -4.11
N ASN A 259 -38.71 15.83 -3.00
CA ASN A 259 -39.68 16.45 -2.09
C ASN A 259 -40.50 17.51 -2.81
N LEU A 260 -39.84 18.35 -3.61
CA LEU A 260 -40.54 19.41 -4.32
C LEU A 260 -41.55 18.83 -5.31
N LYS A 261 -41.14 17.82 -6.08
CA LYS A 261 -42.04 17.22 -7.06
C LYS A 261 -43.22 16.54 -6.38
N ARG A 262 -42.98 15.90 -5.23
CA ARG A 262 -44.08 15.28 -4.49
C ARG A 262 -45.06 16.33 -3.99
N GLN A 263 -44.56 17.45 -3.49
CA GLN A 263 -45.42 18.48 -2.94
C GLN A 263 -45.95 19.46 -3.99
N SER A 264 -45.57 19.28 -5.25
CA SER A 264 -46.01 20.22 -6.29
C SER A 264 -47.52 20.19 -6.47
N ALA A 265 -48.12 19.00 -6.43
CA ALA A 265 -49.57 18.88 -6.59
C ALA A 265 -50.34 19.43 -5.40
N HIS A 266 -49.67 19.74 -4.30
CA HIS A 266 -50.31 20.27 -3.10
C HIS A 266 -50.13 21.78 -2.96
N THR A 267 -48.90 22.27 -3.10
CA THR A 267 -48.56 23.67 -2.89
C THR A 267 -47.88 24.23 -4.13
N PRO A 268 -48.17 25.48 -4.52
CA PRO A 268 -47.50 26.06 -5.68
C PRO A 268 -45.99 26.13 -5.49
N LEU A 269 -45.29 26.22 -6.64
CA LEU A 269 -43.84 26.12 -6.62
C LEU A 269 -43.19 27.25 -5.84
N ARG A 270 -43.80 28.44 -5.83
CA ARG A 270 -43.20 29.57 -5.14
C ARG A 270 -43.08 29.32 -3.64
N ALA A 271 -44.18 28.92 -3.00
CA ALA A 271 -44.14 28.67 -1.57
C ALA A 271 -43.27 27.47 -1.23
N LEU A 272 -43.26 26.44 -2.09
CA LEU A 272 -42.40 25.29 -1.86
C LEU A 272 -40.92 25.69 -1.91
N PHE A 273 -40.55 26.50 -2.90
CA PHE A 273 -39.18 27.01 -2.96
C PHE A 273 -38.85 27.85 -1.73
N ASP A 274 -39.79 28.70 -1.30
CA ASP A 274 -39.55 29.55 -0.15
C ASP A 274 -39.33 28.74 1.12
N LYS A 275 -40.15 27.70 1.33
CA LYS A 275 -40.05 26.90 2.54
C LYS A 275 -38.73 26.12 2.58
N HIS A 276 -38.28 25.63 1.43
CA HIS A 276 -37.07 24.81 1.35
C HIS A 276 -35.80 25.65 1.20
N ARG A 277 -35.91 26.98 1.29
CA ARG A 277 -34.75 27.88 1.30
C ARG A 277 -33.96 27.76 0.01
N VAL A 278 -34.63 27.98 -1.12
CA VAL A 278 -34.00 27.87 -2.43
C VAL A 278 -33.54 29.25 -2.88
N TRP A 279 -32.28 29.34 -3.30
CA TRP A 279 -31.72 30.61 -3.74
C TRP A 279 -32.40 31.10 -5.01
N GLN A 280 -32.52 32.43 -5.12
CA GLN A 280 -33.28 33.03 -6.21
C GLN A 280 -32.68 32.73 -7.58
N ASN A 281 -31.36 32.73 -7.68
CA ASN A 281 -30.72 32.54 -8.98
C ASN A 281 -30.97 31.15 -9.57
N ARG A 282 -31.27 30.16 -8.74
CA ARG A 282 -31.49 28.80 -9.20
C ARG A 282 -32.94 28.36 -9.14
N ARG A 283 -33.85 29.24 -8.70
CA ARG A 283 -35.26 28.85 -8.61
C ARG A 283 -35.84 28.53 -9.97
N GLY A 284 -35.52 29.35 -10.98
CA GLY A 284 -36.02 29.07 -12.32
C GLY A 284 -35.47 27.76 -12.88
N MET A 285 -34.18 27.52 -12.66
CA MET A 285 -33.56 26.26 -13.12
C MET A 285 -34.22 25.06 -12.46
N MET A 286 -34.45 25.14 -11.14
CA MET A 286 -35.05 24.02 -10.44
C MET A 286 -36.51 23.84 -10.80
N GLY A 287 -37.24 24.93 -11.06
CA GLY A 287 -38.60 24.79 -11.55
C GLY A 287 -38.65 24.15 -12.92
N GLU A 288 -37.71 24.52 -13.80
CA GLU A 288 -37.63 23.87 -15.10
C GLU A 288 -37.32 22.38 -14.95
N ALA A 289 -36.43 22.04 -14.03
CA ALA A 289 -36.13 20.63 -13.79
C ALA A 289 -37.35 19.88 -13.28
N LEU A 290 -38.10 20.49 -12.36
CA LEU A 290 -39.31 19.86 -11.84
C LEU A 290 -40.34 19.66 -12.95
N ASN A 291 -40.49 20.64 -13.82
CA ASN A 291 -41.42 20.52 -14.94
C ASN A 291 -40.99 19.42 -15.90
N ARG A 292 -39.70 19.32 -16.20
CA ARG A 292 -39.23 18.35 -17.17
C ARG A 292 -39.22 16.93 -16.58
N LEU A 293 -38.83 16.79 -15.32
CA LEU A 293 -38.64 15.47 -14.73
C LEU A 293 -39.98 14.91 -14.22
N SER A 294 -40.23 13.65 -14.54
CA SER A 294 -41.41 12.95 -14.05
C SER A 294 -41.08 12.19 -12.77
N GLN A 295 -42.15 11.74 -12.09
CA GLN A 295 -41.95 10.96 -10.87
C GLN A 295 -41.25 9.64 -11.16
N THR A 296 -41.56 9.01 -12.29
CA THR A 296 -40.88 7.78 -12.68
C THR A 296 -39.40 8.03 -12.91
N GLN A 297 -39.05 9.13 -13.57
CA GLN A 297 -37.65 9.46 -13.78
C GLN A 297 -36.95 9.71 -12.46
N LEU A 298 -37.62 10.37 -11.51
CA LEU A 298 -37.03 10.60 -10.20
C LEU A 298 -36.79 9.28 -9.46
N ARG A 299 -37.75 8.36 -9.53
CA ARG A 299 -37.57 7.07 -8.87
C ARG A 299 -36.41 6.30 -9.50
N GLN A 300 -36.31 6.32 -10.83
CA GLN A 300 -35.20 5.63 -11.49
C GLN A 300 -33.86 6.27 -11.13
N ALA A 301 -33.83 7.60 -11.04
CA ALA A 301 -32.60 8.28 -10.64
C ALA A 301 -32.20 7.90 -9.22
N VAL A 302 -33.16 7.85 -8.30
CA VAL A 302 -32.87 7.44 -6.93
C VAL A 302 -32.35 6.00 -6.91
N GLN A 303 -32.97 5.13 -7.69
CA GLN A 303 -32.52 3.73 -7.75
C GLN A 303 -31.08 3.64 -8.25
N LEU A 304 -30.77 4.36 -9.32
CA LEU A 304 -29.42 4.29 -9.89
C LEU A 304 -28.41 4.89 -8.93
N LEU A 305 -28.76 5.99 -8.26
CA LEU A 305 -27.86 6.59 -7.28
C LEU A 305 -27.61 5.64 -6.11
N THR A 306 -28.66 4.96 -5.65
CA THR A 306 -28.50 4.00 -4.57
C THR A 306 -27.59 2.85 -4.98
N ARG A 307 -27.78 2.33 -6.19
CA ARG A 307 -26.91 1.26 -6.68
C ARG A 307 -25.47 1.73 -6.77
N THR A 308 -25.25 2.95 -7.26
CA THR A 308 -23.89 3.48 -7.37
C THR A 308 -23.24 3.63 -6.01
N GLU A 309 -23.98 4.16 -5.03
CA GLU A 309 -23.40 4.32 -3.69
C GLU A 309 -23.12 2.96 -3.06
N LEU A 310 -24.00 1.99 -3.26
CA LEU A 310 -23.75 0.65 -2.73
C LEU A 310 -22.50 0.05 -3.36
N THR A 311 -22.32 0.23 -4.67
CA THR A 311 -21.12 -0.26 -5.31
C THR A 311 -19.87 0.42 -4.73
N LEU A 312 -19.93 1.73 -4.51
CA LEU A 312 -18.77 2.44 -3.99
C LEU A 312 -18.44 2.02 -2.56
N LYS A 313 -19.44 2.02 -1.68
CA LYS A 313 -19.21 1.84 -0.25
C LYS A 313 -18.88 0.40 0.12
N GLN A 314 -19.04 -0.56 -0.79
CA GLN A 314 -18.63 -1.94 -0.55
C GLN A 314 -17.17 -2.18 -0.91
N ASP A 315 -16.37 -1.11 -0.93
CA ASP A 315 -14.92 -1.11 -1.13
C ASP A 315 -14.53 -1.56 -2.53
N TYR A 316 -15.50 -1.74 -3.43
CA TYR A 316 -15.15 -2.09 -4.81
C TYR A 316 -14.74 -0.84 -5.59
N GLY A 317 -15.65 0.11 -5.77
CA GLY A 317 -15.34 1.34 -6.46
C GLY A 317 -14.86 1.14 -7.87
N GLN A 318 -15.42 0.16 -8.58
CA GLN A 318 -14.99 -0.17 -9.94
C GLN A 318 -15.99 0.37 -10.95
N SER A 319 -15.50 1.17 -11.90
CA SER A 319 -16.32 1.74 -12.97
C SER A 319 -17.50 2.53 -12.40
N VAL A 320 -17.25 3.30 -11.34
CA VAL A 320 -18.27 4.20 -10.81
C VAL A 320 -18.58 5.32 -11.78
N TRP A 321 -17.60 5.71 -12.62
CA TRP A 321 -17.83 6.77 -13.58
C TRP A 321 -18.85 6.38 -14.64
N ALA A 322 -18.89 5.09 -15.01
CA ALA A 322 -19.92 4.64 -15.95
C ALA A 322 -21.31 4.79 -15.34
N GLU A 323 -21.47 4.44 -14.06
CA GLU A 323 -22.75 4.63 -13.40
C GLU A 323 -23.11 6.10 -13.28
N LEU A 324 -22.11 6.95 -13.00
CA LEU A 324 -22.36 8.38 -12.93
C LEU A 324 -22.82 8.92 -14.27
N GLU A 325 -22.19 8.48 -15.36
CA GLU A 325 -22.61 8.90 -16.69
C GLU A 325 -24.01 8.40 -17.00
N GLY A 326 -24.33 7.18 -16.57
CA GLY A 326 -25.69 6.68 -16.75
C GLY A 326 -26.72 7.53 -16.03
N LEU A 327 -26.43 7.90 -14.79
CA LEU A 327 -27.33 8.77 -14.05
C LEU A 327 -27.46 10.13 -14.72
N SER A 328 -26.33 10.68 -15.20
CA SER A 328 -26.35 11.96 -15.88
C SER A 328 -27.23 11.92 -17.11
N LEU A 329 -27.09 10.87 -17.92
CA LEU A 329 -27.94 10.72 -19.09
C LEU A 329 -29.40 10.56 -18.70
N LEU A 330 -29.68 9.76 -17.67
CA LEU A 330 -31.06 9.54 -17.26
C LEU A 330 -31.74 10.83 -16.82
N LEU A 331 -31.02 11.65 -16.05
CA LEU A 331 -31.62 12.90 -15.55
C LEU A 331 -31.77 13.96 -16.62
N CYS A 332 -31.23 13.75 -17.82
CA CYS A 332 -31.31 14.70 -18.91
C CYS A 332 -32.25 14.23 -20.02
N HIS A 333 -33.31 13.51 -19.66
CA HIS A 333 -34.34 13.15 -20.63
C HIS A 333 -35.70 13.70 -20.22
N MET B 4 29.93 -3.03 -34.99
CA MET B 4 28.62 -3.66 -34.86
C MET B 4 27.84 -3.08 -33.69
N SER B 5 27.54 -1.78 -33.78
CA SER B 5 26.83 -1.08 -32.72
C SER B 5 25.43 -1.64 -32.51
N TYR B 6 24.56 -1.48 -33.50
CA TYR B 6 23.16 -1.88 -33.42
C TYR B 6 22.52 -1.37 -32.14
N GLN B 7 22.65 -0.07 -31.92
CA GLN B 7 22.12 0.57 -30.73
C GLN B 7 20.60 0.64 -30.79
N VAL B 8 19.98 0.98 -29.65
CA VAL B 8 18.54 1.16 -29.59
C VAL B 8 18.15 2.37 -30.46
N LEU B 9 17.13 2.17 -31.29
CA LEU B 9 16.70 3.23 -32.20
C LEU B 9 15.94 4.34 -31.49
N ALA B 10 15.56 4.14 -30.23
CA ALA B 10 14.82 5.18 -29.51
C ALA B 10 15.68 6.42 -29.30
N ARG B 11 16.77 6.28 -28.56
CA ARG B 11 17.62 7.41 -28.24
C ARG B 11 18.62 7.76 -29.34
N LYS B 12 19.05 6.78 -30.13
CA LYS B 12 19.92 7.09 -31.26
C LYS B 12 19.26 8.06 -32.22
N TRP B 13 17.92 8.06 -32.27
CA TRP B 13 17.17 8.90 -33.18
C TRP B 13 16.42 10.02 -32.46
N ARG B 14 16.84 10.37 -31.25
CA ARG B 14 16.26 11.54 -30.58
C ARG B 14 16.59 12.80 -31.39
N PRO B 15 15.65 13.73 -31.52
CA PRO B 15 15.91 14.93 -32.32
C PRO B 15 17.06 15.75 -31.75
N GLN B 16 17.87 16.30 -32.65
CA GLN B 16 18.99 17.16 -32.30
C GLN B 16 18.78 18.61 -32.71
N THR B 17 18.05 18.85 -33.79
CA THR B 17 17.64 20.18 -34.21
C THR B 17 16.12 20.24 -34.26
N PHE B 18 15.57 21.45 -34.06
CA PHE B 18 14.12 21.60 -34.03
C PHE B 18 13.44 21.14 -35.30
N ALA B 19 14.16 21.15 -36.44
CA ALA B 19 13.57 20.71 -37.70
C ALA B 19 13.38 19.21 -37.76
N ASP B 20 13.95 18.45 -36.82
CA ASP B 20 13.85 17.00 -36.81
C ASP B 20 12.76 16.48 -35.87
N VAL B 21 11.96 17.37 -35.29
CA VAL B 21 10.87 16.99 -34.42
C VAL B 21 9.60 16.82 -35.25
N VAL B 22 8.95 15.66 -35.10
CA VAL B 22 7.73 15.38 -35.83
C VAL B 22 6.55 15.96 -35.07
N GLY B 23 5.70 16.69 -35.77
CA GLY B 23 4.53 17.26 -35.15
C GLY B 23 4.87 18.40 -34.21
N GLN B 24 3.88 18.77 -33.39
CA GLN B 24 4.01 19.86 -32.44
C GLN B 24 4.44 21.15 -33.13
N GLU B 25 3.92 21.38 -34.34
CA GLU B 25 4.40 22.48 -35.16
C GLU B 25 4.12 23.83 -34.53
N HIS B 26 2.93 23.99 -33.93
CA HIS B 26 2.61 25.27 -33.30
C HIS B 26 3.52 25.55 -32.12
N VAL B 27 3.86 24.52 -31.35
CA VAL B 27 4.77 24.69 -30.22
C VAL B 27 6.16 25.11 -30.72
N LEU B 28 6.63 24.46 -31.79
CA LEU B 28 7.94 24.83 -32.33
C LEU B 28 7.94 26.26 -32.85
N THR B 29 6.85 26.67 -33.52
CA THR B 29 6.77 28.04 -33.99
C THR B 29 6.77 29.03 -32.83
N ALA B 30 6.03 28.72 -31.77
CA ALA B 30 5.99 29.63 -30.61
C ALA B 30 7.36 29.73 -29.95
N LEU B 31 8.04 28.60 -29.77
CA LEU B 31 9.39 28.64 -29.19
C LEU B 31 10.34 29.44 -30.07
N ALA B 32 10.28 29.23 -31.39
CA ALA B 32 11.18 29.97 -32.28
C ALA B 32 10.90 31.47 -32.22
N ASN B 33 9.62 31.85 -32.19
CA ASN B 33 9.28 33.26 -32.11
C ASN B 33 9.75 33.88 -30.79
N GLY B 34 9.60 33.15 -29.69
CA GLY B 34 10.09 33.63 -28.42
C GLY B 34 11.61 33.73 -28.37
N LEU B 35 12.31 32.79 -28.99
CA LEU B 35 13.76 32.79 -29.01
C LEU B 35 14.34 33.89 -29.90
N SER B 36 13.65 34.21 -31.00
CA SER B 36 14.22 35.13 -31.99
C SER B 36 13.93 36.60 -31.66
N LEU B 37 12.66 36.98 -31.58
CA LEU B 37 12.29 38.38 -31.47
C LEU B 37 11.88 38.78 -30.05
N GLY B 38 11.07 37.98 -29.40
CA GLY B 38 10.57 38.33 -28.09
C GLY B 38 11.54 37.99 -26.98
N ARG B 39 11.12 38.32 -25.76
CA ARG B 39 11.88 37.96 -24.56
C ARG B 39 11.33 36.66 -24.00
N ILE B 40 12.23 35.71 -23.75
CA ILE B 40 11.83 34.38 -23.33
C ILE B 40 11.18 34.45 -21.95
N HIS B 41 10.04 33.79 -21.80
CA HIS B 41 9.36 33.76 -20.53
C HIS B 41 10.20 33.03 -19.49
N HIS B 42 10.04 33.42 -18.23
CA HIS B 42 10.92 32.92 -17.17
C HIS B 42 10.69 31.45 -16.83
N ALA B 43 9.63 30.82 -17.34
CA ALA B 43 9.37 29.42 -17.05
C ALA B 43 8.46 28.84 -18.12
N TYR B 44 8.86 27.69 -18.66
CA TYR B 44 8.10 27.00 -19.70
C TYR B 44 7.70 25.63 -19.18
N LEU B 45 6.40 25.35 -19.19
CA LEU B 45 5.85 24.06 -18.80
C LEU B 45 5.40 23.31 -20.05
N PHE B 46 5.64 22.00 -20.06
CA PHE B 46 5.27 21.15 -21.19
C PHE B 46 4.34 20.06 -20.71
N SER B 47 3.29 19.79 -21.48
CA SER B 47 2.31 18.77 -21.13
C SER B 47 1.88 18.07 -22.39
N GLY B 48 2.04 16.76 -22.42
CA GLY B 48 1.66 15.94 -23.56
C GLY B 48 1.33 14.55 -23.09
N THR B 49 1.46 13.59 -23.99
CA THR B 49 1.26 12.19 -23.66
C THR B 49 2.61 11.51 -23.50
N ARG B 50 2.57 10.24 -23.14
CA ARG B 50 3.78 9.44 -23.12
C ARG B 50 4.36 9.37 -24.53
N GLY B 51 5.68 9.52 -24.62
CA GLY B 51 6.37 9.43 -25.90
C GLY B 51 5.87 10.41 -26.94
N VAL B 52 5.66 11.66 -26.54
CA VAL B 52 5.16 12.68 -27.45
C VAL B 52 6.25 13.65 -27.90
N GLY B 53 7.30 13.85 -27.11
CA GLY B 53 8.37 14.77 -27.45
C GLY B 53 8.70 15.78 -26.37
N LYS B 54 8.03 15.75 -25.22
CA LYS B 54 8.18 16.78 -24.19
C LYS B 54 9.63 17.03 -23.80
N THR B 55 10.29 15.99 -23.29
CA THR B 55 11.67 16.16 -22.84
C THR B 55 12.59 16.48 -24.01
N SER B 56 12.31 15.95 -25.19
CA SER B 56 13.11 16.32 -26.36
C SER B 56 13.01 17.80 -26.65
N ILE B 57 11.79 18.35 -26.62
CA ILE B 57 11.59 19.77 -26.88
C ILE B 57 12.27 20.61 -25.80
N ALA B 58 12.15 20.19 -24.54
CA ALA B 58 12.78 20.94 -23.46
C ALA B 58 14.30 20.93 -23.59
N ARG B 59 14.88 19.79 -23.95
CA ARG B 59 16.33 19.72 -24.14
C ARG B 59 16.77 20.58 -25.31
N LEU B 60 16.00 20.59 -26.40
CA LEU B 60 16.35 21.44 -27.53
C LEU B 60 16.26 22.91 -27.16
N LEU B 61 15.26 23.28 -26.37
CA LEU B 61 15.15 24.66 -25.91
C LEU B 61 16.32 25.04 -25.02
N ALA B 62 16.74 24.13 -24.13
CA ALA B 62 17.91 24.40 -23.31
C ALA B 62 19.17 24.54 -24.16
N LYS B 63 19.29 23.73 -25.22
CA LYS B 63 20.40 23.88 -26.16
C LYS B 63 20.35 25.26 -26.81
N GLY B 64 19.16 25.72 -27.19
CA GLY B 64 19.03 27.05 -27.73
C GLY B 64 19.40 28.14 -26.73
N LEU B 65 19.15 27.90 -25.44
CA LEU B 65 19.43 28.91 -24.43
C LEU B 65 20.93 29.11 -24.25
N ASN B 66 21.68 28.02 -24.10
CA ASN B 66 23.11 28.08 -23.82
C ASN B 66 23.85 27.69 -25.09
N CYS B 67 24.46 28.68 -25.73
CA CYS B 67 25.24 28.38 -26.91
C CYS B 67 26.08 29.62 -27.26
N GLU B 68 27.26 29.41 -27.84
CA GLU B 68 28.14 30.55 -28.16
C GLU B 68 27.55 31.42 -29.27
N THR B 69 26.72 30.84 -30.13
CA THR B 69 26.06 31.63 -31.16
C THR B 69 25.00 32.57 -30.58
N GLY B 70 24.60 32.35 -29.34
CA GLY B 70 23.59 33.17 -28.69
C GLY B 70 22.29 32.42 -28.52
N ILE B 71 21.38 33.09 -27.80
CA ILE B 71 20.06 32.52 -27.51
C ILE B 71 19.23 32.61 -28.80
N THR B 72 19.02 31.48 -29.45
CA THR B 72 18.29 31.46 -30.72
C THR B 72 17.63 30.10 -30.90
N ALA B 73 16.85 29.98 -31.98
CA ALA B 73 16.10 28.76 -32.23
C ALA B 73 17.00 27.64 -32.73
N THR B 74 17.59 27.82 -33.91
CA THR B 74 18.49 26.82 -34.45
C THR B 74 19.92 27.32 -34.28
N PRO B 75 20.55 27.01 -33.15
CA PRO B 75 21.82 27.66 -32.83
C PRO B 75 22.95 27.28 -33.77
N CYS B 76 23.26 26.00 -33.85
CA CYS B 76 24.45 25.54 -34.54
C CYS B 76 24.43 24.02 -34.57
N GLY B 77 25.50 23.42 -35.06
CA GLY B 77 25.74 22.01 -34.90
C GLY B 77 27.06 21.77 -34.24
N VAL B 78 27.18 20.59 -33.59
CA VAL B 78 28.38 20.09 -32.91
C VAL B 78 29.14 21.18 -32.16
N CYS B 79 28.43 22.08 -31.48
CA CYS B 79 29.15 23.04 -30.65
C CYS B 79 29.46 22.41 -29.31
N ASP B 80 30.14 23.17 -28.45
CA ASP B 80 30.50 22.65 -27.14
C ASP B 80 29.27 22.40 -26.27
N ASN B 81 28.42 23.42 -26.11
CA ASN B 81 27.27 23.30 -25.23
C ASN B 81 26.24 22.34 -25.82
N CYS B 82 25.99 22.44 -27.13
CA CYS B 82 25.03 21.55 -27.77
C CYS B 82 25.47 20.10 -27.63
N ARG B 83 26.76 19.81 -27.85
CA ARG B 83 27.26 18.44 -27.70
C ARG B 83 27.22 17.98 -26.25
N GLU B 84 27.59 18.85 -25.30
CA GLU B 84 27.57 18.46 -23.90
C GLU B 84 26.16 18.18 -23.41
N ILE B 85 25.16 18.82 -24.02
CA ILE B 85 23.78 18.47 -23.70
C ILE B 85 23.39 17.15 -24.35
N GLU B 86 23.75 16.97 -25.63
CA GLU B 86 23.34 15.77 -26.36
C GLU B 86 23.97 14.52 -25.76
N GLN B 87 25.15 14.63 -25.18
CA GLN B 87 25.80 13.50 -24.52
C GLN B 87 25.31 13.29 -23.10
N GLY B 88 24.45 14.17 -22.58
CA GLY B 88 23.98 14.05 -21.22
C GLY B 88 24.99 14.47 -20.18
N ARG B 89 26.11 15.05 -20.58
CA ARG B 89 27.20 15.40 -19.67
C ARG B 89 27.21 16.87 -19.30
N PHE B 90 26.19 17.63 -19.69
CA PHE B 90 26.18 19.06 -19.37
C PHE B 90 26.04 19.27 -17.87
N VAL B 91 26.77 20.26 -17.36
CA VAL B 91 26.87 20.45 -15.92
C VAL B 91 25.63 21.15 -15.37
N ASP B 92 25.35 22.35 -15.86
CA ASP B 92 24.28 23.18 -15.30
C ASP B 92 22.92 22.92 -15.94
N LEU B 93 22.81 21.92 -16.81
CA LEU B 93 21.50 21.45 -17.27
C LEU B 93 21.00 20.41 -16.27
N ILE B 94 20.45 20.91 -15.16
CA ILE B 94 20.01 20.03 -14.09
C ILE B 94 18.79 19.23 -14.56
N GLU B 95 18.85 17.91 -14.38
CA GLU B 95 17.76 17.01 -14.73
C GLU B 95 17.25 16.39 -13.44
N ILE B 96 15.99 16.66 -13.11
CA ILE B 96 15.38 16.23 -11.85
C ILE B 96 14.12 15.45 -12.17
N ASP B 97 13.94 14.31 -11.49
CA ASP B 97 12.67 13.61 -11.48
C ASP B 97 11.86 14.11 -10.29
N ALA B 98 10.67 14.65 -10.56
CA ALA B 98 9.86 15.21 -9.48
C ALA B 98 9.50 14.14 -8.46
N ALA B 99 9.14 12.95 -8.92
CA ALA B 99 8.79 11.86 -8.01
C ALA B 99 9.96 11.51 -7.08
N SER B 100 11.20 11.71 -7.55
CA SER B 100 12.35 11.44 -6.69
C SER B 100 12.50 12.50 -5.61
N ARG B 101 12.01 13.71 -5.84
CA ARG B 101 12.20 14.83 -4.93
C ARG B 101 10.87 15.50 -4.60
N THR B 102 9.85 14.69 -4.30
CA THR B 102 8.58 15.24 -3.85
C THR B 102 8.68 15.89 -2.48
N LYS B 103 9.68 15.52 -1.69
CA LYS B 103 9.80 16.06 -0.33
C LYS B 103 10.09 17.56 -0.38
N VAL B 104 9.45 18.30 0.53
CA VAL B 104 9.63 19.74 0.57
C VAL B 104 11.07 20.10 0.95
N GLU B 105 11.74 19.22 1.72
CA GLU B 105 13.13 19.48 2.08
C GLU B 105 14.05 19.33 0.87
N ASP B 106 13.88 18.25 0.11
CA ASP B 106 14.66 18.08 -1.10
C ASP B 106 14.36 19.16 -2.12
N THR B 107 13.09 19.56 -2.22
CA THR B 107 12.73 20.66 -3.12
C THR B 107 13.38 21.96 -2.68
N ARG B 108 13.40 22.23 -1.38
CA ARG B 108 14.06 23.45 -0.89
C ARG B 108 15.56 23.41 -1.19
N ASP B 109 16.19 22.25 -1.02
CA ASP B 109 17.60 22.12 -1.35
C ASP B 109 17.83 22.35 -2.84
N LEU B 110 16.92 21.86 -3.67
CA LEU B 110 17.00 22.11 -5.11
C LEU B 110 16.87 23.60 -5.43
N LEU B 111 15.98 24.28 -4.72
CA LEU B 111 15.73 25.69 -4.95
C LEU B 111 16.74 26.59 -4.25
N ASP B 112 17.66 26.03 -3.48
CA ASP B 112 18.79 26.82 -2.99
C ASP B 112 19.88 26.97 -4.03
N ASN B 113 19.83 26.20 -5.12
CA ASN B 113 20.84 26.25 -6.17
C ASN B 113 20.59 27.34 -7.20
N VAL B 114 19.39 27.94 -7.23
CA VAL B 114 19.08 28.91 -8.26
C VAL B 114 19.91 30.19 -8.09
N GLN B 115 20.23 30.55 -6.85
CA GLN B 115 20.96 31.79 -6.61
C GLN B 115 22.35 31.75 -7.24
N TYR B 116 23.03 30.61 -7.16
CA TYR B 116 24.38 30.50 -7.67
C TYR B 116 24.41 30.59 -9.19
N ALA B 117 25.43 31.25 -9.72
CA ALA B 117 25.53 31.50 -11.13
C ALA B 117 25.77 30.21 -11.91
N PRO B 118 25.38 30.17 -13.19
CA PRO B 118 25.68 29.00 -14.01
C PRO B 118 27.17 28.78 -14.17
N ALA B 119 27.56 27.52 -14.30
CA ALA B 119 28.97 27.20 -14.52
C ALA B 119 29.39 27.50 -15.95
N ARG B 120 28.50 27.28 -16.92
CA ARG B 120 28.80 27.50 -18.33
C ARG B 120 27.58 28.10 -19.00
N GLY B 121 27.78 28.55 -20.24
CA GLY B 121 26.68 29.08 -21.03
C GLY B 121 26.14 30.39 -20.48
N ARG B 122 24.86 30.60 -20.69
CA ARG B 122 24.17 31.81 -20.24
C ARG B 122 23.17 31.55 -19.13
N PHE B 123 22.28 30.57 -19.31
CA PHE B 123 21.17 30.35 -18.41
C PHE B 123 21.31 29.02 -17.67
N LYS B 124 20.97 29.03 -16.39
CA LYS B 124 20.92 27.82 -15.58
C LYS B 124 19.54 27.19 -15.75
N VAL B 125 19.48 26.08 -16.48
CA VAL B 125 18.23 25.47 -16.89
C VAL B 125 17.94 24.27 -15.98
N TYR B 126 16.74 24.23 -15.41
CA TYR B 126 16.26 23.11 -14.63
C TYR B 126 15.20 22.38 -15.43
N LEU B 127 15.32 21.06 -15.52
CA LEU B 127 14.38 20.24 -16.28
C LEU B 127 13.79 19.19 -15.34
N ILE B 128 12.56 19.41 -14.90
CA ILE B 128 11.87 18.53 -13.97
C ILE B 128 10.83 17.72 -14.74
N ASP B 129 10.89 16.40 -14.58
CA ASP B 129 10.00 15.49 -15.29
C ASP B 129 8.86 15.06 -14.37
N GLU B 130 7.66 14.93 -14.96
CA GLU B 130 6.46 14.56 -14.22
C GLU B 130 6.22 15.50 -13.04
N VAL B 131 6.17 16.80 -13.36
CA VAL B 131 6.09 17.84 -12.34
C VAL B 131 4.80 17.77 -11.54
N HIS B 132 3.76 17.14 -12.09
CA HIS B 132 2.48 17.08 -11.40
C HIS B 132 2.55 16.29 -10.10
N MET B 133 3.59 15.48 -9.92
CA MET B 133 3.72 14.63 -8.75
C MET B 133 4.39 15.33 -7.57
N LEU B 134 4.79 16.59 -7.74
CA LEU B 134 5.36 17.34 -6.63
C LEU B 134 4.32 17.53 -5.54
N SER B 135 4.77 17.53 -4.30
CA SER B 135 3.87 17.80 -3.19
C SER B 135 3.39 19.24 -3.23
N ARG B 136 2.29 19.50 -2.53
CA ARG B 136 1.69 20.83 -2.56
C ARG B 136 2.63 21.87 -1.97
N HIS B 137 3.32 21.53 -0.88
CA HIS B 137 4.29 22.45 -0.30
C HIS B 137 5.45 22.70 -1.26
N SER B 138 5.96 21.64 -1.88
CA SER B 138 7.03 21.78 -2.85
C SER B 138 6.56 22.59 -4.05
N PHE B 139 5.31 22.38 -4.48
CA PHE B 139 4.76 23.15 -5.59
C PHE B 139 4.65 24.64 -5.23
N ASN B 140 4.23 24.94 -4.01
CA ASN B 140 4.16 26.33 -3.57
C ASN B 140 5.54 26.96 -3.53
N ALA B 141 6.54 26.22 -3.06
CA ALA B 141 7.91 26.72 -3.06
C ALA B 141 8.40 26.97 -4.48
N LEU B 142 8.05 26.08 -5.41
CA LEU B 142 8.42 26.27 -6.80
C LEU B 142 7.78 27.53 -7.38
N LEU B 143 6.51 27.77 -7.05
CA LEU B 143 5.87 29.00 -7.50
C LEU B 143 6.55 30.23 -6.90
N LYS B 144 6.90 30.15 -5.62
CA LYS B 144 7.55 31.29 -4.96
C LYS B 144 8.91 31.59 -5.58
N THR B 145 9.64 30.56 -5.99
CA THR B 145 10.91 30.82 -6.67
C THR B 145 10.71 31.19 -8.13
N LEU B 146 9.55 30.89 -8.71
CA LEU B 146 9.28 31.26 -10.09
C LEU B 146 8.75 32.68 -10.25
N GLU B 147 8.18 33.27 -9.21
CA GLU B 147 7.62 34.62 -9.36
C GLU B 147 8.71 35.64 -9.69
N GLU B 148 9.88 35.53 -9.03
CA GLU B 148 11.01 36.43 -9.28
C GLU B 148 12.27 35.58 -9.40
N PRO B 149 12.49 34.96 -10.55
CA PRO B 149 13.71 34.18 -10.74
C PRO B 149 14.89 35.08 -11.05
N PRO B 150 16.12 34.60 -10.88
CA PRO B 150 17.28 35.37 -11.30
C PRO B 150 17.28 35.59 -12.80
N GLU B 151 18.05 36.59 -13.24
CA GLU B 151 18.01 37.01 -14.63
C GLU B 151 18.62 35.98 -15.58
N HIS B 152 19.32 34.97 -15.07
CA HIS B 152 19.87 33.91 -15.91
C HIS B 152 19.51 32.53 -15.40
N VAL B 153 18.35 32.40 -14.76
CA VAL B 153 17.88 31.12 -14.24
C VAL B 153 16.50 30.84 -14.83
N LYS B 154 16.34 29.69 -15.46
CA LYS B 154 15.10 29.34 -16.12
C LYS B 154 14.69 27.92 -15.75
N PHE B 155 13.40 27.66 -15.78
CA PHE B 155 12.81 26.40 -15.36
C PHE B 155 12.09 25.75 -16.53
N LEU B 156 12.27 24.43 -16.68
CA LEU B 156 11.56 23.65 -17.68
C LEU B 156 10.85 22.52 -16.97
N LEU B 157 9.54 22.43 -17.14
CA LEU B 157 8.72 21.44 -16.46
C LEU B 157 7.96 20.60 -17.48
N ALA B 158 7.84 19.31 -17.20
CA ALA B 158 7.11 18.38 -18.05
C ALA B 158 6.19 17.52 -17.19
N THR B 159 5.06 17.12 -17.76
CA THR B 159 4.10 16.27 -17.06
C THR B 159 3.18 15.60 -18.08
N THR B 160 2.85 14.34 -17.82
CA THR B 160 1.95 13.62 -18.71
C THR B 160 0.50 14.07 -18.55
N ASP B 161 0.04 14.24 -17.32
CA ASP B 161 -1.33 14.68 -17.05
C ASP B 161 -1.32 16.03 -16.35
N PRO B 162 -1.57 17.13 -17.07
CA PRO B 162 -1.56 18.46 -16.44
C PRO B 162 -2.81 18.76 -15.63
N GLN B 163 -3.79 17.86 -15.63
CA GLN B 163 -5.04 18.14 -14.91
C GLN B 163 -4.84 18.19 -13.41
N LYS B 164 -3.83 17.49 -12.89
CA LYS B 164 -3.55 17.52 -11.46
C LYS B 164 -2.78 18.75 -11.03
N LEU B 165 -2.22 19.50 -11.96
CA LEU B 165 -1.52 20.73 -11.62
C LEU B 165 -2.53 21.78 -11.16
N PRO B 166 -2.27 22.47 -10.06
CA PRO B 166 -3.18 23.56 -9.65
C PRO B 166 -3.18 24.68 -10.68
N VAL B 167 -4.29 25.40 -10.74
CA VAL B 167 -4.45 26.44 -11.75
C VAL B 167 -3.39 27.52 -11.61
N THR B 168 -2.89 27.73 -10.38
CA THR B 168 -1.94 28.81 -10.14
C THR B 168 -0.64 28.64 -10.92
N ILE B 169 -0.34 27.43 -11.38
CA ILE B 169 0.87 27.23 -12.20
C ILE B 169 0.78 28.04 -13.47
N LEU B 170 -0.43 28.26 -13.98
CA LEU B 170 -0.60 29.09 -15.16
C LEU B 170 -0.26 30.55 -14.90
N SER B 171 -0.28 30.99 -13.64
CA SER B 171 0.05 32.35 -13.30
C SER B 171 1.55 32.63 -13.34
N ARG B 172 2.38 31.59 -13.41
CA ARG B 172 3.82 31.74 -13.30
C ARG B 172 4.58 31.30 -14.54
N CYS B 173 4.08 30.29 -15.26
CA CYS B 173 4.80 29.71 -16.38
C CYS B 173 3.91 29.64 -17.61
N LEU B 174 4.54 29.73 -18.78
CA LEU B 174 3.85 29.58 -20.05
C LEU B 174 3.80 28.10 -20.39
N GLN B 175 2.59 27.58 -20.61
CA GLN B 175 2.40 26.16 -20.83
C GLN B 175 2.21 25.85 -22.31
N PHE B 176 2.73 24.71 -22.73
CA PHE B 176 2.54 24.17 -24.06
C PHE B 176 1.95 22.79 -23.96
N HIS B 177 0.98 22.50 -24.81
CA HIS B 177 0.37 21.18 -24.88
C HIS B 177 0.73 20.53 -26.21
N LEU B 178 1.30 19.33 -26.14
CA LEU B 178 1.76 18.62 -27.33
C LEU B 178 0.69 17.60 -27.70
N LYS B 179 0.20 17.68 -28.94
CA LYS B 179 -0.84 16.78 -29.40
C LYS B 179 -0.26 15.43 -29.75
N ALA B 180 -0.95 14.37 -29.32
CA ALA B 180 -0.53 13.02 -29.66
C ALA B 180 -0.50 12.85 -31.17
N LEU B 181 0.60 12.30 -31.68
CA LEU B 181 0.78 12.19 -33.11
C LEU B 181 -0.26 11.26 -33.73
N ASP B 182 -0.68 11.60 -34.94
CA ASP B 182 -1.63 10.76 -35.66
C ASP B 182 -0.88 9.63 -36.35
N VAL B 183 -1.63 8.79 -37.08
CA VAL B 183 -1.04 7.65 -37.75
C VAL B 183 -0.10 8.11 -38.87
N GLU B 184 -0.46 9.20 -39.55
CA GLU B 184 0.33 9.65 -40.70
C GLU B 184 1.71 10.12 -40.28
N GLN B 185 1.80 10.97 -39.26
CA GLN B 185 3.09 11.50 -38.85
C GLN B 185 3.99 10.39 -38.31
N ILE B 186 3.45 9.53 -37.47
CA ILE B 186 4.23 8.42 -36.91
C ILE B 186 4.71 7.50 -38.02
N ARG B 187 3.82 7.18 -38.97
CA ARG B 187 4.20 6.29 -40.07
C ARG B 187 5.29 6.92 -40.92
N HIS B 188 5.18 8.23 -41.22
CA HIS B 188 6.20 8.88 -42.03
C HIS B 188 7.54 8.92 -41.30
N GLN B 189 7.54 9.22 -40.00
CA GLN B 189 8.79 9.25 -39.26
C GLN B 189 9.42 7.87 -39.18
N LEU B 190 8.62 6.83 -38.96
CA LEU B 190 9.16 5.48 -38.95
C LEU B 190 9.71 5.10 -40.33
N GLU B 191 9.02 5.51 -41.39
CA GLU B 191 9.52 5.24 -42.74
C GLU B 191 10.87 5.91 -42.96
N HIS B 192 11.00 7.16 -42.51
CA HIS B 192 12.28 7.86 -42.64
C HIS B 192 13.38 7.16 -41.84
N ILE B 193 13.06 6.74 -40.61
CA ILE B 193 14.05 6.07 -39.77
C ILE B 193 14.50 4.76 -40.42
N LEU B 194 13.55 3.97 -40.93
CA LEU B 194 13.90 2.70 -41.56
C LEU B 194 14.69 2.93 -42.84
N ASN B 195 14.32 3.94 -43.62
CA ASN B 195 15.05 4.23 -44.86
C ASN B 195 16.48 4.63 -44.55
N GLU B 196 16.69 5.47 -43.53
CA GLU B 196 18.04 5.87 -43.20
C GLU B 196 18.84 4.72 -42.58
N GLU B 197 18.18 3.84 -41.83
CA GLU B 197 18.85 2.70 -41.22
C GLU B 197 18.98 1.51 -42.16
N HIS B 198 18.46 1.62 -43.38
CA HIS B 198 18.52 0.55 -44.39
C HIS B 198 17.84 -0.72 -43.87
N ILE B 199 16.58 -0.57 -43.47
CA ILE B 199 15.75 -1.67 -42.98
C ILE B 199 14.66 -1.94 -44.00
N ALA B 200 14.64 -3.14 -44.56
CA ALA B 200 13.58 -3.52 -45.48
C ALA B 200 12.25 -3.55 -44.75
N HIS B 201 11.22 -3.01 -45.39
CA HIS B 201 9.92 -2.87 -44.74
C HIS B 201 8.84 -2.75 -45.80
N GLU B 202 7.60 -2.90 -45.35
CA GLU B 202 6.42 -2.75 -46.19
C GLU B 202 5.49 -1.70 -45.59
N PRO B 203 4.79 -0.93 -46.43
CA PRO B 203 3.93 0.15 -45.88
C PRO B 203 2.86 -0.36 -44.94
N ARG B 204 2.30 -1.55 -45.19
CA ARG B 204 1.29 -2.09 -44.30
C ARG B 204 1.86 -2.37 -42.91
N ALA B 205 3.11 -2.87 -42.86
CA ALA B 205 3.74 -3.09 -41.57
C ALA B 205 3.88 -1.78 -40.80
N LEU B 206 4.27 -0.71 -41.51
CA LEU B 206 4.38 0.60 -40.87
C LEU B 206 3.02 1.07 -40.37
N GLN B 207 1.96 0.86 -41.15
CA GLN B 207 0.63 1.26 -40.72
C GLN B 207 0.20 0.51 -39.47
N LEU B 208 0.46 -0.80 -39.42
CA LEU B 208 0.15 -1.57 -38.23
C LEU B 208 0.93 -1.07 -37.03
N LEU B 209 2.22 -0.80 -37.21
CA LEU B 209 3.02 -0.27 -36.11
C LEU B 209 2.47 1.07 -35.61
N ALA B 210 2.11 1.96 -36.54
CA ALA B 210 1.60 3.27 -36.16
C ALA B 210 0.28 3.16 -35.43
N ARG B 211 -0.63 2.31 -35.93
CA ARG B 211 -1.92 2.15 -35.26
C ARG B 211 -1.74 1.56 -33.87
N ALA B 212 -0.84 0.58 -33.73
CA ALA B 212 -0.57 0.00 -32.42
C ALA B 212 0.12 0.98 -31.49
N ALA B 213 0.81 1.98 -32.05
CA ALA B 213 1.52 2.96 -31.21
C ALA B 213 0.55 3.78 -30.37
N GLU B 214 -0.65 4.02 -30.88
CA GLU B 214 -1.68 4.80 -30.19
C GLU B 214 -1.21 6.22 -29.90
N GLY B 215 -0.50 6.82 -30.86
CA GLY B 215 -0.17 8.22 -30.83
C GLY B 215 1.24 8.56 -30.36
N SER B 216 1.91 7.64 -29.68
CA SER B 216 3.22 7.91 -29.12
C SER B 216 4.30 7.43 -30.08
N LEU B 217 5.27 8.32 -30.35
CA LEU B 217 6.35 7.94 -31.25
C LEU B 217 7.36 7.01 -30.56
N ARG B 218 7.53 7.14 -29.24
CA ARG B 218 8.39 6.21 -28.52
C ARG B 218 7.83 4.80 -28.56
N ASP B 219 6.51 4.67 -28.43
CA ASP B 219 5.87 3.37 -28.60
C ASP B 219 6.12 2.82 -30.00
N ALA B 220 6.01 3.67 -31.01
CA ALA B 220 6.27 3.24 -32.38
C ALA B 220 7.70 2.75 -32.53
N LEU B 221 8.66 3.47 -31.95
CA LEU B 221 10.05 3.06 -32.05
C LEU B 221 10.32 1.75 -31.32
N SER B 222 9.71 1.57 -30.15
CA SER B 222 9.86 0.31 -29.42
C SER B 222 9.28 -0.86 -30.21
N LEU B 223 8.08 -0.67 -30.78
CA LEU B 223 7.48 -1.72 -31.57
C LEU B 223 8.30 -2.01 -32.82
N THR B 224 8.89 -0.97 -33.42
CA THR B 224 9.77 -1.16 -34.56
C THR B 224 10.99 -1.99 -34.18
N ASP B 225 11.58 -1.70 -33.01
CA ASP B 225 12.72 -2.48 -32.55
C ASP B 225 12.33 -3.95 -32.35
N GLN B 226 11.18 -4.19 -31.74
CA GLN B 226 10.72 -5.58 -31.55
C GLN B 226 10.48 -6.26 -32.89
N ALA B 227 9.87 -5.55 -33.83
CA ALA B 227 9.60 -6.12 -35.14
C ALA B 227 10.89 -6.48 -35.86
N ILE B 228 11.90 -5.60 -35.80
CA ILE B 228 13.18 -5.91 -36.41
C ILE B 228 13.84 -7.09 -35.73
N ALA B 229 13.79 -7.13 -34.40
CA ALA B 229 14.42 -8.23 -33.67
C ALA B 229 13.80 -9.57 -34.03
N SER B 230 12.47 -9.62 -34.13
CA SER B 230 11.82 -10.89 -34.44
C SER B 230 11.95 -11.24 -35.92
N GLY B 231 11.92 -10.25 -36.80
CA GLY B 231 11.93 -10.46 -38.23
C GLY B 231 13.28 -10.42 -38.91
N ASP B 232 14.38 -10.38 -38.15
CA ASP B 232 15.73 -10.39 -38.71
C ASP B 232 15.94 -9.21 -39.67
N GLY B 233 15.38 -8.05 -39.30
CA GLY B 233 15.44 -6.86 -40.13
C GLY B 233 14.37 -6.81 -41.21
N GLN B 234 13.94 -7.96 -41.71
CA GLN B 234 12.87 -8.02 -42.72
C GLN B 234 11.55 -7.76 -42.01
N VAL B 235 11.08 -6.52 -42.07
CA VAL B 235 9.85 -6.12 -41.37
C VAL B 235 8.71 -6.23 -42.38
N SER B 236 8.09 -7.39 -42.43
CA SER B 236 6.95 -7.63 -43.30
C SER B 236 5.64 -7.44 -42.54
N THR B 237 4.54 -7.40 -43.29
CA THR B 237 3.24 -7.23 -42.69
C THR B 237 2.88 -8.39 -41.78
N GLN B 238 3.17 -9.62 -42.21
CA GLN B 238 2.79 -10.79 -41.43
C GLN B 238 3.53 -10.84 -40.10
N ALA B 239 4.82 -10.47 -40.10
CA ALA B 239 5.59 -10.51 -38.85
C ALA B 239 5.02 -9.53 -37.83
N VAL B 240 4.83 -8.27 -38.24
CA VAL B 240 4.28 -7.28 -37.32
C VAL B 240 2.89 -7.68 -36.86
N SER B 241 2.07 -8.23 -37.78
CA SER B 241 0.73 -8.64 -37.40
C SER B 241 0.76 -9.74 -36.36
N ALA B 242 1.62 -10.75 -36.55
CA ALA B 242 1.70 -11.85 -35.59
C ALA B 242 2.20 -11.37 -34.24
N MET B 243 3.28 -10.58 -34.23
CA MET B 243 3.84 -10.12 -32.97
C MET B 243 2.96 -9.09 -32.28
N LEU B 244 2.08 -8.41 -33.01
CA LEU B 244 1.08 -7.57 -32.37
C LEU B 244 -0.06 -8.41 -31.80
N GLY B 245 -0.43 -9.48 -32.50
CA GLY B 245 -1.40 -10.41 -31.95
C GLY B 245 -0.93 -11.05 -30.66
N THR B 246 0.38 -11.31 -30.56
CA THR B 246 0.94 -11.80 -29.30
C THR B 246 0.73 -10.80 -28.18
N LEU B 247 0.72 -9.51 -28.49
CA LEU B 247 0.53 -8.45 -27.51
C LEU B 247 -0.92 -7.99 -27.42
N ASP B 248 -1.83 -8.62 -28.17
CA ASP B 248 -3.21 -8.14 -28.22
C ASP B 248 -3.91 -8.32 -26.89
N ASP B 249 -4.69 -7.30 -26.49
CA ASP B 249 -5.49 -7.37 -25.27
C ASP B 249 -6.88 -6.79 -25.46
N ASP B 250 -7.35 -6.65 -26.70
CA ASP B 250 -8.70 -6.19 -26.98
C ASP B 250 -9.71 -7.33 -27.00
N GLN B 251 -9.43 -8.40 -26.25
CA GLN B 251 -10.25 -9.61 -26.34
C GLN B 251 -11.71 -9.35 -25.99
N ALA B 252 -11.99 -8.54 -24.97
CA ALA B 252 -13.38 -8.29 -24.58
C ALA B 252 -14.16 -7.63 -25.71
N LEU B 253 -13.56 -6.65 -26.38
CA LEU B 253 -14.25 -5.97 -27.48
C LEU B 253 -14.52 -6.93 -28.63
N SER B 254 -13.54 -7.75 -28.99
CA SER B 254 -13.73 -8.70 -30.06
C SER B 254 -14.79 -9.73 -29.69
N LEU B 255 -14.81 -10.14 -28.42
CA LEU B 255 -15.84 -11.06 -27.94
C LEU B 255 -17.22 -10.46 -28.08
N VAL B 256 -17.38 -9.18 -27.70
CA VAL B 256 -18.67 -8.52 -27.85
C VAL B 256 -19.06 -8.46 -29.32
N GLU B 257 -18.11 -8.07 -30.18
CA GLU B 257 -18.41 -7.93 -31.60
C GLU B 257 -18.85 -9.27 -32.20
N ALA B 258 -18.14 -10.35 -31.86
CA ALA B 258 -18.45 -11.65 -32.46
C ALA B 258 -19.71 -12.25 -31.87
N MET B 259 -19.93 -12.09 -30.55
CA MET B 259 -21.15 -12.58 -29.94
C MET B 259 -22.37 -11.87 -30.49
N VAL B 260 -22.26 -10.56 -30.74
CA VAL B 260 -23.33 -9.83 -31.38
C VAL B 260 -23.60 -10.38 -32.78
N GLU B 261 -22.54 -10.65 -33.53
CA GLU B 261 -22.68 -11.18 -34.89
C GLU B 261 -23.07 -12.65 -34.92
N ALA B 262 -23.34 -13.26 -33.77
CA ALA B 262 -23.71 -14.68 -33.70
C ALA B 262 -22.67 -15.56 -34.37
N ASN B 263 -21.40 -15.23 -34.16
CA ASN B 263 -20.28 -15.98 -34.73
C ASN B 263 -19.71 -16.88 -33.63
N GLY B 264 -20.23 -18.10 -33.56
CA GLY B 264 -19.81 -19.01 -32.50
C GLY B 264 -18.34 -19.40 -32.59
N GLU B 265 -17.88 -19.75 -33.80
CA GLU B 265 -16.50 -20.18 -33.96
C GLU B 265 -15.52 -19.05 -33.64
N ARG B 266 -15.86 -17.82 -34.03
CA ARG B 266 -15.00 -16.69 -33.70
C ARG B 266 -14.93 -16.47 -32.20
N VAL B 267 -16.07 -16.56 -31.52
CA VAL B 267 -16.08 -16.41 -30.06
C VAL B 267 -15.25 -17.50 -29.40
N MET B 268 -15.34 -18.74 -29.92
CA MET B 268 -14.57 -19.83 -29.35
C MET B 268 -13.07 -19.61 -29.55
N ALA B 269 -12.67 -19.21 -30.75
CA ALA B 269 -11.25 -18.93 -30.99
C ALA B 269 -10.74 -17.81 -30.09
N LEU B 270 -11.54 -16.75 -29.95
CA LEU B 270 -11.13 -15.62 -29.13
C LEU B 270 -11.07 -15.98 -27.65
N ILE B 271 -12.01 -16.79 -27.17
CA ILE B 271 -11.99 -17.17 -25.77
C ILE B 271 -10.84 -18.11 -25.48
N ASN B 272 -10.49 -18.98 -26.45
CA ASN B 272 -9.30 -19.82 -26.27
C ASN B 272 -8.04 -18.98 -26.27
N GLU B 273 -7.98 -17.94 -27.12
CA GLU B 273 -6.84 -17.04 -27.10
C GLU B 273 -6.74 -16.32 -25.75
N ALA B 274 -7.89 -15.90 -25.21
CA ALA B 274 -7.89 -15.26 -23.90
C ALA B 274 -7.42 -16.22 -22.81
N ALA B 275 -7.81 -17.49 -22.91
CA ALA B 275 -7.31 -18.49 -21.98
C ALA B 275 -5.80 -18.63 -22.08
N ALA B 276 -5.28 -18.67 -23.31
CA ALA B 276 -3.83 -18.71 -23.49
C ALA B 276 -3.15 -17.46 -22.94
N ARG B 277 -3.87 -16.33 -22.95
CA ARG B 277 -3.36 -15.10 -22.36
C ARG B 277 -3.31 -15.16 -20.84
N GLY B 278 -3.99 -16.13 -20.24
CA GLY B 278 -4.03 -16.22 -18.78
C GLY B 278 -4.76 -15.08 -18.12
N ILE B 279 -5.86 -14.62 -18.71
CA ILE B 279 -6.65 -13.51 -18.18
C ILE B 279 -7.66 -14.05 -17.19
N GLU B 280 -7.85 -13.32 -16.09
CA GLU B 280 -8.88 -13.69 -15.13
C GLU B 280 -10.26 -13.55 -15.78
N TRP B 281 -11.11 -14.55 -15.55
CA TRP B 281 -12.40 -14.60 -16.25
C TRP B 281 -13.40 -13.62 -15.66
N GLU B 282 -13.39 -13.43 -14.33
CA GLU B 282 -14.29 -12.46 -13.72
C GLU B 282 -14.01 -11.05 -14.22
N ALA B 283 -12.73 -10.69 -14.33
CA ALA B 283 -12.38 -9.38 -14.87
C ALA B 283 -12.79 -9.24 -16.32
N LEU B 284 -12.61 -10.30 -17.12
CA LEU B 284 -13.03 -10.25 -18.51
C LEU B 284 -14.54 -10.03 -18.61
N LEU B 285 -15.31 -10.71 -17.78
CA LEU B 285 -16.76 -10.59 -17.85
C LEU B 285 -17.22 -9.22 -17.37
N VAL B 286 -16.59 -8.68 -16.32
CA VAL B 286 -17.00 -7.36 -15.84
C VAL B 286 -16.62 -6.28 -16.86
N GLU B 287 -15.48 -6.41 -17.55
CA GLU B 287 -15.16 -5.42 -18.56
C GLU B 287 -16.02 -5.59 -19.81
N MET B 288 -16.49 -6.80 -20.09
CA MET B 288 -17.50 -6.98 -21.13
C MET B 288 -18.79 -6.27 -20.77
N LEU B 289 -19.20 -6.39 -19.51
CA LEU B 289 -20.36 -5.64 -19.04
C LEU B 289 -20.15 -4.14 -19.18
N GLY B 290 -18.94 -3.67 -18.84
CA GLY B 290 -18.65 -2.26 -19.00
C GLY B 290 -18.72 -1.80 -20.45
N LEU B 291 -18.21 -2.62 -21.37
CA LEU B 291 -18.29 -2.28 -22.79
C LEU B 291 -19.75 -2.20 -23.25
N LEU B 292 -20.58 -3.15 -22.83
CA LEU B 292 -22.00 -3.10 -23.20
C LEU B 292 -22.68 -1.87 -22.63
N HIS B 293 -22.38 -1.53 -21.37
CA HIS B 293 -22.95 -0.35 -20.75
C HIS B 293 -22.53 0.91 -21.50
N ARG B 294 -21.26 0.99 -21.90
CA ARG B 294 -20.79 2.14 -22.66
C ARG B 294 -21.47 2.23 -24.02
N ILE B 295 -21.71 1.09 -24.66
CA ILE B 295 -22.44 1.09 -25.93
C ILE B 295 -23.84 1.65 -25.72
N ALA B 296 -24.52 1.21 -24.65
CA ALA B 296 -25.85 1.73 -24.37
C ALA B 296 -25.83 3.23 -24.14
N MET B 297 -24.87 3.72 -23.36
CA MET B 297 -24.81 5.15 -23.07
C MET B 297 -24.52 5.97 -24.32
N VAL B 298 -23.58 5.53 -25.15
CA VAL B 298 -23.30 6.26 -26.38
C VAL B 298 -24.46 6.16 -27.37
N GLN B 299 -25.29 5.11 -27.26
CA GLN B 299 -26.53 5.09 -28.00
C GLN B 299 -27.50 6.15 -27.49
N LEU B 300 -27.54 6.35 -26.16
CA LEU B 300 -28.40 7.41 -25.62
C LEU B 300 -27.96 8.79 -26.09
N SER B 301 -26.66 9.05 -26.11
CA SER B 301 -26.15 10.36 -26.51
C SER B 301 -24.73 10.20 -27.05
N PRO B 302 -24.40 10.85 -28.16
CA PRO B 302 -23.05 10.69 -28.73
C PRO B 302 -21.94 11.19 -27.81
N ALA B 303 -22.25 12.08 -26.88
CA ALA B 303 -21.23 12.65 -26.00
C ALA B 303 -20.87 11.74 -24.84
N ALA B 304 -21.56 10.61 -24.68
CA ALA B 304 -21.25 9.69 -23.58
C ALA B 304 -19.84 9.14 -23.67
N LEU B 305 -19.25 9.09 -24.85
CA LEU B 305 -17.89 8.60 -25.02
C LEU B 305 -16.89 9.66 -24.56
N GLY B 306 -15.70 9.20 -24.18
CA GLY B 306 -14.62 10.10 -23.80
C GLY B 306 -13.34 9.80 -24.54
N ASN B 307 -12.21 10.30 -24.04
CA ASN B 307 -10.92 10.03 -24.65
C ASN B 307 -10.30 8.72 -24.18
N ASP B 308 -10.85 8.09 -23.13
CA ASP B 308 -10.33 6.81 -22.69
C ASP B 308 -10.50 5.75 -23.77
N MET B 309 -11.68 5.68 -24.37
CA MET B 309 -11.95 4.77 -25.47
C MET B 309 -11.70 5.41 -26.84
N ALA B 310 -10.80 6.39 -26.90
CA ALA B 310 -10.48 7.02 -28.18
C ALA B 310 -9.54 6.17 -29.02
N ALA B 311 -9.24 4.96 -28.59
CA ALA B 311 -8.46 4.04 -29.41
C ALA B 311 -9.35 3.13 -30.22
N ILE B 312 -10.51 2.75 -29.68
CA ILE B 312 -11.42 1.81 -30.31
C ILE B 312 -12.78 2.47 -30.51
N GLU B 313 -12.79 3.79 -30.65
CA GLU B 313 -14.06 4.51 -30.71
C GLU B 313 -14.79 4.25 -32.03
N LEU B 314 -14.06 3.96 -33.11
CA LEU B 314 -14.72 3.71 -34.38
C LEU B 314 -15.63 2.49 -34.31
N ARG B 315 -15.10 1.37 -33.83
CA ARG B 315 -15.89 0.16 -33.69
C ARG B 315 -17.02 0.35 -32.69
N MET B 316 -16.79 1.12 -31.61
CA MET B 316 -17.84 1.38 -30.64
C MET B 316 -18.98 2.19 -31.26
N ARG B 317 -18.65 3.20 -32.07
CA ARG B 317 -19.68 3.96 -32.76
C ARG B 317 -20.46 3.07 -33.70
N GLU B 318 -19.78 2.18 -34.43
CA GLU B 318 -20.49 1.27 -35.32
C GLU B 318 -21.42 0.34 -34.55
N LEU B 319 -20.93 -0.19 -33.41
CA LEU B 319 -21.77 -1.07 -32.60
C LEU B 319 -22.99 -0.32 -32.07
N ALA B 320 -22.80 0.92 -31.61
CA ALA B 320 -23.93 1.70 -31.14
C ALA B 320 -24.94 1.96 -32.25
N ARG B 321 -24.44 2.25 -33.46
CA ARG B 321 -25.33 2.52 -34.58
C ARG B 321 -26.12 1.28 -34.97
N THR B 322 -25.49 0.11 -34.98
CA THR B 322 -26.07 -1.06 -35.62
C THR B 322 -26.90 -1.95 -34.71
N ILE B 323 -26.77 -1.81 -33.39
CA ILE B 323 -27.36 -2.76 -32.44
C ILE B 323 -28.55 -2.10 -31.75
N PRO B 324 -29.75 -2.68 -31.85
CA PRO B 324 -30.89 -2.09 -31.16
C PRO B 324 -30.72 -2.16 -29.65
N PRO B 325 -31.28 -1.21 -28.91
CA PRO B 325 -31.11 -1.22 -27.44
C PRO B 325 -31.68 -2.46 -26.76
N THR B 326 -32.72 -3.08 -27.33
CA THR B 326 -33.27 -4.28 -26.71
C THR B 326 -32.27 -5.41 -26.70
N ASP B 327 -31.52 -5.58 -27.79
CA ASP B 327 -30.46 -6.58 -27.82
C ASP B 327 -29.39 -6.28 -26.78
N ILE B 328 -29.06 -5.00 -26.60
CA ILE B 328 -28.07 -4.62 -25.60
C ILE B 328 -28.57 -5.00 -24.21
N GLN B 329 -29.84 -4.72 -23.92
CA GLN B 329 -30.40 -5.07 -22.61
C GLN B 329 -30.39 -6.58 -22.39
N LEU B 330 -30.77 -7.34 -23.42
CA LEU B 330 -30.76 -8.80 -23.29
C LEU B 330 -29.36 -9.33 -23.05
N TYR B 331 -28.38 -8.83 -23.80
CA TYR B 331 -27.01 -9.28 -23.63
C TYR B 331 -26.48 -8.90 -22.25
N TYR B 332 -26.80 -7.70 -21.78
CA TYR B 332 -26.37 -7.28 -20.45
C TYR B 332 -26.96 -8.18 -19.37
N GLN B 333 -28.25 -8.52 -19.50
CA GLN B 333 -28.85 -9.42 -18.52
C GLN B 333 -28.20 -10.80 -18.57
N THR B 334 -27.93 -11.30 -19.77
CA THR B 334 -27.30 -12.62 -19.91
C THR B 334 -25.91 -12.63 -19.26
N LEU B 335 -25.12 -11.59 -19.52
CA LEU B 335 -23.79 -11.54 -18.93
C LEU B 335 -23.84 -11.32 -17.43
N LEU B 336 -24.82 -10.57 -16.94
CA LEU B 336 -24.97 -10.38 -15.50
C LEU B 336 -25.28 -11.71 -14.82
N ILE B 337 -26.21 -12.48 -15.36
CA ILE B 337 -26.52 -13.76 -14.74
C ILE B 337 -25.35 -14.74 -14.90
N GLY B 338 -24.62 -14.65 -16.02
CA GLY B 338 -23.43 -15.47 -16.17
C GLY B 338 -22.37 -15.17 -15.12
N ARG B 339 -22.14 -13.89 -14.84
CA ARG B 339 -21.21 -13.51 -13.78
C ARG B 339 -21.73 -13.94 -12.41
N LYS B 340 -23.04 -13.88 -12.20
CA LYS B 340 -23.60 -14.35 -10.94
C LYS B 340 -23.35 -15.84 -10.74
N GLU B 341 -23.50 -16.63 -11.81
CA GLU B 341 -23.36 -18.07 -11.72
C GLU B 341 -21.94 -18.57 -11.96
N LEU B 342 -21.01 -17.68 -12.29
CA LEU B 342 -19.64 -18.10 -12.61
C LEU B 342 -18.93 -18.81 -11.46
N PRO B 343 -18.93 -18.31 -10.22
CA PRO B 343 -18.13 -18.96 -9.18
C PRO B 343 -18.48 -20.42 -8.93
N TYR B 344 -19.75 -20.79 -9.03
CA TYR B 344 -20.18 -22.15 -8.74
C TYR B 344 -20.15 -23.05 -9.97
N ALA B 345 -19.79 -22.52 -11.13
CA ALA B 345 -19.66 -23.30 -12.35
C ALA B 345 -18.43 -24.20 -12.25
N PRO B 346 -18.18 -25.06 -13.25
CA PRO B 346 -16.87 -25.72 -13.31
C PRO B 346 -15.77 -24.71 -13.61
N ASP B 347 -14.54 -25.18 -13.86
CA ASP B 347 -13.42 -24.32 -14.18
C ASP B 347 -13.86 -23.16 -15.08
N ARG B 348 -13.63 -21.93 -14.61
CA ARG B 348 -14.34 -20.79 -15.17
C ARG B 348 -14.03 -20.57 -16.65
N ARG B 349 -12.96 -21.18 -17.16
CA ARG B 349 -12.68 -21.12 -18.59
C ARG B 349 -13.86 -21.60 -19.41
N MET B 350 -14.62 -22.58 -18.90
CA MET B 350 -15.81 -23.06 -19.58
C MET B 350 -17.09 -22.42 -19.10
N GLY B 351 -17.12 -21.88 -17.87
CA GLY B 351 -18.26 -21.12 -17.43
C GLY B 351 -18.47 -19.85 -18.26
N VAL B 352 -17.37 -19.13 -18.52
CA VAL B 352 -17.46 -17.97 -19.40
C VAL B 352 -17.89 -18.40 -20.80
N GLU B 353 -17.34 -19.52 -21.27
CA GLU B 353 -17.78 -20.04 -22.56
C GLU B 353 -19.28 -20.21 -22.59
N MET B 354 -19.84 -20.94 -21.63
CA MET B 354 -21.26 -21.24 -21.67
C MET B 354 -22.13 -20.00 -21.45
N THR B 355 -21.63 -19.01 -20.71
CA THR B 355 -22.36 -17.74 -20.65
C THR B 355 -22.42 -17.09 -22.03
N LEU B 356 -21.31 -17.13 -22.77
CA LEU B 356 -21.34 -16.66 -24.15
C LEU B 356 -22.26 -17.50 -25.03
N LEU B 357 -22.32 -18.81 -24.78
CA LEU B 357 -23.33 -19.68 -25.40
C LEU B 357 -24.74 -19.19 -25.16
N ARG B 358 -25.10 -18.92 -23.91
CA ARG B 358 -26.44 -18.42 -23.61
C ARG B 358 -26.69 -17.10 -24.34
N ALA B 359 -25.68 -16.24 -24.38
CA ALA B 359 -25.82 -14.99 -25.13
C ALA B 359 -26.07 -15.24 -26.61
N LEU B 360 -25.34 -16.21 -27.20
CA LEU B 360 -25.54 -16.54 -28.60
C LEU B 360 -26.88 -17.20 -28.86
N ALA B 361 -27.50 -17.79 -27.83
CA ALA B 361 -28.79 -18.45 -28.02
C ALA B 361 -29.87 -17.46 -28.46
N PHE B 362 -29.73 -16.18 -28.10
CA PHE B 362 -30.68 -15.15 -28.49
C PHE B 362 -30.41 -14.73 -29.93
N HIS B 363 -30.65 -15.68 -30.84
CA HIS B 363 -30.42 -15.46 -32.27
C HIS B 363 -31.71 -15.57 -33.06
N MET C 4 18.53 -41.14 -2.76
CA MET C 4 19.44 -40.02 -2.57
C MET C 4 18.70 -38.72 -2.23
N SER C 5 18.91 -37.65 -3.00
CA SER C 5 18.22 -36.39 -2.74
C SER C 5 17.10 -36.10 -3.70
N TYR C 6 17.29 -36.37 -4.99
CA TYR C 6 16.27 -36.16 -6.01
C TYR C 6 15.74 -34.73 -5.98
N GLN C 7 16.58 -33.77 -6.33
CA GLN C 7 16.20 -32.37 -6.28
C GLN C 7 14.93 -32.14 -7.09
N VAL C 8 14.03 -31.30 -6.56
CA VAL C 8 12.70 -31.14 -7.12
C VAL C 8 12.76 -30.89 -8.61
N LEU C 9 11.81 -31.49 -9.33
CA LEU C 9 11.79 -31.41 -10.80
C LEU C 9 11.90 -29.98 -11.29
N ALA C 10 11.16 -29.06 -10.66
CA ALA C 10 11.25 -27.66 -11.06
C ALA C 10 12.66 -27.12 -10.87
N ARG C 11 13.29 -27.47 -9.75
CA ARG C 11 14.64 -26.97 -9.49
C ARG C 11 15.67 -27.68 -10.37
N LYS C 12 15.58 -29.00 -10.49
CA LYS C 12 16.56 -29.74 -11.28
C LYS C 12 16.36 -29.51 -12.78
N TRP C 13 15.11 -29.58 -13.24
CA TRP C 13 14.81 -29.56 -14.66
C TRP C 13 14.43 -28.17 -15.15
N ARG C 14 14.84 -27.13 -14.44
CA ARG C 14 14.68 -25.77 -14.96
C ARG C 14 15.50 -25.62 -16.24
N PRO C 15 14.94 -25.00 -17.28
CA PRO C 15 15.68 -24.88 -18.54
C PRO C 15 16.97 -24.10 -18.37
N GLN C 16 17.99 -24.51 -19.12
CA GLN C 16 19.29 -23.86 -19.06
C GLN C 16 19.80 -23.48 -20.45
N THR C 17 18.98 -23.60 -21.48
CA THR C 17 19.37 -23.31 -22.85
C THR C 17 18.10 -23.11 -23.67
N PHE C 18 18.20 -22.29 -24.72
CA PHE C 18 17.05 -22.06 -25.58
C PHE C 18 16.64 -23.30 -26.36
N ALA C 19 17.46 -24.34 -26.37
CA ALA C 19 17.05 -25.63 -26.93
C ALA C 19 16.27 -26.47 -25.93
N ASP C 20 16.05 -25.96 -24.73
CA ASP C 20 15.32 -26.67 -23.68
C ASP C 20 13.92 -26.11 -23.44
N VAL C 21 13.77 -24.79 -23.52
CA VAL C 21 12.49 -24.15 -23.24
C VAL C 21 11.44 -24.63 -24.24
N VAL C 22 10.34 -25.18 -23.73
CA VAL C 22 9.24 -25.63 -24.56
C VAL C 22 8.20 -24.52 -24.68
N GLY C 23 7.71 -24.31 -25.89
CA GLY C 23 6.78 -23.22 -26.13
C GLY C 23 7.50 -21.89 -26.16
N GLN C 24 6.70 -20.83 -26.05
CA GLN C 24 7.19 -19.45 -26.05
C GLN C 24 8.05 -19.18 -27.27
N GLU C 25 7.63 -19.70 -28.43
CA GLU C 25 8.43 -19.60 -29.64
C GLU C 25 8.72 -18.15 -30.01
N HIS C 26 7.77 -17.25 -29.73
CA HIS C 26 7.96 -15.84 -30.10
C HIS C 26 9.09 -15.20 -29.30
N VAL C 27 9.08 -15.34 -27.97
CA VAL C 27 10.13 -14.72 -27.17
C VAL C 27 11.47 -15.40 -27.41
N LEU C 28 11.46 -16.73 -27.61
CA LEU C 28 12.71 -17.43 -27.90
C LEU C 28 13.32 -16.94 -29.20
N THR C 29 12.50 -16.83 -30.25
CA THR C 29 13.00 -16.32 -31.53
C THR C 29 13.49 -14.89 -31.38
N ALA C 30 12.75 -14.06 -30.65
CA ALA C 30 13.15 -12.67 -30.49
C ALA C 30 14.50 -12.57 -29.81
N LEU C 31 14.66 -13.25 -28.67
CA LEU C 31 15.93 -13.17 -27.94
C LEU C 31 17.09 -13.70 -28.77
N ALA C 32 16.91 -14.89 -29.37
CA ALA C 32 18.01 -15.48 -30.15
C ALA C 32 18.40 -14.59 -31.32
N ASN C 33 17.40 -14.11 -32.08
CA ASN C 33 17.69 -13.30 -33.25
C ASN C 33 18.30 -11.96 -32.88
N GLY C 34 17.81 -11.32 -31.81
CA GLY C 34 18.38 -10.06 -31.39
C GLY C 34 19.82 -10.19 -30.90
N LEU C 35 20.10 -11.26 -30.15
CA LEU C 35 21.47 -11.48 -29.71
C LEU C 35 22.37 -11.79 -30.90
N SER C 36 21.88 -12.54 -31.88
CA SER C 36 22.66 -12.81 -33.08
C SER C 36 22.97 -11.53 -33.84
N LEU C 37 21.98 -10.65 -33.97
CA LEU C 37 22.18 -9.39 -34.68
C LEU C 37 22.86 -8.33 -33.83
N GLY C 38 22.98 -8.55 -32.52
CA GLY C 38 23.63 -7.58 -31.67
C GLY C 38 22.79 -6.39 -31.28
N ARG C 39 21.48 -6.45 -31.54
CA ARG C 39 20.57 -5.36 -31.18
C ARG C 39 19.91 -5.71 -29.85
N ILE C 40 20.64 -5.47 -28.77
CA ILE C 40 20.21 -5.83 -27.43
C ILE C 40 19.61 -4.60 -26.78
N HIS C 41 18.29 -4.61 -26.59
CA HIS C 41 17.64 -3.53 -25.89
C HIS C 41 18.03 -3.56 -24.42
N HIS C 42 17.91 -2.40 -23.77
CA HIS C 42 18.27 -2.21 -22.38
C HIS C 42 17.13 -2.47 -21.41
N ALA C 43 15.93 -2.75 -21.91
CA ALA C 43 14.77 -2.93 -21.05
C ALA C 43 13.85 -3.98 -21.64
N TYR C 44 13.56 -5.02 -20.86
CA TYR C 44 12.72 -6.13 -21.28
C TYR C 44 11.56 -6.28 -20.30
N LEU C 45 10.40 -6.66 -20.82
CA LEU C 45 9.20 -6.89 -20.01
C LEU C 45 8.64 -8.25 -20.42
N PHE C 46 9.02 -9.29 -19.69
CA PHE C 46 8.38 -10.59 -19.84
C PHE C 46 7.08 -10.59 -19.04
N SER C 47 5.96 -10.77 -19.73
CA SER C 47 4.65 -10.75 -19.10
C SER C 47 3.90 -12.03 -19.44
N GLY C 48 3.44 -12.74 -18.41
CA GLY C 48 2.67 -13.95 -18.62
C GLY C 48 2.13 -14.45 -17.30
N THR C 49 1.29 -15.48 -17.38
CA THR C 49 0.75 -16.09 -16.17
C THR C 49 1.86 -16.85 -15.44
N ARG C 50 1.56 -17.31 -14.23
CA ARG C 50 2.58 -17.97 -13.41
C ARG C 50 3.08 -19.25 -14.04
N GLY C 51 4.39 -19.50 -13.88
CA GLY C 51 5.00 -20.74 -14.27
C GLY C 51 5.17 -20.97 -15.75
N VAL C 52 5.18 -19.91 -16.57
CA VAL C 52 5.33 -20.08 -18.01
C VAL C 52 6.75 -19.95 -18.50
N GLY C 53 7.66 -19.43 -17.68
CA GLY C 53 9.06 -19.38 -18.03
C GLY C 53 9.71 -18.00 -18.07
N LYS C 54 9.07 -16.98 -17.51
CA LYS C 54 9.66 -15.64 -17.56
C LYS C 54 10.99 -15.60 -16.85
N THR C 55 11.04 -16.08 -15.60
CA THR C 55 12.29 -16.06 -14.84
C THR C 55 13.35 -16.92 -15.52
N SER C 56 12.99 -18.13 -15.93
CA SER C 56 13.96 -19.03 -16.54
C SER C 56 14.49 -18.47 -17.84
N ILE C 57 13.61 -17.92 -18.69
CA ILE C 57 14.04 -17.34 -19.95
C ILE C 57 14.93 -16.13 -19.70
N ALA C 58 14.61 -15.34 -18.67
CA ALA C 58 15.44 -14.20 -18.33
C ALA C 58 16.84 -14.63 -17.90
N ARG C 59 16.92 -15.67 -17.08
CA ARG C 59 18.24 -16.21 -16.71
C ARG C 59 18.98 -16.70 -17.93
N LEU C 60 18.27 -17.33 -18.87
CA LEU C 60 18.92 -17.81 -20.09
C LEU C 60 19.46 -16.65 -20.92
N LEU C 61 18.68 -15.57 -21.02
CA LEU C 61 19.16 -14.39 -21.75
C LEU C 61 20.38 -13.79 -21.07
N ALA C 62 20.38 -13.74 -19.74
CA ALA C 62 21.54 -13.23 -19.01
C ALA C 62 22.76 -14.11 -19.27
N LYS C 63 22.56 -15.42 -19.32
CA LYS C 63 23.65 -16.32 -19.68
C LYS C 63 24.18 -16.00 -21.07
N GLY C 64 23.27 -15.80 -22.03
CA GLY C 64 23.70 -15.55 -23.39
C GLY C 64 24.46 -14.24 -23.55
N LEU C 65 24.05 -13.21 -22.79
CA LEU C 65 24.72 -11.92 -22.87
C LEU C 65 26.16 -12.00 -22.39
N ASN C 66 26.43 -12.77 -21.34
CA ASN C 66 27.69 -12.74 -20.64
C ASN C 66 28.48 -14.05 -20.76
N CYS C 67 28.32 -14.76 -21.87
CA CYS C 67 29.21 -15.88 -22.15
C CYS C 67 30.62 -15.36 -22.42
N GLU C 68 31.61 -16.03 -21.84
CA GLU C 68 32.98 -15.58 -22.04
C GLU C 68 33.43 -15.75 -23.48
N THR C 69 32.91 -16.77 -24.17
CA THR C 69 33.31 -16.99 -25.56
C THR C 69 32.88 -15.82 -26.45
N GLY C 70 31.66 -15.33 -26.27
CA GLY C 70 31.20 -14.22 -27.07
C GLY C 70 29.70 -14.03 -26.93
N ILE C 71 29.19 -13.10 -27.74
CA ILE C 71 27.76 -12.78 -27.76
C ILE C 71 27.08 -13.79 -28.68
N THR C 72 26.43 -14.80 -28.12
CA THR C 72 25.75 -15.83 -28.88
C THR C 72 24.25 -15.78 -28.60
N ALA C 73 23.46 -16.22 -29.59
CA ALA C 73 22.01 -16.22 -29.46
C ALA C 73 21.55 -16.99 -28.23
N THR C 74 21.81 -18.28 -28.23
CA THR C 74 21.56 -19.08 -27.05
C THR C 74 22.74 -18.95 -26.09
N PRO C 75 22.55 -19.24 -24.80
CA PRO C 75 23.71 -19.42 -23.94
C PRO C 75 24.64 -20.44 -24.55
N CYS C 76 25.80 -20.00 -25.03
CA CYS C 76 26.71 -20.88 -25.75
C CYS C 76 27.47 -21.71 -24.74
N GLY C 77 28.57 -22.34 -25.18
CA GLY C 77 29.33 -23.24 -24.34
C GLY C 77 29.48 -22.70 -22.94
N VAL C 78 28.86 -23.38 -21.99
CA VAL C 78 28.67 -22.85 -20.64
C VAL C 78 30.04 -22.74 -20.00
N CYS C 79 30.54 -21.51 -19.90
CA CYS C 79 31.78 -21.17 -19.25
C CYS C 79 31.51 -20.85 -17.79
N ASP C 80 32.50 -20.24 -17.14
CA ASP C 80 32.35 -19.86 -15.73
C ASP C 80 31.05 -19.09 -15.51
N ASN C 81 30.93 -17.91 -16.13
CA ASN C 81 29.81 -17.03 -15.85
C ASN C 81 28.49 -17.77 -15.94
N CYS C 82 28.31 -18.56 -17.00
CA CYS C 82 27.06 -19.30 -17.19
C CYS C 82 26.83 -20.30 -16.06
N ARG C 83 27.88 -21.02 -15.65
CA ARG C 83 27.66 -22.04 -14.63
C ARG C 83 27.46 -21.46 -13.24
N GLU C 84 28.05 -20.31 -12.90
CA GLU C 84 27.64 -19.70 -11.64
C GLU C 84 26.25 -19.09 -11.76
N ILE C 85 25.84 -18.69 -12.96
CA ILE C 85 24.46 -18.22 -13.13
C ILE C 85 23.47 -19.35 -12.85
N GLU C 86 23.73 -20.53 -13.43
CA GLU C 86 22.83 -21.66 -13.25
C GLU C 86 22.85 -22.19 -11.82
N GLN C 87 23.93 -21.95 -11.08
CA GLN C 87 24.00 -22.34 -9.68
C GLN C 87 23.30 -21.35 -8.76
N GLY C 88 22.83 -20.22 -9.30
CA GLY C 88 22.27 -19.17 -8.49
C GLY C 88 23.28 -18.19 -7.94
N ARG C 89 24.57 -18.40 -8.19
CA ARG C 89 25.60 -17.49 -7.71
C ARG C 89 25.73 -16.30 -8.64
N PHE C 90 26.09 -15.16 -8.06
CA PHE C 90 26.13 -13.92 -8.82
C PHE C 90 27.36 -13.84 -9.70
N VAL C 91 27.14 -13.72 -11.01
CA VAL C 91 28.11 -13.17 -11.93
C VAL C 91 27.64 -11.85 -12.51
N ASP C 92 26.39 -11.81 -12.98
CA ASP C 92 25.81 -10.57 -13.49
C ASP C 92 24.34 -10.42 -13.14
N LEU C 93 23.78 -11.24 -12.26
CA LEU C 93 22.34 -11.33 -12.05
C LEU C 93 21.97 -10.67 -10.72
N ILE C 94 21.54 -9.43 -10.77
CA ILE C 94 21.01 -8.75 -9.59
C ILE C 94 19.51 -9.01 -9.58
N GLU C 95 19.11 -10.08 -8.89
CA GLU C 95 17.71 -10.46 -8.80
C GLU C 95 17.04 -9.67 -7.69
N ILE C 96 16.09 -8.81 -8.06
CA ILE C 96 15.48 -7.85 -7.16
C ILE C 96 13.98 -8.14 -7.10
N ASP C 97 13.47 -8.39 -5.91
CA ASP C 97 12.03 -8.41 -5.69
C ASP C 97 11.52 -6.98 -5.58
N ALA C 98 10.50 -6.66 -6.39
CA ALA C 98 9.96 -5.31 -6.37
C ALA C 98 9.13 -5.02 -5.13
N ALA C 99 8.70 -6.05 -4.40
CA ALA C 99 7.87 -5.83 -3.22
C ALA C 99 8.63 -5.16 -2.10
N SER C 100 9.95 -5.38 -2.02
CA SER C 100 10.77 -4.77 -0.99
C SER C 100 11.29 -3.40 -1.37
N ARG C 101 11.15 -2.98 -2.64
CA ARG C 101 11.66 -1.70 -3.10
C ARG C 101 10.55 -0.87 -3.76
N THR C 102 9.31 -1.00 -3.27
CA THR C 102 8.22 -0.20 -3.81
C THR C 102 8.44 1.28 -3.57
N LYS C 103 8.94 1.63 -2.39
CA LYS C 103 9.16 3.04 -2.06
C LYS C 103 10.27 3.62 -2.92
N VAL C 104 10.10 4.90 -3.28
CA VAL C 104 11.12 5.60 -4.06
C VAL C 104 12.41 5.75 -3.26
N GLU C 105 12.31 5.77 -1.94
CA GLU C 105 13.50 5.91 -1.11
C GLU C 105 14.46 4.75 -1.27
N ASP C 106 13.98 3.60 -1.76
CA ASP C 106 14.83 2.46 -2.08
C ASP C 106 15.14 2.34 -3.56
N THR C 107 14.22 2.76 -4.43
CA THR C 107 14.51 2.80 -5.86
C THR C 107 15.65 3.77 -6.17
N ARG C 108 15.71 4.89 -5.45
CA ARG C 108 16.80 5.83 -5.63
C ARG C 108 18.14 5.20 -5.21
N ASP C 109 18.12 4.44 -4.11
CA ASP C 109 19.32 3.72 -3.70
C ASP C 109 19.74 2.70 -4.74
N LEU C 110 18.77 2.03 -5.36
CA LEU C 110 19.08 1.13 -6.47
C LEU C 110 19.70 1.89 -7.63
N LEU C 111 19.16 3.06 -7.96
CA LEU C 111 19.61 3.79 -9.14
C LEU C 111 21.01 4.36 -8.95
N ASP C 112 21.33 4.83 -7.76
CA ASP C 112 22.64 5.45 -7.58
C ASP C 112 23.77 4.43 -7.54
N ASN C 113 23.45 3.14 -7.55
CA ASN C 113 24.46 2.09 -7.64
C ASN C 113 24.67 1.57 -9.07
N VAL C 114 23.83 1.97 -10.02
CA VAL C 114 23.91 1.38 -11.35
C VAL C 114 25.18 1.80 -12.07
N GLN C 115 25.68 3.00 -11.81
CA GLN C 115 26.84 3.54 -12.51
C GLN C 115 28.11 2.96 -11.89
N TYR C 116 28.33 1.68 -12.14
CA TYR C 116 29.54 0.99 -11.70
C TYR C 116 29.79 -0.19 -12.64
N ALA C 117 31.05 -0.38 -13.01
CA ALA C 117 31.37 -1.44 -13.95
C ALA C 117 31.07 -2.81 -13.33
N PRO C 118 30.53 -3.75 -14.10
CA PRO C 118 30.31 -5.10 -13.56
C PRO C 118 31.62 -5.83 -13.36
N ALA C 119 31.60 -6.79 -12.42
CA ALA C 119 32.78 -7.59 -12.10
C ALA C 119 32.78 -8.85 -12.96
N ARG C 120 33.84 -9.03 -13.74
CA ARG C 120 34.07 -10.19 -14.60
C ARG C 120 32.87 -10.51 -15.50
N GLY C 121 31.99 -9.51 -15.72
CA GLY C 121 30.87 -9.68 -16.61
C GLY C 121 30.78 -8.51 -17.59
N ARG C 122 30.04 -8.75 -18.66
CA ARG C 122 29.86 -7.72 -19.67
C ARG C 122 28.66 -6.81 -19.40
N PHE C 123 27.76 -7.21 -18.50
CA PHE C 123 26.61 -6.41 -18.16
C PHE C 123 26.26 -6.64 -16.70
N LYS C 124 25.48 -5.72 -16.15
CA LYS C 124 24.98 -5.81 -14.78
C LYS C 124 23.46 -5.99 -14.89
N VAL C 125 23.05 -7.24 -15.05
CA VAL C 125 21.70 -7.55 -15.49
C VAL C 125 20.75 -7.48 -14.29
N TYR C 126 19.87 -6.49 -14.30
CA TYR C 126 18.88 -6.31 -13.23
C TYR C 126 17.64 -7.13 -13.56
N LEU C 127 17.24 -8.00 -12.64
CA LEU C 127 16.03 -8.81 -12.76
C LEU C 127 15.03 -8.31 -11.75
N ILE C 128 14.27 -7.29 -12.11
CA ILE C 128 13.26 -6.73 -11.22
C ILE C 128 11.98 -7.54 -11.44
N ASP C 129 11.78 -8.55 -10.61
CA ASP C 129 10.59 -9.39 -10.72
C ASP C 129 9.41 -8.69 -10.05
N GLU C 130 8.21 -9.19 -10.38
CA GLU C 130 6.93 -8.60 -9.98
C GLU C 130 6.97 -7.08 -10.08
N VAL C 131 7.47 -6.57 -11.20
CA VAL C 131 7.74 -5.14 -11.36
C VAL C 131 6.47 -4.32 -11.21
N HIS C 132 5.30 -4.91 -11.43
CA HIS C 132 4.05 -4.18 -11.27
C HIS C 132 3.78 -3.76 -9.83
N MET C 133 4.52 -4.30 -8.87
CA MET C 133 4.30 -4.01 -7.45
C MET C 133 4.97 -2.72 -7.01
N LEU C 134 5.74 -2.06 -7.87
CA LEU C 134 6.38 -0.81 -7.51
C LEU C 134 5.33 0.30 -7.36
N SER C 135 5.75 1.40 -6.75
CA SER C 135 4.86 2.55 -6.61
C SER C 135 5.09 3.54 -7.76
N ARG C 136 4.07 4.37 -8.01
CA ARG C 136 4.14 5.32 -9.11
C ARG C 136 5.34 6.25 -8.97
N HIS C 137 5.62 6.68 -7.73
CA HIS C 137 6.80 7.50 -7.49
C HIS C 137 8.06 6.74 -7.90
N SER C 138 8.14 5.46 -7.54
CA SER C 138 9.31 4.66 -7.91
C SER C 138 9.38 4.46 -9.42
N PHE C 139 8.23 4.25 -10.06
CA PHE C 139 8.22 4.12 -11.52
C PHE C 139 8.79 5.36 -12.19
N ASN C 140 8.31 6.54 -11.79
CA ASN C 140 8.81 7.77 -12.41
C ASN C 140 10.24 8.06 -11.99
N ALA C 141 10.68 7.56 -10.83
CA ALA C 141 12.06 7.76 -10.41
C ALA C 141 13.01 6.95 -11.28
N LEU C 142 12.71 5.67 -11.48
CA LEU C 142 13.54 4.83 -12.35
C LEU C 142 13.19 4.99 -13.82
N LEU C 143 12.24 5.89 -14.13
CA LEU C 143 11.94 6.24 -15.51
C LEU C 143 13.17 6.74 -16.26
N LYS C 144 13.92 7.66 -15.64
CA LYS C 144 15.09 8.21 -16.30
C LYS C 144 16.13 7.13 -16.58
N THR C 145 16.39 6.26 -15.61
CA THR C 145 17.35 5.19 -15.83
C THR C 145 16.85 4.18 -16.88
N LEU C 146 15.54 3.93 -16.93
CA LEU C 146 15.01 3.06 -17.97
C LEU C 146 15.23 3.64 -19.35
N GLU C 147 14.97 4.94 -19.52
CA GLU C 147 15.11 5.54 -20.84
C GLU C 147 16.55 5.44 -21.34
N GLU C 148 17.51 5.70 -20.46
CA GLU C 148 18.91 5.48 -20.80
C GLU C 148 19.70 5.02 -19.59
N PRO C 149 20.03 3.74 -19.49
CA PRO C 149 20.92 3.28 -18.45
C PRO C 149 22.36 3.34 -18.95
N PRO C 150 23.34 3.15 -18.05
CA PRO C 150 24.73 3.00 -18.53
C PRO C 150 24.85 1.82 -19.48
N GLU C 151 25.91 1.87 -20.29
CA GLU C 151 26.11 0.84 -21.32
C GLU C 151 26.13 -0.56 -20.72
N HIS C 152 26.64 -0.69 -19.49
CA HIS C 152 26.80 -1.98 -18.85
C HIS C 152 25.59 -2.41 -18.03
N VAL C 153 24.50 -1.64 -18.03
CA VAL C 153 23.33 -1.95 -17.22
C VAL C 153 22.19 -2.34 -18.15
N LYS C 154 21.64 -3.54 -17.93
CA LYS C 154 20.46 -4.02 -18.64
C LYS C 154 19.34 -4.23 -17.63
N PHE C 155 18.12 -4.01 -18.09
CA PHE C 155 16.93 -4.14 -17.24
C PHE C 155 16.06 -5.27 -17.77
N LEU C 156 15.79 -6.26 -16.93
CA LEU C 156 14.85 -7.33 -17.23
C LEU C 156 13.73 -7.26 -16.20
N LEU C 157 12.54 -6.87 -16.65
CA LEU C 157 11.38 -6.77 -15.78
C LEU C 157 10.42 -7.91 -16.10
N ALA C 158 9.98 -8.63 -15.07
CA ALA C 158 9.05 -9.74 -15.22
C ALA C 158 7.86 -9.52 -14.31
N THR C 159 6.66 -9.66 -14.86
CA THR C 159 5.44 -9.46 -14.09
C THR C 159 4.32 -10.26 -14.71
N THR C 160 3.25 -10.44 -13.94
CA THR C 160 2.11 -11.22 -14.38
C THR C 160 1.04 -10.36 -15.04
N ASP C 161 0.78 -9.17 -14.53
CA ASP C 161 -0.24 -8.27 -15.07
C ASP C 161 0.40 -6.99 -15.59
N PRO C 162 0.56 -6.85 -16.91
CA PRO C 162 1.12 -5.61 -17.45
C PRO C 162 0.15 -4.45 -17.45
N GLN C 163 -1.14 -4.69 -17.20
CA GLN C 163 -2.11 -3.61 -17.20
C GLN C 163 -1.90 -2.65 -16.04
N LYS C 164 -1.43 -3.15 -14.89
CA LYS C 164 -1.15 -2.30 -13.75
C LYS C 164 0.04 -1.37 -13.99
N LEU C 165 0.87 -1.64 -14.98
CA LEU C 165 2.01 -0.79 -15.26
C LEU C 165 1.55 0.53 -15.87
N PRO C 166 2.18 1.65 -15.53
CA PRO C 166 1.91 2.89 -16.24
C PRO C 166 2.33 2.78 -17.70
N VAL C 167 1.65 3.54 -18.55
CA VAL C 167 1.93 3.48 -19.98
C VAL C 167 3.31 4.04 -20.29
N THR C 168 3.80 4.97 -19.46
CA THR C 168 5.09 5.59 -19.73
C THR C 168 6.24 4.59 -19.63
N ILE C 169 6.25 3.78 -18.57
CA ILE C 169 7.29 2.75 -18.47
C ILE C 169 7.04 1.66 -19.50
N LEU C 170 5.77 1.37 -19.81
CA LEU C 170 5.45 0.39 -20.84
C LEU C 170 6.04 0.80 -22.18
N SER C 171 6.16 2.10 -22.44
CA SER C 171 6.71 2.56 -23.71
C SER C 171 8.17 2.16 -23.85
N ARG C 172 8.97 2.37 -22.81
CA ARG C 172 10.42 2.18 -22.88
C ARG C 172 10.82 0.76 -22.47
N CYS C 173 10.16 -0.24 -23.02
CA CYS C 173 10.46 -1.63 -22.73
C CYS C 173 10.08 -2.48 -23.95
N LEU C 174 10.92 -3.46 -24.26
CA LEU C 174 10.51 -4.48 -25.22
C LEU C 174 9.50 -5.39 -24.55
N GLN C 175 8.27 -5.39 -25.05
CA GLN C 175 7.20 -6.19 -24.46
C GLN C 175 7.21 -7.58 -25.08
N PHE C 176 7.22 -8.61 -24.23
CA PHE C 176 7.15 -10.00 -24.69
C PHE C 176 6.15 -10.72 -23.80
N HIS C 177 5.07 -11.20 -24.39
CA HIS C 177 4.04 -11.91 -23.64
C HIS C 177 4.18 -13.41 -23.87
N LEU C 178 4.15 -14.17 -22.78
CA LEU C 178 4.36 -15.61 -22.80
C LEU C 178 3.02 -16.31 -22.64
N LYS C 179 2.56 -16.97 -23.70
CA LYS C 179 1.29 -17.67 -23.65
C LYS C 179 1.39 -18.90 -22.76
N ALA C 180 0.26 -19.27 -22.16
CA ALA C 180 0.20 -20.49 -21.36
C ALA C 180 0.40 -21.71 -22.26
N LEU C 181 1.16 -22.67 -21.75
CA LEU C 181 1.52 -23.84 -22.56
C LEU C 181 0.33 -24.76 -22.73
N ASP C 182 0.22 -25.35 -23.92
CA ASP C 182 -0.85 -26.29 -24.20
C ASP C 182 -0.65 -27.60 -23.44
N VAL C 183 -1.73 -28.38 -23.32
CA VAL C 183 -1.68 -29.61 -22.55
C VAL C 183 -0.74 -30.62 -23.21
N GLU C 184 -0.68 -30.62 -24.55
CA GLU C 184 0.22 -31.56 -25.23
C GLU C 184 1.67 -31.25 -24.93
N GLN C 185 2.04 -29.96 -24.92
CA GLN C 185 3.41 -29.59 -24.59
C GLN C 185 3.75 -29.96 -23.15
N ILE C 186 2.79 -29.75 -22.23
CA ILE C 186 3.01 -30.09 -20.83
C ILE C 186 3.23 -31.59 -20.68
N ARG C 187 2.38 -32.40 -21.34
CA ARG C 187 2.54 -33.84 -21.28
C ARG C 187 3.85 -34.29 -21.90
N HIS C 188 4.25 -33.65 -23.00
CA HIS C 188 5.52 -33.97 -23.63
C HIS C 188 6.68 -33.70 -22.68
N GLN C 189 6.64 -32.55 -21.99
CA GLN C 189 7.71 -32.24 -21.05
C GLN C 189 7.74 -33.22 -19.89
N LEU C 190 6.56 -33.57 -19.35
CA LEU C 190 6.52 -34.52 -18.24
C LEU C 190 7.05 -35.88 -18.66
N GLU C 191 6.72 -36.31 -19.88
CA GLU C 191 7.27 -37.56 -20.39
C GLU C 191 8.78 -37.48 -20.53
N HIS C 192 9.30 -36.33 -21.01
CA HIS C 192 10.74 -36.13 -21.04
C HIS C 192 11.34 -36.31 -19.65
N ILE C 193 10.71 -35.69 -18.65
CA ILE C 193 11.25 -35.73 -17.29
C ILE C 193 11.26 -37.16 -16.77
N LEU C 194 10.17 -37.89 -16.97
CA LEU C 194 10.07 -39.23 -16.41
C LEU C 194 10.96 -40.23 -17.14
N ASN C 195 11.16 -40.06 -18.46
CA ASN C 195 12.15 -40.88 -19.15
C ASN C 195 13.56 -40.55 -18.67
N GLU C 196 13.83 -39.26 -18.41
CA GLU C 196 15.14 -38.85 -17.92
C GLU C 196 15.38 -39.23 -16.47
N GLU C 197 14.35 -39.60 -15.72
CA GLU C 197 14.48 -39.97 -14.31
C GLU C 197 14.27 -41.45 -14.05
N HIS C 198 14.15 -42.25 -15.10
CA HIS C 198 14.03 -43.71 -14.98
C HIS C 198 12.87 -44.10 -14.06
N ILE C 199 11.73 -43.46 -14.30
CA ILE C 199 10.50 -43.75 -13.57
C ILE C 199 9.44 -44.16 -14.59
N ALA C 200 8.84 -45.33 -14.39
CA ALA C 200 7.82 -45.82 -15.30
C ALA C 200 6.58 -44.94 -15.23
N HIS C 201 5.95 -44.73 -16.38
CA HIS C 201 4.78 -43.86 -16.47
C HIS C 201 3.75 -44.47 -17.42
N GLU C 202 2.50 -44.08 -17.22
CA GLU C 202 1.37 -44.49 -18.03
C GLU C 202 0.82 -43.31 -18.82
N PRO C 203 0.50 -43.49 -20.11
CA PRO C 203 0.04 -42.34 -20.91
C PRO C 203 -1.21 -41.67 -20.35
N ARG C 204 -2.15 -42.45 -19.82
CA ARG C 204 -3.37 -41.87 -19.27
C ARG C 204 -3.05 -40.98 -18.07
N ALA C 205 -2.14 -41.42 -17.21
CA ALA C 205 -1.76 -40.63 -16.05
C ALA C 205 -1.12 -39.31 -16.47
N LEU C 206 -0.23 -39.35 -17.47
CA LEU C 206 0.40 -38.13 -17.95
C LEU C 206 -0.62 -37.20 -18.57
N GLN C 207 -1.59 -37.74 -19.32
CA GLN C 207 -2.63 -36.90 -19.90
C GLN C 207 -3.47 -36.23 -18.82
N LEU C 208 -3.84 -36.99 -17.79
CA LEU C 208 -4.62 -36.43 -16.69
C LEU C 208 -3.84 -35.34 -15.96
N LEU C 209 -2.53 -35.57 -15.73
CA LEU C 209 -1.72 -34.56 -15.08
C LEU C 209 -1.61 -33.29 -15.93
N ALA C 210 -1.41 -33.46 -17.24
CA ALA C 210 -1.29 -32.31 -18.13
C ALA C 210 -2.58 -31.51 -18.15
N ARG C 211 -3.72 -32.19 -18.17
CA ARG C 211 -5.00 -31.48 -18.08
C ARG C 211 -5.14 -30.77 -16.73
N ALA C 212 -4.69 -31.40 -15.66
CA ALA C 212 -4.84 -30.83 -14.32
C ALA C 212 -4.11 -29.50 -14.22
N ALA C 213 -2.90 -29.41 -14.79
CA ALA C 213 -2.20 -28.15 -14.82
C ALA C 213 -2.92 -27.17 -15.74
N GLU C 214 -3.15 -25.96 -15.25
CA GLU C 214 -3.91 -24.95 -15.99
C GLU C 214 -3.00 -24.13 -16.89
N GLY C 215 -2.24 -24.82 -17.75
CA GLY C 215 -1.42 -24.15 -18.73
C GLY C 215 -0.03 -23.73 -18.28
N SER C 216 0.40 -24.09 -17.08
CA SER C 216 1.76 -23.81 -16.65
C SER C 216 2.44 -25.15 -16.39
N LEU C 217 3.76 -25.16 -16.54
CA LEU C 217 4.53 -26.36 -16.29
C LEU C 217 4.98 -26.43 -14.84
N ARG C 218 4.94 -25.31 -14.10
CA ARG C 218 5.24 -25.38 -12.67
C ARG C 218 4.18 -26.19 -11.93
N ASP C 219 2.90 -25.91 -12.19
CA ASP C 219 1.84 -26.71 -11.59
C ASP C 219 1.91 -28.15 -12.06
N ALA C 220 2.23 -28.36 -13.34
CA ALA C 220 2.34 -29.72 -13.84
C ALA C 220 3.46 -30.47 -13.14
N LEU C 221 4.59 -29.81 -12.89
CA LEU C 221 5.71 -30.47 -12.22
C LEU C 221 5.41 -30.72 -10.76
N SER C 222 4.76 -29.77 -10.07
CA SER C 222 4.38 -30.03 -8.68
C SER C 222 3.39 -31.18 -8.60
N LEU C 223 2.42 -31.22 -9.52
CA LEU C 223 1.47 -32.33 -9.54
C LEU C 223 2.16 -33.65 -9.87
N THR C 224 3.14 -33.62 -10.77
CA THR C 224 3.87 -34.84 -11.10
C THR C 224 4.70 -35.34 -9.92
N ASP C 225 5.31 -34.42 -9.16
CA ASP C 225 6.01 -34.81 -7.95
C ASP C 225 5.04 -35.41 -6.94
N GLN C 226 3.85 -34.82 -6.80
CA GLN C 226 2.86 -35.37 -5.88
C GLN C 226 2.41 -36.76 -6.33
N ALA C 227 2.25 -36.96 -7.64
CA ALA C 227 1.86 -38.27 -8.15
C ALA C 227 2.96 -39.30 -7.95
N ILE C 228 4.22 -38.91 -8.13
CA ILE C 228 5.33 -39.81 -7.88
C ILE C 228 5.37 -40.18 -6.41
N ALA C 229 5.13 -39.22 -5.52
CA ALA C 229 5.04 -39.53 -4.10
C ALA C 229 3.87 -40.46 -3.80
N SER C 230 2.75 -40.26 -4.50
CA SER C 230 1.60 -41.14 -4.31
C SER C 230 1.94 -42.58 -4.67
N GLY C 231 2.69 -42.77 -5.75
CA GLY C 231 3.24 -44.07 -6.10
C GLY C 231 4.52 -44.34 -5.34
N ASP C 232 5.33 -45.24 -5.90
CA ASP C 232 6.58 -45.67 -5.28
C ASP C 232 7.69 -45.48 -6.30
N GLY C 233 7.73 -44.29 -6.91
CA GLY C 233 8.65 -44.07 -8.02
C GLY C 233 8.04 -44.41 -9.36
N GLN C 234 6.72 -44.36 -9.45
CA GLN C 234 6.02 -44.54 -10.72
C GLN C 234 4.71 -43.79 -10.63
N VAL C 235 4.14 -43.49 -11.79
CA VAL C 235 2.85 -42.81 -11.89
C VAL C 235 1.89 -43.68 -12.67
N SER C 236 0.69 -43.85 -12.14
CA SER C 236 -0.32 -44.70 -12.74
C SER C 236 -1.65 -43.94 -12.83
N THR C 237 -2.56 -44.46 -13.64
CA THR C 237 -3.88 -43.87 -13.75
C THR C 237 -4.61 -43.90 -12.41
N GLN C 238 -4.49 -45.01 -11.68
CA GLN C 238 -5.10 -45.10 -10.36
C GLN C 238 -4.54 -44.03 -9.42
N ALA C 239 -3.21 -43.90 -9.37
CA ALA C 239 -2.59 -42.94 -8.46
C ALA C 239 -2.94 -41.51 -8.83
N VAL C 240 -2.87 -41.17 -10.11
CA VAL C 240 -3.17 -39.81 -10.55
C VAL C 240 -4.63 -39.48 -10.30
N SER C 241 -5.54 -40.42 -10.61
CA SER C 241 -6.96 -40.17 -10.39
C SER C 241 -7.27 -40.01 -8.91
N ALA C 242 -6.66 -40.82 -8.05
CA ALA C 242 -6.87 -40.66 -6.62
C ALA C 242 -6.31 -39.33 -6.12
N MET C 243 -5.16 -38.92 -6.65
CA MET C 243 -4.55 -37.65 -6.25
C MET C 243 -5.44 -36.47 -6.64
N LEU C 244 -5.91 -36.46 -7.88
CA LEU C 244 -6.76 -35.37 -8.35
C LEU C 244 -8.18 -35.46 -7.82
N GLY C 245 -8.64 -36.67 -7.52
CA GLY C 245 -10.00 -36.87 -7.08
C GLY C 245 -11.01 -37.08 -8.19
N THR C 246 -10.57 -37.03 -9.45
CA THR C 246 -11.48 -37.25 -10.57
C THR C 246 -11.91 -38.70 -10.63
N LEU C 247 -13.21 -38.92 -10.85
CA LEU C 247 -13.77 -40.26 -10.90
C LEU C 247 -13.66 -40.82 -12.32
N ASP C 248 -14.07 -42.08 -12.47
CA ASP C 248 -14.05 -42.72 -13.78
C ASP C 248 -15.18 -42.16 -14.64
N ASP C 249 -14.81 -41.63 -15.81
CA ASP C 249 -15.78 -40.93 -16.66
C ASP C 249 -16.99 -41.78 -16.98
N ASP C 250 -16.83 -43.11 -16.96
CA ASP C 250 -17.96 -44.00 -17.18
C ASP C 250 -19.07 -43.75 -16.15
N GLN C 251 -18.70 -43.53 -14.89
CA GLN C 251 -19.71 -43.36 -13.84
C GLN C 251 -20.54 -42.10 -14.04
N ALA C 252 -19.87 -40.95 -14.14
CA ALA C 252 -20.60 -39.69 -14.33
C ALA C 252 -21.35 -39.69 -15.65
N LEU C 253 -20.79 -40.34 -16.67
CA LEU C 253 -21.45 -40.36 -17.97
C LEU C 253 -22.68 -41.26 -17.97
N SER C 254 -22.62 -42.39 -17.27
CA SER C 254 -23.81 -43.20 -17.07
C SER C 254 -24.86 -42.44 -16.28
N LEU C 255 -24.43 -41.66 -15.29
CA LEU C 255 -25.39 -40.90 -14.50
C LEU C 255 -26.09 -39.81 -15.33
N VAL C 256 -25.33 -39.09 -16.16
CA VAL C 256 -25.96 -38.08 -17.00
C VAL C 256 -26.84 -38.74 -18.06
N GLU C 257 -26.42 -39.91 -18.59
CA GLU C 257 -27.28 -40.66 -19.50
C GLU C 257 -28.60 -41.03 -18.84
N ALA C 258 -28.55 -41.52 -17.61
CA ALA C 258 -29.77 -41.94 -16.94
C ALA C 258 -30.66 -40.74 -16.63
N MET C 259 -30.05 -39.60 -16.29
CA MET C 259 -30.84 -38.38 -16.08
C MET C 259 -31.53 -37.96 -17.38
N VAL C 260 -30.82 -38.04 -18.50
CA VAL C 260 -31.42 -37.69 -19.79
C VAL C 260 -32.55 -38.64 -20.14
N GLU C 261 -32.31 -39.95 -19.97
CA GLU C 261 -33.32 -40.96 -20.29
C GLU C 261 -34.48 -40.97 -19.30
N ALA C 262 -34.36 -40.23 -18.21
CA ALA C 262 -35.47 -39.99 -17.27
C ALA C 262 -35.90 -41.27 -16.55
N ASN C 263 -34.97 -42.19 -16.32
CA ASN C 263 -35.24 -43.34 -15.47
C ASN C 263 -34.62 -43.11 -14.09
N GLY C 264 -35.39 -43.41 -13.06
CA GLY C 264 -34.95 -43.14 -11.70
C GLY C 264 -34.10 -44.25 -11.10
N GLU C 265 -34.49 -45.50 -11.38
CA GLU C 265 -33.80 -46.63 -10.75
C GLU C 265 -32.34 -46.70 -11.16
N ARG C 266 -32.05 -46.44 -12.44
CA ARG C 266 -30.66 -46.43 -12.89
C ARG C 266 -29.87 -45.32 -12.20
N VAL C 267 -30.48 -44.15 -12.04
CA VAL C 267 -29.82 -43.05 -11.34
C VAL C 267 -29.50 -43.46 -9.90
N MET C 268 -30.46 -44.08 -9.22
CA MET C 268 -30.23 -44.51 -7.84
C MET C 268 -29.12 -45.53 -7.76
N ALA C 269 -29.10 -46.50 -8.68
CA ALA C 269 -28.06 -47.51 -8.67
C ALA C 269 -26.69 -46.88 -8.90
N LEU C 270 -26.60 -45.97 -9.86
CA LEU C 270 -25.32 -45.34 -10.14
C LEU C 270 -24.84 -44.51 -8.95
N ILE C 271 -25.74 -43.77 -8.31
CA ILE C 271 -25.30 -42.90 -7.22
C ILE C 271 -24.91 -43.73 -5.99
N ASN C 272 -25.67 -44.79 -5.68
CA ASN C 272 -25.28 -45.55 -4.49
C ASN C 272 -24.13 -46.51 -4.75
N GLU C 273 -23.78 -46.76 -6.02
CA GLU C 273 -22.49 -47.38 -6.29
C GLU C 273 -21.36 -46.36 -6.17
N ALA C 274 -21.57 -45.14 -6.65
CA ALA C 274 -20.54 -44.11 -6.55
C ALA C 274 -20.30 -43.69 -5.10
N ALA C 275 -21.28 -43.89 -4.23
CA ALA C 275 -21.09 -43.58 -2.81
C ALA C 275 -19.98 -44.42 -2.20
N ALA C 276 -19.92 -45.70 -2.55
CA ALA C 276 -18.95 -46.62 -1.96
C ALA C 276 -17.55 -46.49 -2.56
N ARG C 277 -17.38 -45.70 -3.61
CA ARG C 277 -16.09 -45.56 -4.25
C ARG C 277 -15.23 -44.45 -3.66
N GLY C 278 -15.73 -43.75 -2.64
CA GLY C 278 -14.96 -42.70 -1.99
C GLY C 278 -14.65 -41.51 -2.87
N ILE C 279 -15.61 -41.09 -3.70
CA ILE C 279 -15.46 -39.90 -4.53
C ILE C 279 -16.34 -38.80 -3.95
N GLU C 280 -15.76 -37.62 -3.74
CA GLU C 280 -16.50 -36.53 -3.13
C GLU C 280 -17.66 -36.11 -4.03
N TRP C 281 -18.82 -35.90 -3.41
CA TRP C 281 -20.06 -35.69 -4.16
C TRP C 281 -20.01 -34.39 -4.96
N GLU C 282 -19.40 -33.34 -4.40
CA GLU C 282 -19.32 -32.08 -5.11
C GLU C 282 -18.53 -32.23 -6.40
N ALA C 283 -17.50 -33.07 -6.40
CA ALA C 283 -16.76 -33.31 -7.63
C ALA C 283 -17.57 -34.15 -8.60
N LEU C 284 -18.48 -34.99 -8.09
CA LEU C 284 -19.41 -35.67 -8.98
C LEU C 284 -20.29 -34.66 -9.71
N LEU C 285 -20.82 -33.68 -8.98
CA LEU C 285 -21.61 -32.64 -9.61
C LEU C 285 -20.77 -31.82 -10.57
N VAL C 286 -19.53 -31.52 -10.20
CA VAL C 286 -18.64 -30.74 -11.06
C VAL C 286 -18.35 -31.49 -12.35
N GLU C 287 -18.09 -32.80 -12.24
CA GLU C 287 -17.84 -33.61 -13.43
C GLU C 287 -19.07 -33.67 -14.32
N MET C 288 -20.26 -33.83 -13.72
CA MET C 288 -21.48 -33.85 -14.52
C MET C 288 -21.70 -32.53 -15.23
N LEU C 289 -21.49 -31.41 -14.54
CA LEU C 289 -21.64 -30.10 -15.16
C LEU C 289 -20.60 -29.91 -16.26
N GLY C 290 -19.37 -30.36 -16.02
CA GLY C 290 -18.35 -30.28 -17.04
C GLY C 290 -18.72 -31.06 -18.28
N LEU C 291 -19.23 -32.28 -18.08
CA LEU C 291 -19.70 -33.06 -19.22
C LEU C 291 -20.83 -32.36 -19.94
N LEU C 292 -21.81 -31.85 -19.20
CA LEU C 292 -22.96 -31.18 -19.83
C LEU C 292 -22.51 -30.01 -20.68
N HIS C 293 -21.60 -29.19 -20.15
CA HIS C 293 -21.07 -28.10 -20.97
C HIS C 293 -20.26 -28.64 -22.14
N ARG C 294 -19.63 -29.80 -21.98
CA ARG C 294 -18.91 -30.39 -23.11
C ARG C 294 -19.86 -30.76 -24.24
N ILE C 295 -21.00 -31.38 -23.92
CA ILE C 295 -21.99 -31.67 -24.96
C ILE C 295 -22.55 -30.36 -25.54
N ALA C 296 -22.73 -29.34 -24.70
CA ALA C 296 -23.19 -28.05 -25.22
C ALA C 296 -22.20 -27.48 -26.24
N MET C 297 -20.91 -27.60 -25.94
CA MET C 297 -19.88 -27.13 -26.87
C MET C 297 -19.82 -27.98 -28.13
N VAL C 298 -20.03 -29.29 -28.00
CA VAL C 298 -20.13 -30.15 -29.17
C VAL C 298 -21.26 -29.69 -30.06
N GLN C 299 -22.38 -29.33 -29.44
CA GLN C 299 -23.51 -28.75 -30.17
C GLN C 299 -23.09 -27.47 -30.88
N LEU C 300 -22.35 -26.60 -30.18
CA LEU C 300 -21.83 -25.39 -30.80
C LEU C 300 -21.03 -25.73 -32.06
N SER C 301 -20.07 -26.64 -31.92
CA SER C 301 -19.17 -26.95 -33.01
C SER C 301 -18.56 -28.33 -32.79
N PRO C 302 -18.35 -29.11 -33.83
CA PRO C 302 -17.55 -30.34 -33.68
C PRO C 302 -16.11 -30.06 -33.30
N ALA C 303 -15.67 -28.80 -33.37
CA ALA C 303 -14.31 -28.46 -32.95
C ALA C 303 -14.12 -28.69 -31.46
N ALA C 304 -15.17 -28.52 -30.67
CA ALA C 304 -15.08 -28.62 -29.22
C ALA C 304 -15.52 -30.00 -28.76
N LEU C 305 -14.60 -30.96 -28.92
CA LEU C 305 -14.76 -32.30 -28.34
C LEU C 305 -13.68 -32.55 -27.31
N GLY C 306 -12.43 -32.30 -27.70
CA GLY C 306 -11.27 -32.57 -26.86
C GLY C 306 -10.50 -33.74 -27.47
N ASN C 307 -9.18 -33.58 -27.53
CA ASN C 307 -8.34 -34.67 -28.00
C ASN C 307 -8.47 -35.89 -27.09
N ASP C 308 -8.62 -35.65 -25.78
CA ASP C 308 -8.92 -36.72 -24.83
C ASP C 308 -10.41 -37.01 -24.87
N MET C 309 -10.91 -37.78 -23.90
CA MET C 309 -12.32 -38.19 -23.85
C MET C 309 -12.66 -39.02 -25.07
N ALA C 310 -11.65 -39.65 -25.67
CA ALA C 310 -11.88 -40.47 -26.86
C ALA C 310 -12.62 -41.75 -26.51
N ALA C 311 -12.40 -42.28 -25.30
CA ALA C 311 -13.08 -43.51 -24.90
C ALA C 311 -14.58 -43.33 -24.86
N ILE C 312 -15.06 -42.10 -24.72
CA ILE C 312 -16.49 -41.83 -24.59
C ILE C 312 -16.92 -40.76 -25.58
N GLU C 313 -16.12 -40.54 -26.63
CA GLU C 313 -16.43 -39.49 -27.60
C GLU C 313 -17.65 -39.84 -28.43
N LEU C 314 -17.78 -41.10 -28.85
CA LEU C 314 -18.96 -41.52 -29.61
C LEU C 314 -20.24 -41.20 -28.85
N ARG C 315 -20.23 -41.42 -27.54
CA ARG C 315 -21.42 -41.18 -26.73
C ARG C 315 -21.63 -39.68 -26.53
N MET C 316 -20.55 -38.90 -26.45
CA MET C 316 -20.68 -37.45 -26.50
C MET C 316 -21.46 -37.02 -27.74
N ARG C 317 -21.04 -37.52 -28.90
CA ARG C 317 -21.69 -37.13 -30.15
C ARG C 317 -23.14 -37.60 -30.19
N GLU C 318 -23.40 -38.80 -29.69
CA GLU C 318 -24.78 -39.30 -29.68
C GLU C 318 -25.68 -38.45 -28.79
N LEU C 319 -25.19 -38.08 -27.60
CA LEU C 319 -25.97 -37.22 -26.72
C LEU C 319 -26.18 -35.84 -27.33
N ALA C 320 -25.17 -35.32 -28.03
CA ALA C 320 -25.33 -34.04 -28.71
C ALA C 320 -26.40 -34.12 -29.80
N ARG C 321 -26.40 -35.22 -30.57
CA ARG C 321 -27.40 -35.39 -31.62
C ARG C 321 -28.80 -35.51 -31.03
N THR C 322 -28.94 -36.28 -29.96
CA THR C 322 -30.27 -36.60 -29.44
C THR C 322 -30.91 -35.38 -28.76
N ILE C 323 -30.14 -34.68 -27.92
CA ILE C 323 -30.71 -33.69 -27.02
C ILE C 323 -30.65 -32.29 -27.62
N PRO C 324 -31.77 -31.58 -27.68
CA PRO C 324 -31.76 -30.19 -28.17
C PRO C 324 -31.06 -29.28 -27.18
N PRO C 325 -30.54 -28.14 -27.65
CA PRO C 325 -29.79 -27.25 -26.74
C PRO C 325 -30.59 -26.74 -25.57
N THR C 326 -31.90 -26.55 -25.72
CA THR C 326 -32.71 -26.04 -24.61
C THR C 326 -32.70 -27.01 -23.44
N ASP C 327 -32.82 -28.32 -23.71
CA ASP C 327 -32.79 -29.31 -22.64
C ASP C 327 -31.43 -29.32 -21.96
N ILE C 328 -30.35 -29.17 -22.74
CA ILE C 328 -29.01 -29.12 -22.15
C ILE C 328 -28.88 -27.91 -21.24
N GLN C 329 -29.38 -26.76 -21.68
CA GLN C 329 -29.36 -25.57 -20.84
C GLN C 329 -30.15 -25.79 -19.56
N LEU C 330 -31.31 -26.41 -19.66
CA LEU C 330 -32.13 -26.68 -18.48
C LEU C 330 -31.39 -27.59 -17.50
N TYR C 331 -30.80 -28.67 -18.01
CA TYR C 331 -30.07 -29.59 -17.13
C TYR C 331 -28.88 -28.90 -16.47
N TYR C 332 -28.13 -28.11 -17.25
CA TYR C 332 -26.97 -27.43 -16.70
C TYR C 332 -27.38 -26.42 -15.64
N GLN C 333 -28.46 -25.66 -15.89
CA GLN C 333 -28.93 -24.72 -14.88
C GLN C 333 -29.38 -25.43 -13.62
N THR C 334 -30.11 -26.55 -13.77
CA THR C 334 -30.56 -27.28 -12.60
C THR C 334 -29.37 -27.80 -11.79
N LEU C 335 -28.38 -28.38 -12.46
CA LEU C 335 -27.23 -28.92 -11.76
C LEU C 335 -26.38 -27.82 -11.13
N LEU C 336 -26.26 -26.67 -11.81
CA LEU C 336 -25.51 -25.56 -11.25
C LEU C 336 -26.19 -25.00 -10.00
N ILE C 337 -27.51 -24.84 -10.05
CA ILE C 337 -28.24 -24.38 -8.88
C ILE C 337 -28.12 -25.40 -7.75
N GLY C 338 -28.19 -26.69 -8.09
CA GLY C 338 -28.02 -27.71 -7.07
C GLY C 338 -26.64 -27.68 -6.42
N ARG C 339 -25.60 -27.49 -7.23
CA ARG C 339 -24.25 -27.41 -6.67
C ARG C 339 -24.09 -26.18 -5.78
N LYS C 340 -24.65 -25.04 -6.21
CA LYS C 340 -24.63 -23.85 -5.37
C LYS C 340 -25.41 -24.02 -4.08
N GLU C 341 -26.50 -24.79 -4.11
CA GLU C 341 -27.31 -25.05 -2.93
C GLU C 341 -26.75 -26.17 -2.06
N LEU C 342 -25.79 -26.93 -2.57
CA LEU C 342 -25.26 -28.08 -1.85
C LEU C 342 -24.77 -27.79 -0.43
N PRO C 343 -24.05 -26.71 -0.14
CA PRO C 343 -23.59 -26.51 1.24
C PRO C 343 -24.72 -26.43 2.27
N TYR C 344 -25.92 -26.01 1.86
CA TYR C 344 -27.03 -25.87 2.78
C TYR C 344 -27.97 -27.06 2.77
N ALA C 345 -27.66 -28.10 2.00
CA ALA C 345 -28.44 -29.34 2.04
C ALA C 345 -28.16 -30.09 3.34
N PRO C 346 -29.08 -30.97 3.76
CA PRO C 346 -28.81 -31.75 4.99
C PRO C 346 -27.54 -32.58 4.90
N ASP C 347 -27.26 -33.14 3.72
CA ASP C 347 -26.04 -33.91 3.50
C ASP C 347 -25.61 -33.69 2.06
N ARG C 348 -24.30 -33.83 1.82
CA ARG C 348 -23.77 -33.64 0.47
C ARG C 348 -24.36 -34.67 -0.48
N ARG C 349 -24.38 -35.94 -0.06
CA ARG C 349 -25.07 -36.96 -0.85
C ARG C 349 -26.55 -36.65 -0.96
N MET C 350 -27.15 -36.17 0.13
CA MET C 350 -28.55 -35.77 0.10
C MET C 350 -28.78 -34.68 -0.94
N GLY C 351 -27.90 -33.67 -0.95
CA GLY C 351 -28.04 -32.58 -1.90
C GLY C 351 -27.87 -33.02 -3.34
N VAL C 352 -26.87 -33.87 -3.61
CA VAL C 352 -26.67 -34.34 -4.98
C VAL C 352 -27.86 -35.17 -5.43
N GLU C 353 -28.36 -36.05 -4.56
CA GLU C 353 -29.51 -36.87 -4.91
C GLU C 353 -30.73 -36.00 -5.18
N MET C 354 -30.97 -34.98 -4.35
CA MET C 354 -32.12 -34.11 -4.58
C MET C 354 -31.97 -33.29 -5.84
N THR C 355 -30.74 -32.84 -6.15
CA THR C 355 -30.52 -32.10 -7.39
C THR C 355 -30.82 -32.97 -8.61
N LEU C 356 -30.32 -34.21 -8.59
CA LEU C 356 -30.61 -35.12 -9.69
C LEU C 356 -32.10 -35.41 -9.80
N LEU C 357 -32.77 -35.62 -8.66
CA LEU C 357 -34.20 -35.89 -8.69
C LEU C 357 -34.98 -34.66 -9.17
N ARG C 358 -34.50 -33.46 -8.87
CA ARG C 358 -35.12 -32.25 -9.39
C ARG C 358 -34.98 -32.15 -10.90
N ALA C 359 -33.79 -32.46 -11.41
CA ALA C 359 -33.61 -32.52 -12.85
C ALA C 359 -34.54 -33.56 -13.48
N LEU C 360 -34.76 -34.66 -12.78
CA LEU C 360 -35.68 -35.70 -13.25
C LEU C 360 -37.12 -35.20 -13.27
N ALA C 361 -37.56 -34.55 -12.19
CA ALA C 361 -38.95 -34.13 -12.08
C ALA C 361 -39.31 -33.07 -13.10
N PHE C 362 -38.40 -32.12 -13.34
CA PHE C 362 -38.60 -31.09 -14.35
C PHE C 362 -38.00 -31.48 -15.69
N HIS C 363 -37.97 -32.77 -16.00
CA HIS C 363 -37.42 -33.24 -17.26
C HIS C 363 -38.22 -32.66 -18.41
N PRO C 364 -37.57 -32.04 -19.41
CA PRO C 364 -38.32 -31.40 -20.51
C PRO C 364 -39.17 -32.36 -21.32
N ARG C 365 -38.78 -33.63 -21.44
CA ARG C 365 -39.48 -34.56 -22.32
C ARG C 365 -40.22 -35.65 -21.55
N MET C 366 -39.60 -36.25 -20.54
CA MET C 366 -40.22 -37.31 -19.74
C MET C 366 -40.16 -36.91 -18.27
N PRO C 367 -41.06 -36.03 -17.83
CA PRO C 367 -41.10 -35.67 -16.41
C PRO C 367 -41.62 -36.83 -15.57
N LEU C 368 -41.36 -36.73 -14.27
CA LEU C 368 -41.86 -37.74 -13.35
C LEU C 368 -43.37 -37.76 -13.36
N PRO C 369 -44.00 -38.94 -13.33
CA PRO C 369 -45.46 -39.00 -13.29
C PRO C 369 -46.01 -38.31 -12.06
N GLU C 370 -47.14 -37.63 -12.23
CA GLU C 370 -47.76 -36.87 -11.17
C GLU C 370 -49.15 -37.45 -10.85
N PRO C 371 -49.62 -37.28 -9.60
CA PRO C 371 -50.96 -37.77 -9.24
C PRO C 371 -52.07 -36.90 -9.83
N SER D 5 -2.03 -31.22 34.19
CA SER D 5 -1.82 -30.91 32.78
C SER D 5 -2.97 -31.43 31.93
N TYR D 6 -4.19 -31.07 32.30
CA TYR D 6 -5.37 -31.53 31.56
C TYR D 6 -5.40 -30.90 30.17
N GLN D 7 -5.79 -31.69 29.18
CA GLN D 7 -5.96 -31.22 27.82
C GLN D 7 -7.30 -31.68 27.28
N VAL D 8 -7.98 -30.80 26.55
CA VAL D 8 -9.28 -31.10 25.95
C VAL D 8 -9.10 -32.15 24.87
N LEU D 9 -10.21 -32.73 24.41
CA LEU D 9 -10.15 -33.91 23.56
C LEU D 9 -9.29 -33.69 22.32
N ALA D 10 -9.45 -32.55 21.66
CA ALA D 10 -8.75 -32.29 20.40
C ALA D 10 -7.24 -32.35 20.56
N ARG D 11 -6.68 -31.48 21.41
CA ARG D 11 -5.24 -31.44 21.57
C ARG D 11 -4.71 -32.66 22.31
N LYS D 12 -5.48 -33.16 23.29
CA LYS D 12 -5.06 -34.37 24.00
C LYS D 12 -5.00 -35.58 23.09
N TRP D 13 -5.77 -35.58 22.00
CA TRP D 13 -5.75 -36.68 21.04
C TRP D 13 -5.20 -36.25 19.69
N ARG D 14 -4.28 -35.29 19.68
CA ARG D 14 -3.62 -34.92 18.44
C ARG D 14 -2.86 -36.12 17.90
N PRO D 15 -2.94 -36.40 16.59
CA PRO D 15 -2.18 -37.52 16.04
C PRO D 15 -0.69 -37.35 16.27
N GLN D 16 -0.04 -38.44 16.66
CA GLN D 16 1.39 -38.42 16.92
C GLN D 16 2.19 -39.26 15.93
N THR D 17 1.55 -40.15 15.19
CA THR D 17 2.19 -40.90 14.14
C THR D 17 1.25 -40.96 12.93
N PHE D 18 1.79 -41.38 11.79
CA PHE D 18 0.99 -41.51 10.59
C PHE D 18 -0.10 -42.57 10.74
N ALA D 19 0.06 -43.50 11.68
CA ALA D 19 -0.96 -44.51 11.93
C ALA D 19 -2.11 -44.00 12.80
N ASP D 20 -1.96 -42.83 13.42
CA ASP D 20 -2.99 -42.29 14.29
C ASP D 20 -3.86 -41.25 13.60
N VAL D 21 -3.67 -41.02 12.31
CA VAL D 21 -4.42 -40.01 11.57
C VAL D 21 -5.67 -40.64 10.98
N VAL D 22 -6.82 -40.03 11.23
CA VAL D 22 -8.09 -40.53 10.72
C VAL D 22 -8.26 -40.08 9.27
N GLY D 23 -8.45 -41.04 8.37
CA GLY D 23 -8.63 -40.70 6.99
C GLY D 23 -7.39 -40.07 6.39
N GLN D 24 -7.62 -39.23 5.37
CA GLN D 24 -6.54 -38.52 4.69
C GLN D 24 -5.49 -39.48 4.14
N GLU D 25 -5.90 -40.70 3.82
CA GLU D 25 -4.95 -41.69 3.33
C GLU D 25 -4.33 -41.27 2.02
N HIS D 26 -5.06 -40.50 1.20
CA HIS D 26 -4.55 -40.06 -0.09
C HIS D 26 -3.37 -39.12 0.04
N VAL D 27 -3.21 -38.45 1.17
CA VAL D 27 -2.06 -37.58 1.37
C VAL D 27 -1.05 -38.27 2.28
N LEU D 28 -1.53 -39.10 3.20
CA LEU D 28 -0.61 -39.81 4.08
C LEU D 28 0.26 -40.80 3.30
N THR D 29 -0.32 -41.50 2.33
CA THR D 29 0.44 -42.43 1.51
C THR D 29 1.55 -41.70 0.75
N ALA D 30 1.19 -40.58 0.11
CA ALA D 30 2.17 -39.81 -0.63
C ALA D 30 3.25 -39.25 0.28
N LEU D 31 2.85 -38.79 1.48
CA LEU D 31 3.81 -38.22 2.42
C LEU D 31 4.80 -39.27 2.89
N ALA D 32 4.30 -40.45 3.28
CA ALA D 32 5.18 -41.51 3.75
C ALA D 32 6.10 -41.98 2.63
N ASN D 33 5.58 -42.11 1.41
CA ASN D 33 6.42 -42.57 0.32
C ASN D 33 7.46 -41.51 -0.08
N GLY D 34 7.11 -40.23 0.04
CA GLY D 34 8.10 -39.19 -0.20
C GLY D 34 9.20 -39.20 0.85
N LEU D 35 8.83 -39.44 2.11
CA LEU D 35 9.84 -39.55 3.16
C LEU D 35 10.75 -40.75 2.93
N SER D 36 10.17 -41.89 2.56
CA SER D 36 10.96 -43.11 2.40
C SER D 36 11.83 -43.07 1.16
N LEU D 37 11.27 -42.63 0.03
CA LEU D 37 11.96 -42.67 -1.25
C LEU D 37 13.03 -41.60 -1.39
N GLY D 38 13.11 -40.64 -0.46
CA GLY D 38 14.04 -39.55 -0.58
C GLY D 38 13.58 -38.39 -1.43
N ARG D 39 12.38 -38.48 -2.01
CA ARG D 39 11.80 -37.38 -2.78
C ARG D 39 11.03 -36.49 -1.80
N ILE D 40 11.65 -35.38 -1.42
CA ILE D 40 11.07 -34.44 -0.46
C ILE D 40 11.04 -33.06 -1.09
N HIS D 41 9.87 -32.44 -1.13
CA HIS D 41 9.71 -31.09 -1.64
C HIS D 41 10.15 -30.08 -0.58
N HIS D 42 10.39 -28.86 -1.02
CA HIS D 42 10.75 -27.78 -0.10
C HIS D 42 9.56 -26.95 0.34
N ALA D 43 8.37 -27.19 -0.21
CA ALA D 43 7.19 -26.38 0.11
C ALA D 43 5.95 -27.24 0.01
N TYR D 44 5.24 -27.40 1.12
CA TYR D 44 4.01 -28.17 1.18
C TYR D 44 2.89 -27.27 1.70
N LEU D 45 1.77 -27.24 0.97
CA LEU D 45 0.58 -26.50 1.39
C LEU D 45 -0.53 -27.51 1.64
N PHE D 46 -0.87 -27.70 2.91
CA PHE D 46 -1.99 -28.56 3.30
C PHE D 46 -3.23 -27.68 3.42
N SER D 47 -4.18 -27.88 2.52
CA SER D 47 -5.37 -27.04 2.45
C SER D 47 -6.62 -27.88 2.68
N GLY D 48 -7.54 -27.36 3.48
CA GLY D 48 -8.77 -28.05 3.76
C GLY D 48 -9.60 -27.22 4.72
N THR D 49 -10.78 -27.74 5.04
CA THR D 49 -11.65 -27.06 5.98
C THR D 49 -11.10 -27.21 7.39
N ARG D 50 -11.86 -26.69 8.36
CA ARG D 50 -11.44 -26.74 9.75
C ARG D 50 -11.47 -28.18 10.27
N GLY D 51 -10.54 -28.49 11.16
CA GLY D 51 -10.56 -29.76 11.87
C GLY D 51 -10.45 -30.99 11.01
N VAL D 52 -9.54 -30.99 10.03
CA VAL D 52 -9.32 -32.17 9.20
C VAL D 52 -7.90 -32.70 9.30
N GLY D 53 -6.97 -31.96 9.90
CA GLY D 53 -5.65 -32.47 10.16
C GLY D 53 -4.49 -31.77 9.47
N LYS D 54 -4.68 -30.55 8.97
CA LYS D 54 -3.58 -29.86 8.27
C LYS D 54 -2.41 -29.61 9.21
N THR D 55 -2.68 -29.03 10.38
CA THR D 55 -1.61 -28.78 11.34
C THR D 55 -1.01 -30.08 11.85
N SER D 56 -1.86 -31.07 12.14
CA SER D 56 -1.35 -32.35 12.64
C SER D 56 -0.46 -33.03 11.61
N ILE D 57 -0.89 -33.06 10.35
CA ILE D 57 -0.08 -33.69 9.31
C ILE D 57 1.20 -32.91 9.09
N ALA D 58 1.14 -31.57 9.15
CA ALA D 58 2.34 -30.77 9.01
C ALA D 58 3.33 -31.04 10.13
N ARG D 59 2.84 -31.15 11.36
CA ARG D 59 3.72 -31.47 12.48
C ARG D 59 4.32 -32.85 12.36
N LEU D 60 3.54 -33.83 11.89
CA LEU D 60 4.08 -35.16 11.67
C LEU D 60 5.17 -35.14 10.60
N LEU D 61 4.96 -34.38 9.53
CA LEU D 61 5.98 -34.25 8.50
C LEU D 61 7.24 -33.60 9.06
N ALA D 62 7.07 -32.57 9.89
CA ALA D 62 8.23 -31.94 10.52
C ALA D 62 8.98 -32.92 11.40
N LYS D 63 8.25 -33.73 12.18
CA LYS D 63 8.88 -34.73 13.02
C LYS D 63 9.68 -35.73 12.18
N GLY D 64 9.05 -36.24 11.11
CA GLY D 64 9.71 -37.25 10.30
C GLY D 64 10.93 -36.71 9.56
N LEU D 65 10.86 -35.46 9.12
CA LEU D 65 11.92 -34.91 8.27
C LEU D 65 13.26 -34.84 9.01
N ASN D 66 13.24 -34.42 10.27
CA ASN D 66 14.48 -34.10 10.98
C ASN D 66 14.72 -35.00 12.18
N CYS D 67 14.16 -36.21 12.18
CA CYS D 67 14.48 -37.17 13.23
C CYS D 67 15.96 -37.56 13.13
N GLU D 68 16.64 -37.58 14.28
CA GLU D 68 18.07 -37.91 14.26
C GLU D 68 18.31 -39.39 14.00
N THR D 69 17.27 -40.22 14.00
CA THR D 69 17.37 -41.59 13.52
C THR D 69 17.28 -41.67 12.00
N GLY D 70 17.46 -40.55 11.31
CA GLY D 70 17.35 -40.47 9.87
C GLY D 70 15.98 -40.00 9.42
N ILE D 71 15.92 -39.53 8.18
CA ILE D 71 14.66 -39.13 7.57
C ILE D 71 13.79 -40.37 7.45
N THR D 72 12.71 -40.42 8.22
CA THR D 72 11.87 -41.60 8.29
C THR D 72 10.40 -41.22 8.15
N ALA D 73 9.61 -42.15 7.63
CA ALA D 73 8.16 -41.98 7.57
C ALA D 73 7.47 -42.35 8.87
N THR D 74 8.20 -42.95 9.81
CA THR D 74 7.65 -43.35 11.12
C THR D 74 8.54 -42.76 12.20
N PRO D 75 8.28 -41.53 12.63
CA PRO D 75 9.07 -40.93 13.70
C PRO D 75 8.96 -41.74 14.98
N CYS D 76 10.07 -41.85 15.71
CA CYS D 76 10.10 -42.65 16.93
C CYS D 76 9.18 -42.04 18.00
N GLY D 77 9.21 -40.73 18.15
CA GLY D 77 8.45 -40.06 19.18
C GLY D 77 9.13 -40.00 20.53
N VAL D 78 10.27 -40.65 20.69
CA VAL D 78 11.03 -40.59 21.93
C VAL D 78 12.33 -39.81 21.78
N CYS D 79 12.74 -39.49 20.56
CA CYS D 79 14.00 -38.80 20.34
C CYS D 79 13.88 -37.34 20.78
N ASP D 80 15.03 -36.68 20.83
CA ASP D 80 15.05 -35.27 21.25
C ASP D 80 14.26 -34.41 20.29
N ASN D 81 14.51 -34.56 18.98
CA ASN D 81 13.84 -33.72 18.00
C ASN D 81 12.34 -33.96 17.98
N CYS D 82 11.92 -35.24 18.05
CA CYS D 82 10.49 -35.54 18.03
C CYS D 82 9.79 -34.93 19.23
N ARG D 83 10.34 -35.11 20.44
CA ARG D 83 9.69 -34.54 21.62
C ARG D 83 9.68 -33.02 21.57
N GLU D 84 10.77 -32.40 21.11
CA GLU D 84 10.81 -30.94 21.07
C GLU D 84 9.82 -30.38 20.04
N ILE D 85 9.66 -31.06 18.90
CA ILE D 85 8.69 -30.62 17.91
C ILE D 85 7.27 -30.84 18.42
N GLU D 86 7.04 -31.96 19.12
CA GLU D 86 5.72 -32.23 19.68
C GLU D 86 5.34 -31.18 20.71
N GLN D 87 6.29 -30.77 21.54
CA GLN D 87 6.04 -29.75 22.55
C GLN D 87 6.09 -28.34 21.99
N GLY D 88 6.55 -28.17 20.75
CA GLY D 88 6.63 -26.85 20.14
C GLY D 88 7.83 -26.03 20.54
N ARG D 89 8.78 -26.60 21.28
CA ARG D 89 9.95 -25.87 21.75
C ARG D 89 11.14 -25.99 20.81
N PHE D 90 10.98 -26.63 19.66
CA PHE D 90 12.09 -26.80 18.73
C PHE D 90 12.38 -25.50 18.00
N VAL D 91 13.66 -25.10 17.97
CA VAL D 91 14.03 -23.84 17.35
C VAL D 91 13.95 -23.90 15.83
N ASP D 92 14.26 -25.05 15.22
CA ASP D 92 14.27 -25.13 13.77
C ASP D 92 12.87 -25.23 13.17
N LEU D 93 11.85 -25.41 13.99
CA LEU D 93 10.46 -25.37 13.55
C LEU D 93 9.87 -24.05 14.01
N ILE D 94 9.75 -23.11 13.09
CA ILE D 94 9.23 -21.77 13.38
C ILE D 94 7.77 -21.75 12.95
N GLU D 95 6.87 -21.60 13.92
CA GLU D 95 5.44 -21.57 13.66
C GLU D 95 4.99 -20.11 13.62
N ILE D 96 4.51 -19.68 12.46
CA ILE D 96 4.15 -18.29 12.21
C ILE D 96 2.66 -18.24 11.88
N ASP D 97 2.00 -17.21 12.40
CA ASP D 97 0.63 -16.89 12.03
C ASP D 97 0.69 -15.72 11.06
N ALA D 98 0.20 -15.94 9.84
CA ALA D 98 0.37 -14.95 8.79
C ALA D 98 -0.34 -13.65 9.13
N ALA D 99 -1.54 -13.73 9.71
CA ALA D 99 -2.26 -12.53 10.09
C ALA D 99 -1.50 -11.74 11.16
N SER D 100 -0.94 -12.43 12.14
CA SER D 100 -0.20 -11.74 13.20
C SER D 100 1.03 -11.04 12.64
N ARG D 101 1.76 -11.70 11.74
CA ARG D 101 3.00 -11.16 11.18
C ARG D 101 2.84 -11.05 9.67
N THR D 102 2.25 -9.93 9.24
CA THR D 102 2.14 -9.58 7.81
C THR D 102 2.64 -8.14 7.65
N LYS D 103 3.95 -7.99 7.53
CA LYS D 103 4.59 -6.69 7.46
C LYS D 103 5.88 -6.84 6.67
N VAL D 104 6.40 -5.70 6.21
CA VAL D 104 7.64 -5.72 5.42
C VAL D 104 8.81 -6.16 6.29
N GLU D 105 8.85 -5.70 7.54
CA GLU D 105 9.97 -6.07 8.41
C GLU D 105 9.90 -7.54 8.80
N ASP D 106 8.70 -8.10 8.95
CA ASP D 106 8.58 -9.53 9.23
C ASP D 106 9.01 -10.37 8.03
N THR D 107 8.67 -9.93 6.82
CA THR D 107 9.15 -10.62 5.64
C THR D 107 10.67 -10.55 5.54
N ARG D 108 11.25 -9.40 5.84
CA ARG D 108 12.72 -9.29 5.86
C ARG D 108 13.32 -10.18 6.94
N ASP D 109 12.63 -10.30 8.08
CA ASP D 109 13.07 -11.19 9.15
C ASP D 109 13.12 -12.63 8.66
N LEU D 110 12.07 -13.07 7.96
CA LEU D 110 12.07 -14.41 7.40
C LEU D 110 13.20 -14.58 6.38
N LEU D 111 13.39 -13.57 5.53
CA LEU D 111 14.36 -13.68 4.45
C LEU D 111 15.79 -13.74 4.98
N ASP D 112 16.10 -13.01 6.06
CA ASP D 112 17.45 -13.10 6.59
C ASP D 112 17.60 -14.22 7.61
N ASN D 113 16.50 -14.77 8.11
CA ASN D 113 16.57 -15.95 8.97
C ASN D 113 16.81 -17.22 8.18
N VAL D 114 16.24 -17.33 6.97
CA VAL D 114 16.43 -18.55 6.18
C VAL D 114 17.86 -18.73 5.70
N GLN D 115 18.72 -17.73 5.87
CA GLN D 115 20.09 -17.80 5.38
C GLN D 115 21.06 -18.47 6.35
N TYR D 116 20.65 -18.71 7.59
CA TYR D 116 21.52 -19.27 8.61
C TYR D 116 21.26 -20.76 8.77
N ALA D 117 22.34 -21.51 9.02
CA ALA D 117 22.24 -22.96 9.12
C ALA D 117 21.37 -23.36 10.32
N PRO D 118 20.66 -24.48 10.23
CA PRO D 118 19.79 -24.90 11.33
C PRO D 118 20.59 -25.13 12.62
N ALA D 119 19.97 -24.78 13.74
CA ALA D 119 20.64 -24.93 15.03
C ALA D 119 20.70 -26.38 15.47
N ARG D 120 19.56 -27.07 15.45
CA ARG D 120 19.48 -28.44 15.95
C ARG D 120 19.11 -29.45 14.88
N GLY D 121 18.01 -29.26 14.17
CA GLY D 121 17.51 -30.25 13.26
C GLY D 121 18.23 -30.28 11.93
N ARG D 122 17.87 -31.27 11.11
CA ARG D 122 18.44 -31.37 9.77
C ARG D 122 18.03 -30.18 8.91
N PHE D 123 16.78 -29.75 9.03
CA PHE D 123 16.23 -28.70 8.18
C PHE D 123 15.58 -27.63 9.06
N LYS D 124 15.61 -26.40 8.57
CA LYS D 124 14.89 -25.29 9.20
C LYS D 124 13.51 -25.22 8.57
N VAL D 125 12.48 -25.58 9.34
CA VAL D 125 11.12 -25.74 8.83
C VAL D 125 10.28 -24.56 9.27
N TYR D 126 9.56 -23.96 8.33
CA TYR D 126 8.66 -22.85 8.59
C TYR D 126 7.23 -23.33 8.40
N LEU D 127 6.45 -23.32 9.47
CA LEU D 127 5.05 -23.73 9.44
C LEU D 127 4.22 -22.45 9.59
N ILE D 128 3.65 -21.99 8.47
CA ILE D 128 2.86 -20.77 8.44
C ILE D 128 1.39 -21.17 8.35
N ASP D 129 0.60 -20.67 9.28
CA ASP D 129 -0.83 -20.99 9.35
C ASP D 129 -1.64 -19.82 8.81
N GLU D 130 -2.72 -20.14 8.10
CA GLU D 130 -3.57 -19.14 7.45
C GLU D 130 -2.75 -18.25 6.52
N VAL D 131 -1.99 -18.91 5.63
CA VAL D 131 -1.04 -18.20 4.78
C VAL D 131 -1.75 -17.19 3.90
N HIS D 132 -2.98 -17.50 3.48
CA HIS D 132 -3.74 -16.60 2.61
C HIS D 132 -3.95 -15.22 3.20
N MET D 133 -3.63 -15.03 4.48
CA MET D 133 -3.85 -13.75 5.15
C MET D 133 -2.64 -12.83 5.07
N LEU D 134 -1.56 -13.24 4.41
CA LEU D 134 -0.43 -12.33 4.19
C LEU D 134 -0.85 -11.20 3.27
N SER D 135 -0.07 -10.12 3.27
CA SER D 135 -0.30 -9.05 2.32
C SER D 135 0.35 -9.41 0.99
N ARG D 136 -0.13 -8.75 -0.07
CA ARG D 136 0.45 -8.97 -1.39
C ARG D 136 1.94 -8.64 -1.39
N HIS D 137 2.35 -7.65 -0.59
CA HIS D 137 3.76 -7.37 -0.40
C HIS D 137 4.48 -8.61 0.11
N SER D 138 3.95 -9.24 1.16
CA SER D 138 4.59 -10.41 1.74
C SER D 138 4.60 -11.58 0.76
N PHE D 139 3.49 -11.81 0.05
CA PHE D 139 3.45 -12.89 -0.92
C PHE D 139 4.50 -12.70 -2.00
N ASN D 140 4.58 -11.50 -2.57
CA ASN D 140 5.51 -11.29 -3.68
C ASN D 140 6.96 -11.28 -3.20
N ALA D 141 7.21 -10.79 -1.99
CA ALA D 141 8.58 -10.78 -1.47
C ALA D 141 9.04 -12.17 -1.06
N LEU D 142 8.12 -13.09 -0.80
CA LEU D 142 8.45 -14.45 -0.42
C LEU D 142 8.40 -15.42 -1.58
N LEU D 143 8.28 -14.93 -2.82
CA LEU D 143 8.20 -15.83 -3.97
C LEU D 143 9.48 -16.63 -4.13
N LYS D 144 10.63 -15.95 -4.11
CA LYS D 144 11.89 -16.64 -4.37
C LYS D 144 12.23 -17.63 -3.27
N THR D 145 12.00 -17.26 -2.01
CA THR D 145 12.34 -18.14 -0.91
C THR D 145 11.49 -19.41 -0.89
N LEU D 146 10.34 -19.40 -1.55
CA LEU D 146 9.56 -20.62 -1.73
C LEU D 146 9.88 -21.32 -3.04
N GLU D 147 10.41 -20.59 -4.03
CA GLU D 147 10.77 -21.21 -5.30
C GLU D 147 12.11 -21.94 -5.20
N GLU D 148 13.15 -21.25 -4.76
CA GLU D 148 14.49 -21.82 -4.66
C GLU D 148 15.06 -21.51 -3.28
N PRO D 149 14.58 -22.19 -2.24
CA PRO D 149 15.12 -21.98 -0.90
C PRO D 149 16.49 -22.62 -0.74
N PRO D 150 17.21 -22.30 0.31
CA PRO D 150 18.49 -22.98 0.56
C PRO D 150 18.28 -24.46 0.81
N GLU D 151 19.39 -25.20 0.78
CA GLU D 151 19.32 -26.66 0.85
C GLU D 151 18.76 -27.17 2.17
N HIS D 152 18.75 -26.34 3.21
CA HIS D 152 18.33 -26.77 4.54
C HIS D 152 17.03 -26.12 5.00
N VAL D 153 16.28 -25.50 4.09
CA VAL D 153 15.06 -24.78 4.45
C VAL D 153 13.88 -25.42 3.74
N LYS D 154 12.85 -25.79 4.50
CA LYS D 154 11.62 -26.35 3.95
C LYS D 154 10.42 -25.64 4.57
N PHE D 155 9.42 -25.35 3.73
CA PHE D 155 8.27 -24.56 4.14
C PHE D 155 7.01 -25.43 4.18
N LEU D 156 6.20 -25.21 5.21
CA LEU D 156 4.91 -25.88 5.35
C LEU D 156 3.83 -24.82 5.46
N LEU D 157 2.84 -24.88 4.57
CA LEU D 157 1.76 -23.92 4.53
C LEU D 157 0.44 -24.61 4.84
N ALA D 158 -0.49 -23.87 5.45
CA ALA D 158 -1.79 -24.42 5.81
C ALA D 158 -2.82 -23.31 5.75
N THR D 159 -3.73 -23.41 4.79
CA THR D 159 -4.79 -22.42 4.60
C THR D 159 -6.14 -23.09 4.58
N THR D 160 -7.16 -22.37 5.05
CA THR D 160 -8.52 -22.88 4.98
C THR D 160 -9.07 -22.79 3.56
N ASP D 161 -8.64 -21.80 2.78
CA ASP D 161 -9.09 -21.65 1.41
C ASP D 161 -7.97 -21.26 0.48
N PRO D 162 -7.55 -22.16 -0.43
CA PRO D 162 -6.47 -21.82 -1.37
C PRO D 162 -6.86 -20.76 -2.38
N GLN D 163 -8.15 -20.51 -2.58
CA GLN D 163 -8.58 -19.56 -3.61
C GLN D 163 -8.09 -18.15 -3.33
N LYS D 164 -7.96 -17.78 -2.05
CA LYS D 164 -7.47 -16.46 -1.69
C LYS D 164 -5.96 -16.34 -1.76
N LEU D 165 -5.25 -17.44 -1.97
CA LEU D 165 -3.82 -17.38 -2.17
C LEU D 165 -3.51 -16.93 -3.59
N PRO D 166 -2.41 -16.19 -3.79
CA PRO D 166 -1.98 -15.89 -5.15
C PRO D 166 -1.69 -17.17 -5.93
N VAL D 167 -2.09 -17.18 -7.20
CA VAL D 167 -1.94 -18.39 -7.99
C VAL D 167 -0.47 -18.72 -8.20
N THR D 168 0.40 -17.72 -8.23
CA THR D 168 1.84 -17.97 -8.31
C THR D 168 2.37 -18.59 -7.03
N ILE D 169 1.73 -18.32 -5.89
CA ILE D 169 2.10 -19.02 -4.66
C ILE D 169 1.69 -20.49 -4.74
N LEU D 170 0.50 -20.76 -5.27
CA LEU D 170 0.05 -22.15 -5.40
C LEU D 170 0.92 -22.92 -6.38
N SER D 171 1.42 -22.26 -7.42
CA SER D 171 2.19 -22.96 -8.44
C SER D 171 3.49 -23.54 -7.86
N ARG D 172 4.09 -22.87 -6.88
CA ARG D 172 5.40 -23.25 -6.37
C ARG D 172 5.32 -23.99 -5.03
N CYS D 173 4.28 -24.81 -4.86
CA CYS D 173 4.14 -25.57 -3.63
C CYS D 173 3.35 -26.85 -3.91
N LEU D 174 3.44 -27.79 -2.98
CA LEU D 174 2.81 -29.10 -3.15
C LEU D 174 1.43 -29.08 -2.53
N GLN D 175 0.40 -29.28 -3.36
CA GLN D 175 -0.99 -29.12 -2.94
C GLN D 175 -1.49 -30.40 -2.29
N PHE D 176 -1.77 -30.36 -0.99
CA PHE D 176 -2.37 -31.50 -0.30
C PHE D 176 -3.77 -31.10 0.14
N HIS D 177 -4.78 -31.57 -0.58
CA HIS D 177 -6.17 -31.27 -0.27
C HIS D 177 -6.68 -32.31 0.73
N LEU D 178 -7.11 -31.85 1.89
CA LEU D 178 -7.59 -32.72 2.95
C LEU D 178 -9.11 -32.79 2.87
N LYS D 179 -9.63 -33.95 2.49
CA LYS D 179 -11.08 -34.13 2.40
C LYS D 179 -11.71 -34.06 3.78
N ALA D 180 -12.92 -33.51 3.83
CA ALA D 180 -13.69 -33.50 5.06
C ALA D 180 -13.99 -34.94 5.47
N LEU D 181 -13.79 -35.24 6.75
CA LEU D 181 -13.88 -36.61 7.21
C LEU D 181 -15.31 -37.13 7.11
N ASP D 182 -15.44 -38.38 6.70
CA ASP D 182 -16.75 -39.01 6.54
C ASP D 182 -17.41 -39.22 7.89
N VAL D 183 -18.73 -39.39 7.87
CA VAL D 183 -19.49 -39.56 9.10
C VAL D 183 -19.05 -40.84 9.81
N GLU D 184 -18.86 -41.92 9.05
CA GLU D 184 -18.44 -43.19 9.67
C GLU D 184 -17.04 -43.08 10.28
N GLN D 185 -16.11 -42.44 9.56
CA GLN D 185 -14.77 -42.26 10.11
C GLN D 185 -14.80 -41.44 11.40
N ILE D 186 -15.58 -40.36 11.40
CA ILE D 186 -15.70 -39.52 12.59
C ILE D 186 -16.28 -40.32 13.74
N ARG D 187 -17.37 -41.06 13.49
CA ARG D 187 -18.01 -41.81 14.55
C ARG D 187 -17.09 -42.88 15.12
N HIS D 188 -16.35 -43.58 14.25
CA HIS D 188 -15.40 -44.57 14.72
C HIS D 188 -14.31 -43.92 15.56
N GLN D 189 -13.87 -42.73 15.17
CA GLN D 189 -12.85 -42.03 15.96
C GLN D 189 -13.39 -41.65 17.34
N LEU D 190 -14.62 -41.13 17.42
CA LEU D 190 -15.22 -40.88 18.73
C LEU D 190 -15.32 -42.16 19.56
N GLU D 191 -15.72 -43.27 18.93
CA GLU D 191 -15.83 -44.52 19.66
C GLU D 191 -14.48 -44.95 20.21
N HIS D 192 -13.44 -44.88 19.39
CA HIS D 192 -12.10 -45.25 19.84
C HIS D 192 -11.61 -44.35 20.95
N ILE D 193 -11.83 -43.04 20.83
CA ILE D 193 -11.38 -42.10 21.84
C ILE D 193 -12.08 -42.36 23.17
N LEU D 194 -13.40 -42.54 23.13
CA LEU D 194 -14.15 -42.75 24.36
C LEU D 194 -13.82 -44.10 24.99
N ASN D 195 -13.57 -45.13 24.18
CA ASN D 195 -13.14 -46.41 24.74
C ASN D 195 -11.77 -46.29 25.38
N GLU D 196 -10.85 -45.56 24.75
CA GLU D 196 -9.52 -45.39 25.33
C GLU D 196 -9.55 -44.53 26.59
N GLU D 197 -10.55 -43.64 26.71
CA GLU D 197 -10.66 -42.75 27.86
C GLU D 197 -11.67 -43.23 28.89
N HIS D 198 -12.26 -44.41 28.68
CA HIS D 198 -13.20 -45.01 29.63
C HIS D 198 -14.37 -44.07 29.92
N ILE D 199 -15.05 -43.67 28.84
CA ILE D 199 -16.24 -42.83 28.92
C ILE D 199 -17.39 -43.58 28.27
N ALA D 200 -18.48 -43.74 29.01
CA ALA D 200 -19.64 -44.45 28.49
C ALA D 200 -20.26 -43.69 27.31
N HIS D 201 -20.69 -44.43 26.30
CA HIS D 201 -21.25 -43.82 25.10
C HIS D 201 -22.33 -44.72 24.53
N GLU D 202 -23.21 -44.12 23.72
CA GLU D 202 -24.28 -44.80 23.04
C GLU D 202 -24.18 -44.57 21.54
N PRO D 203 -24.38 -45.61 20.72
CA PRO D 203 -24.18 -45.43 19.27
C PRO D 203 -25.05 -44.35 18.66
N ARG D 204 -26.28 -44.16 19.15
CA ARG D 204 -27.13 -43.11 18.62
C ARG D 204 -26.54 -41.72 18.91
N ALA D 205 -25.99 -41.54 20.11
CA ALA D 205 -25.36 -40.26 20.44
C ALA D 205 -24.15 -40.01 19.55
N LEU D 206 -23.34 -41.05 19.30
CA LEU D 206 -22.20 -40.90 18.42
C LEU D 206 -22.64 -40.55 17.01
N GLN D 207 -23.72 -41.18 16.52
CA GLN D 207 -24.22 -40.85 15.19
C GLN D 207 -24.70 -39.41 15.12
N LEU D 208 -25.41 -38.95 16.16
CA LEU D 208 -25.87 -37.57 16.18
C LEU D 208 -24.71 -36.59 16.21
N LEU D 209 -23.69 -36.87 17.01
CA LEU D 209 -22.52 -35.99 17.08
C LEU D 209 -21.78 -35.97 15.75
N ALA D 210 -21.63 -37.13 15.10
CA ALA D 210 -20.93 -37.19 13.83
C ALA D 210 -21.69 -36.42 12.75
N ARG D 211 -23.01 -36.55 12.73
CA ARG D 211 -23.79 -35.82 11.74
C ARG D 211 -23.78 -34.31 12.03
N ALA D 212 -23.82 -33.93 13.30
CA ALA D 212 -23.83 -32.51 13.65
C ALA D 212 -22.54 -31.83 13.20
N ALA D 213 -21.39 -32.47 13.40
CA ALA D 213 -20.13 -31.93 12.92
C ALA D 213 -20.05 -32.10 11.41
N GLU D 214 -19.99 -30.98 10.69
CA GLU D 214 -20.05 -31.02 9.23
C GLU D 214 -18.74 -31.54 8.64
N GLY D 215 -18.43 -32.80 8.87
CA GLY D 215 -17.22 -33.39 8.34
C GLY D 215 -15.94 -32.80 8.91
N SER D 216 -15.95 -32.41 10.18
CA SER D 216 -14.78 -31.86 10.84
C SER D 216 -14.61 -32.56 12.17
N LEU D 217 -13.42 -33.11 12.42
CA LEU D 217 -13.21 -33.87 13.65
C LEU D 217 -13.01 -32.96 14.85
N ARG D 218 -12.43 -31.77 14.66
CA ARG D 218 -12.31 -30.85 15.78
C ARG D 218 -13.69 -30.40 16.26
N ASP D 219 -14.61 -30.14 15.33
CA ASP D 219 -15.98 -29.82 15.73
C ASP D 219 -16.64 -30.99 16.43
N ALA D 220 -16.39 -32.20 15.94
CA ALA D 220 -16.95 -33.39 16.59
C ALA D 220 -16.44 -33.51 18.01
N LEU D 221 -15.15 -33.24 18.22
CA LEU D 221 -14.57 -33.34 19.56
C LEU D 221 -15.06 -32.21 20.46
N SER D 222 -15.26 -31.01 19.92
CA SER D 222 -15.83 -29.93 20.72
C SER D 222 -17.25 -30.25 21.15
N LEU D 223 -18.07 -30.76 20.22
CA LEU D 223 -19.42 -31.17 20.56
C LEU D 223 -19.40 -32.33 21.57
N THR D 224 -18.43 -33.23 21.42
CA THR D 224 -18.26 -34.30 22.40
C THR D 224 -17.99 -33.72 23.78
N ASP D 225 -16.98 -32.85 23.89
CA ASP D 225 -16.66 -32.20 25.15
C ASP D 225 -17.87 -31.51 25.75
N GLN D 226 -18.70 -30.88 24.91
CA GLN D 226 -19.95 -30.32 25.41
C GLN D 226 -20.85 -31.42 25.97
N ALA D 227 -20.90 -32.57 25.30
CA ALA D 227 -21.73 -33.68 25.78
C ALA D 227 -21.24 -34.22 27.13
N ILE D 228 -19.92 -34.34 27.31
CA ILE D 228 -19.40 -34.71 28.63
C ILE D 228 -19.72 -33.64 29.65
N ALA D 229 -19.65 -32.36 29.26
CA ALA D 229 -19.90 -31.28 30.21
C ALA D 229 -21.36 -31.20 30.64
N SER D 230 -22.26 -31.91 29.96
CA SER D 230 -23.68 -31.87 30.28
C SER D 230 -24.21 -33.30 30.38
N GLY D 231 -24.67 -33.68 31.56
CA GLY D 231 -25.09 -35.05 31.78
C GLY D 231 -24.00 -35.91 32.37
N ASP D 232 -23.50 -35.47 33.53
CA ASP D 232 -22.54 -36.18 34.40
C ASP D 232 -21.53 -37.02 33.61
N GLY D 233 -20.95 -36.39 32.59
CA GLY D 233 -19.85 -37.00 31.87
C GLY D 233 -20.18 -38.28 31.14
N GLN D 234 -21.34 -38.33 30.50
CA GLN D 234 -21.74 -39.50 29.73
C GLN D 234 -22.31 -39.05 28.39
N VAL D 235 -21.89 -39.73 27.32
CA VAL D 235 -22.38 -39.43 25.97
C VAL D 235 -23.62 -40.28 25.77
N SER D 236 -24.77 -39.70 26.10
CA SER D 236 -26.06 -40.36 25.96
C SER D 236 -26.87 -39.68 24.86
N THR D 237 -27.87 -40.42 24.36
CA THR D 237 -28.72 -39.87 23.30
C THR D 237 -29.52 -38.67 23.80
N GLN D 238 -30.06 -38.75 25.01
CA GLN D 238 -30.85 -37.66 25.55
C GLN D 238 -30.00 -36.40 25.72
N ALA D 239 -28.79 -36.55 26.26
CA ALA D 239 -27.93 -35.39 26.49
C ALA D 239 -27.52 -34.76 25.17
N VAL D 240 -27.15 -35.57 24.19
CA VAL D 240 -26.75 -35.04 22.89
C VAL D 240 -27.93 -34.34 22.21
N SER D 241 -29.12 -34.94 22.30
CA SER D 241 -30.31 -34.32 21.71
C SER D 241 -30.61 -32.98 22.37
N ALA D 242 -30.53 -32.92 23.70
CA ALA D 242 -30.78 -31.67 24.40
C ALA D 242 -29.73 -30.62 24.05
N MET D 243 -28.47 -31.02 23.94
CA MET D 243 -27.42 -30.07 23.59
C MET D 243 -27.61 -29.52 22.18
N LEU D 244 -27.85 -30.41 21.21
CA LEU D 244 -28.04 -29.99 19.82
C LEU D 244 -29.41 -29.39 19.57
N GLY D 245 -30.35 -29.55 20.50
CA GLY D 245 -31.70 -29.05 20.28
C GLY D 245 -32.42 -29.70 19.12
N THR D 246 -32.16 -30.98 18.87
CA THR D 246 -32.75 -31.67 17.75
C THR D 246 -34.12 -32.22 18.12
N LEU D 247 -34.88 -32.60 17.09
CA LEU D 247 -36.22 -33.13 17.27
C LEU D 247 -36.42 -34.35 16.37
N ASP D 248 -37.29 -35.24 16.81
CA ASP D 248 -37.57 -36.46 16.06
C ASP D 248 -38.41 -36.13 14.82
N ASP D 249 -38.65 -37.15 14.01
CA ASP D 249 -39.31 -36.93 12.72
C ASP D 249 -40.79 -36.55 12.86
N ASP D 250 -41.40 -36.77 14.02
CA ASP D 250 -42.83 -36.52 14.17
C ASP D 250 -43.16 -35.04 14.00
N GLN D 251 -42.45 -34.17 14.72
CA GLN D 251 -42.74 -32.75 14.65
C GLN D 251 -42.49 -32.19 13.25
N ALA D 252 -41.36 -32.55 12.65
CA ALA D 252 -41.05 -32.05 11.32
C ALA D 252 -42.04 -32.57 10.29
N LEU D 253 -42.47 -33.83 10.42
CA LEU D 253 -43.47 -34.36 9.50
C LEU D 253 -44.80 -33.64 9.65
N SER D 254 -45.21 -33.35 10.89
CA SER D 254 -46.44 -32.59 11.10
C SER D 254 -46.32 -31.20 10.48
N LEU D 255 -45.18 -30.56 10.63
CA LEU D 255 -44.96 -29.25 10.03
C LEU D 255 -45.06 -29.33 8.51
N VAL D 256 -44.44 -30.34 7.90
CA VAL D 256 -44.44 -30.46 6.45
C VAL D 256 -45.85 -30.73 5.92
N GLU D 257 -46.58 -31.62 6.58
CA GLU D 257 -47.95 -31.91 6.12
C GLU D 257 -48.86 -30.71 6.31
N ALA D 258 -48.64 -29.92 7.37
CA ALA D 258 -49.41 -28.70 7.53
C ALA D 258 -49.08 -27.69 6.42
N MET D 259 -47.80 -27.57 6.08
CA MET D 259 -47.39 -26.57 5.10
C MET D 259 -47.84 -26.94 3.70
N VAL D 260 -47.81 -28.24 3.36
CA VAL D 260 -48.11 -28.64 1.98
C VAL D 260 -49.58 -28.43 1.66
N GLU D 261 -50.46 -28.54 2.65
CA GLU D 261 -51.89 -28.32 2.46
C GLU D 261 -52.28 -26.86 2.69
N ALA D 262 -51.30 -25.98 2.91
CA ALA D 262 -51.53 -24.54 3.10
C ALA D 262 -52.45 -24.29 4.29
N ASN D 263 -52.12 -24.91 5.42
CA ASN D 263 -52.84 -24.70 6.67
C ASN D 263 -52.06 -23.68 7.48
N GLY D 264 -52.42 -22.40 7.32
CA GLY D 264 -51.72 -21.34 8.03
C GLY D 264 -51.85 -21.44 9.53
N GLU D 265 -53.06 -21.76 10.00
CA GLU D 265 -53.29 -21.91 11.44
C GLU D 265 -52.36 -22.95 12.03
N ARG D 266 -52.33 -24.14 11.43
CA ARG D 266 -51.53 -25.23 11.98
C ARG D 266 -50.04 -24.92 11.91
N VAL D 267 -49.58 -24.36 10.78
CA VAL D 267 -48.17 -24.04 10.65
C VAL D 267 -47.74 -23.02 11.69
N MET D 268 -48.52 -21.94 11.83
CA MET D 268 -48.16 -20.90 12.79
C MET D 268 -48.22 -21.42 14.22
N ALA D 269 -49.23 -22.22 14.56
CA ALA D 269 -49.32 -22.77 15.90
C ALA D 269 -48.16 -23.71 16.19
N LEU D 270 -47.77 -24.51 15.20
CA LEU D 270 -46.65 -25.43 15.38
C LEU D 270 -45.34 -24.67 15.55
N ILE D 271 -45.16 -23.58 14.81
CA ILE D 271 -43.95 -22.77 14.98
C ILE D 271 -43.94 -22.11 16.35
N ASN D 272 -45.10 -21.65 16.82
CA ASN D 272 -45.19 -21.10 18.17
C ASN D 272 -44.81 -22.14 19.22
N GLU D 273 -45.36 -23.35 19.10
CA GLU D 273 -45.03 -24.41 20.05
C GLU D 273 -43.55 -24.79 19.97
N ALA D 274 -43.00 -24.81 18.76
CA ALA D 274 -41.58 -25.11 18.59
C ALA D 274 -40.70 -24.06 19.27
N ALA D 275 -41.07 -22.78 19.13
CA ALA D 275 -40.35 -21.73 19.82
C ALA D 275 -40.47 -21.87 21.33
N ALA D 276 -41.65 -22.28 21.80
CA ALA D 276 -41.84 -22.48 23.24
C ALA D 276 -40.90 -23.56 23.77
N ARG D 277 -40.71 -24.64 23.01
CA ARG D 277 -39.79 -25.70 23.42
C ARG D 277 -38.34 -25.30 23.25
N GLY D 278 -38.05 -24.16 22.62
CA GLY D 278 -36.68 -23.73 22.44
C GLY D 278 -35.88 -24.62 21.52
N ILE D 279 -36.49 -25.08 20.43
CA ILE D 279 -35.81 -25.97 19.49
C ILE D 279 -34.92 -25.15 18.56
N GLU D 280 -34.09 -25.84 17.79
CA GLU D 280 -33.18 -25.19 16.87
C GLU D 280 -33.87 -24.98 15.52
N TRP D 281 -33.97 -23.72 15.09
CA TRP D 281 -34.60 -23.41 13.81
C TRP D 281 -33.80 -23.99 12.65
N GLU D 282 -32.47 -23.89 12.73
CA GLU D 282 -31.62 -24.50 11.71
C GLU D 282 -31.84 -26.01 11.65
N ALA D 283 -31.93 -26.66 12.81
CA ALA D 283 -32.22 -28.08 12.84
C ALA D 283 -33.61 -28.37 12.29
N LEU D 284 -34.58 -27.51 12.61
CA LEU D 284 -35.93 -27.71 12.08
C LEU D 284 -35.95 -27.66 10.56
N LEU D 285 -35.24 -26.69 9.98
CA LEU D 285 -35.16 -26.63 8.52
C LEU D 285 -34.39 -27.81 7.94
N VAL D 286 -33.38 -28.29 8.66
CA VAL D 286 -32.64 -29.45 8.19
C VAL D 286 -33.55 -30.67 8.12
N GLU D 287 -34.35 -30.89 9.16
CA GLU D 287 -35.32 -31.98 9.13
C GLU D 287 -36.37 -31.75 8.05
N MET D 288 -36.75 -30.50 7.82
CA MET D 288 -37.67 -30.18 6.73
C MET D 288 -37.13 -30.68 5.39
N LEU D 289 -35.89 -30.30 5.08
CA LEU D 289 -35.27 -30.71 3.83
C LEU D 289 -35.09 -32.22 3.76
N GLY D 290 -34.70 -32.85 4.87
CA GLY D 290 -34.55 -34.29 4.86
C GLY D 290 -35.85 -35.03 4.58
N LEU D 291 -36.93 -34.59 5.24
CA LEU D 291 -38.23 -35.23 5.03
C LEU D 291 -38.73 -34.98 3.62
N LEU D 292 -38.53 -33.77 3.08
CA LEU D 292 -38.94 -33.51 1.70
C LEU D 292 -38.15 -34.38 0.74
N HIS D 293 -36.86 -34.57 1.00
CA HIS D 293 -36.07 -35.45 0.15
C HIS D 293 -36.58 -36.88 0.21
N ARG D 294 -36.90 -37.37 1.41
CA ARG D 294 -37.43 -38.73 1.52
C ARG D 294 -38.80 -38.86 0.86
N ILE D 295 -39.60 -37.80 0.89
CA ILE D 295 -40.86 -37.77 0.15
C ILE D 295 -40.60 -37.95 -1.33
N ALA D 296 -39.62 -37.20 -1.86
CA ALA D 296 -39.26 -37.34 -3.26
C ALA D 296 -38.70 -38.72 -3.57
N MET D 297 -37.98 -39.32 -2.61
CA MET D 297 -37.48 -40.68 -2.77
C MET D 297 -38.62 -41.67 -2.93
N VAL D 298 -39.61 -41.59 -2.04
CA VAL D 298 -40.77 -42.48 -2.12
C VAL D 298 -41.51 -42.25 -3.44
N GLN D 299 -41.59 -40.99 -3.87
CA GLN D 299 -42.23 -40.69 -5.16
C GLN D 299 -41.48 -41.34 -6.31
N LEU D 300 -40.14 -41.31 -6.28
CA LEU D 300 -39.35 -41.89 -7.36
C LEU D 300 -39.51 -43.41 -7.41
N SER D 301 -39.33 -44.08 -6.27
CA SER D 301 -39.41 -45.53 -6.19
C SER D 301 -40.10 -45.91 -4.89
N PRO D 302 -41.12 -46.77 -4.94
CA PRO D 302 -41.82 -47.13 -3.70
C PRO D 302 -40.93 -47.81 -2.67
N ALA D 303 -39.94 -48.58 -3.10
CA ALA D 303 -39.07 -49.29 -2.16
C ALA D 303 -38.00 -48.39 -1.55
N ALA D 304 -37.78 -47.20 -2.10
CA ALA D 304 -36.76 -46.29 -1.59
C ALA D 304 -37.34 -45.48 -0.42
N LEU D 305 -37.63 -46.20 0.66
CA LEU D 305 -38.20 -45.60 1.86
C LEU D 305 -37.43 -46.12 3.08
N GLY D 306 -37.24 -45.25 4.06
CA GLY D 306 -36.54 -45.64 5.26
C GLY D 306 -37.30 -46.67 6.06
N ASN D 307 -36.54 -47.47 6.83
CA ASN D 307 -37.11 -48.52 7.65
C ASN D 307 -37.19 -48.17 9.13
N ASP D 308 -36.36 -47.24 9.60
CA ASP D 308 -36.42 -46.85 11.02
C ASP D 308 -37.73 -46.17 11.35
N MET D 309 -38.23 -45.32 10.45
CA MET D 309 -39.46 -44.57 10.68
C MET D 309 -40.70 -45.32 10.21
N ALA D 310 -40.81 -46.58 10.62
CA ALA D 310 -41.95 -47.39 10.21
C ALA D 310 -43.26 -46.92 10.83
N ALA D 311 -43.19 -46.25 11.99
CA ALA D 311 -44.41 -45.78 12.65
C ALA D 311 -45.06 -44.64 11.88
N ILE D 312 -44.27 -43.80 11.22
CA ILE D 312 -44.79 -42.64 10.51
C ILE D 312 -44.82 -42.82 9.01
N GLU D 313 -44.52 -44.02 8.51
CA GLU D 313 -44.56 -44.25 7.07
C GLU D 313 -45.99 -44.23 6.53
N LEU D 314 -46.99 -44.41 7.40
CA LEU D 314 -48.37 -44.44 6.94
C LEU D 314 -48.78 -43.11 6.31
N ARG D 315 -48.54 -42.01 7.03
CA ARG D 315 -48.83 -40.69 6.45
C ARG D 315 -47.77 -40.30 5.43
N MET D 316 -46.56 -40.83 5.58
CA MET D 316 -45.47 -40.52 4.65
C MET D 316 -45.82 -40.95 3.23
N ARG D 317 -46.26 -42.20 3.08
CA ARG D 317 -46.60 -42.70 1.75
C ARG D 317 -47.79 -41.95 1.16
N GLU D 318 -48.78 -41.64 2.00
CA GLU D 318 -49.94 -40.90 1.52
C GLU D 318 -49.55 -39.52 1.01
N LEU D 319 -48.72 -38.80 1.77
CA LEU D 319 -48.29 -37.48 1.33
C LEU D 319 -47.44 -37.56 0.07
N ALA D 320 -46.55 -38.55 -0.01
CA ALA D 320 -45.76 -38.71 -1.22
C ALA D 320 -46.64 -39.04 -2.42
N ARG D 321 -47.76 -39.73 -2.18
CA ARG D 321 -48.66 -40.08 -3.28
C ARG D 321 -49.48 -38.88 -3.73
N THR D 322 -49.91 -38.03 -2.80
CA THR D 322 -50.90 -37.01 -3.13
C THR D 322 -50.31 -35.70 -3.64
N ILE D 323 -48.99 -35.55 -3.67
CA ILE D 323 -48.34 -34.29 -4.00
C ILE D 323 -47.49 -34.49 -5.23
N PRO D 324 -47.58 -33.62 -6.25
CA PRO D 324 -46.74 -33.78 -7.43
C PRO D 324 -45.27 -33.57 -7.07
N PRO D 325 -44.36 -34.20 -7.80
CA PRO D 325 -42.92 -34.00 -7.51
C PRO D 325 -42.46 -32.57 -7.66
N THR D 326 -43.03 -31.81 -8.60
CA THR D 326 -42.60 -30.44 -8.82
C THR D 326 -42.88 -29.57 -7.60
N ASP D 327 -44.05 -29.76 -6.97
CA ASP D 327 -44.37 -28.99 -5.77
C ASP D 327 -43.42 -29.33 -4.64
N ILE D 328 -43.06 -30.61 -4.50
CA ILE D 328 -42.09 -31.00 -3.48
C ILE D 328 -40.74 -30.33 -3.75
N GLN D 329 -40.33 -30.29 -5.02
CA GLN D 329 -39.07 -29.63 -5.36
C GLN D 329 -39.13 -28.14 -5.04
N LEU D 330 -40.27 -27.49 -5.32
CA LEU D 330 -40.42 -26.08 -4.99
C LEU D 330 -40.33 -25.85 -3.48
N TYR D 331 -40.99 -26.70 -2.70
CA TYR D 331 -40.90 -26.57 -1.25
C TYR D 331 -39.46 -26.76 -0.76
N TYR D 332 -38.76 -27.73 -1.33
CA TYR D 332 -37.37 -27.98 -0.95
C TYR D 332 -36.50 -26.78 -1.26
N GLN D 333 -36.66 -26.21 -2.46
CA GLN D 333 -35.84 -25.06 -2.84
C GLN D 333 -36.14 -23.86 -1.95
N THR D 334 -37.42 -23.62 -1.65
CA THR D 334 -37.77 -22.49 -0.79
C THR D 334 -37.19 -22.66 0.60
N LEU D 335 -37.29 -23.86 1.17
CA LEU D 335 -36.75 -24.09 2.50
C LEU D 335 -35.23 -24.00 2.50
N LEU D 336 -34.58 -24.44 1.43
CA LEU D 336 -33.13 -24.32 1.35
C LEU D 336 -32.70 -22.86 1.29
N ILE D 337 -33.39 -22.06 0.48
CA ILE D 337 -33.07 -20.64 0.40
C ILE D 337 -33.30 -19.97 1.75
N GLY D 338 -34.37 -20.37 2.44
CA GLY D 338 -34.60 -19.84 3.77
C GLY D 338 -33.50 -20.21 4.75
N ARG D 339 -33.02 -21.45 4.69
CA ARG D 339 -31.91 -21.85 5.55
C ARG D 339 -30.66 -21.05 5.25
N LYS D 340 -30.39 -20.82 3.97
CA LYS D 340 -29.23 -20.02 3.58
C LYS D 340 -29.35 -18.59 4.11
N GLU D 341 -30.55 -18.01 4.02
CA GLU D 341 -30.77 -16.64 4.45
C GLU D 341 -30.91 -16.50 5.96
N LEU D 342 -31.13 -17.61 6.67
CA LEU D 342 -31.42 -17.57 8.10
C LEU D 342 -30.46 -16.75 8.94
N PRO D 343 -29.13 -16.86 8.80
CA PRO D 343 -28.24 -16.07 9.66
C PRO D 343 -28.39 -14.56 9.48
N TYR D 344 -28.84 -14.10 8.33
CA TYR D 344 -28.93 -12.67 8.05
C TYR D 344 -30.28 -12.06 8.39
N ALA D 345 -31.23 -12.87 8.87
CA ALA D 345 -32.54 -12.35 9.22
C ALA D 345 -32.46 -11.54 10.51
N PRO D 346 -33.42 -10.64 10.74
CA PRO D 346 -33.45 -9.92 12.02
C PRO D 346 -33.54 -10.86 13.21
N ASP D 347 -34.24 -11.98 13.06
CA ASP D 347 -34.27 -13.02 14.08
C ASP D 347 -34.32 -14.36 13.37
N ARG D 348 -33.78 -15.38 14.03
CA ARG D 348 -33.81 -16.73 13.45
C ARG D 348 -35.25 -17.23 13.32
N ARG D 349 -36.05 -17.04 14.38
CA ARG D 349 -37.45 -17.42 14.30
C ARG D 349 -38.18 -16.60 13.25
N MET D 350 -37.87 -15.30 13.18
CA MET D 350 -38.49 -14.45 12.17
C MET D 350 -38.13 -14.91 10.77
N GLY D 351 -36.87 -15.28 10.55
CA GLY D 351 -36.46 -15.75 9.24
C GLY D 351 -37.11 -17.07 8.85
N VAL D 352 -37.19 -18.01 9.79
CA VAL D 352 -37.82 -19.29 9.45
C VAL D 352 -39.32 -19.10 9.25
N GLU D 353 -39.95 -18.18 9.99
CA GLU D 353 -41.35 -17.86 9.73
C GLU D 353 -41.52 -17.25 8.35
N MET D 354 -40.61 -16.37 7.94
CA MET D 354 -40.65 -15.83 6.59
C MET D 354 -40.58 -16.95 5.57
N THR D 355 -39.65 -17.89 5.77
CA THR D 355 -39.48 -18.98 4.81
C THR D 355 -40.73 -19.84 4.72
N LEU D 356 -41.27 -20.24 5.87
CA LEU D 356 -42.43 -21.11 5.89
C LEU D 356 -43.67 -20.41 5.32
N LEU D 357 -43.86 -19.13 5.66
CA LEU D 357 -45.01 -18.40 5.15
C LEU D 357 -44.89 -18.16 3.64
N ARG D 358 -43.67 -17.94 3.15
CA ARG D 358 -43.45 -17.88 1.71
C ARG D 358 -43.80 -19.21 1.05
N ALA D 359 -43.42 -20.32 1.69
CA ALA D 359 -43.77 -21.64 1.17
C ALA D 359 -45.27 -21.86 1.19
N LEU D 360 -45.98 -21.25 2.13
CA LEU D 360 -47.43 -21.41 2.21
C LEU D 360 -48.12 -20.83 0.98
N ALA D 361 -47.65 -19.68 0.51
CA ALA D 361 -48.32 -18.95 -0.57
C ALA D 361 -47.86 -19.51 -1.93
N PHE D 362 -48.09 -20.81 -2.10
CA PHE D 362 -47.77 -21.49 -3.35
C PHE D 362 -49.02 -22.08 -3.99
N MET E 4 -22.99 -3.49 33.20
CA MET E 4 -23.50 -4.86 33.23
C MET E 4 -24.41 -5.06 34.43
N ARG E 5 -25.21 -6.13 34.39
CA ARG E 5 -26.10 -6.45 35.50
C ARG E 5 -26.44 -7.92 35.44
N TRP E 6 -26.80 -8.48 36.59
CA TRP E 6 -27.15 -9.88 36.71
C TRP E 6 -28.66 -10.07 36.55
N TYR E 7 -29.04 -11.25 36.05
CA TYR E 7 -30.43 -11.57 35.79
C TYR E 7 -30.85 -12.84 36.52
N PRO E 8 -32.10 -12.93 36.98
CA PRO E 8 -32.50 -14.09 37.80
C PRO E 8 -32.50 -15.41 37.04
N TRP E 9 -33.17 -15.45 35.88
CA TRP E 9 -33.20 -16.67 35.08
C TRP E 9 -31.83 -17.08 34.59
N LEU E 10 -30.85 -16.20 34.70
CA LEU E 10 -29.51 -16.40 34.16
C LEU E 10 -28.66 -17.34 35.01
N ARG E 11 -29.09 -17.64 36.23
CA ARG E 11 -28.27 -18.44 37.15
C ARG E 11 -28.02 -19.86 36.69
N PRO E 12 -29.02 -20.63 36.25
CA PRO E 12 -28.75 -22.06 35.96
C PRO E 12 -27.67 -22.30 34.92
N ASP E 13 -27.56 -21.45 33.89
CA ASP E 13 -26.48 -21.63 32.91
C ASP E 13 -25.12 -21.40 33.55
N PHE E 14 -25.03 -20.39 34.42
CA PHE E 14 -23.78 -20.15 35.14
C PHE E 14 -23.42 -21.35 36.00
N GLU E 15 -24.42 -21.94 36.67
CA GLU E 15 -24.15 -23.14 37.45
C GLU E 15 -23.78 -24.33 36.58
N LYS E 16 -24.27 -24.37 35.34
CA LYS E 16 -23.92 -25.43 34.42
C LYS E 16 -22.55 -25.26 33.80
N LEU E 17 -21.96 -24.08 33.89
CA LEU E 17 -20.59 -23.88 33.39
C LEU E 17 -19.53 -23.85 34.48
N VAL E 18 -19.81 -23.21 35.62
CA VAL E 18 -18.79 -23.12 36.67
C VAL E 18 -18.51 -24.48 37.27
N ALA E 19 -19.49 -25.39 37.24
CA ALA E 19 -19.25 -26.74 37.73
C ALA E 19 -18.25 -27.48 36.84
N SER E 20 -18.39 -27.34 35.53
CA SER E 20 -17.39 -27.92 34.64
C SER E 20 -16.02 -27.31 34.89
N TYR E 21 -15.98 -25.99 35.16
CA TYR E 21 -14.69 -25.37 35.42
C TYR E 21 -14.07 -25.81 36.75
N GLN E 22 -14.89 -26.09 37.77
CA GLN E 22 -14.34 -26.57 39.03
C GLN E 22 -13.88 -28.02 38.91
N ALA E 23 -14.53 -28.79 38.03
CA ALA E 23 -14.10 -30.16 37.81
C ALA E 23 -12.73 -30.25 37.15
N GLY E 24 -12.20 -29.14 36.65
CA GLY E 24 -10.94 -29.16 35.93
C GLY E 24 -11.04 -29.61 34.50
N ARG E 25 -12.25 -29.87 34.01
CA ARG E 25 -12.47 -30.37 32.66
C ARG E 25 -13.11 -29.30 31.77
N GLY E 26 -13.00 -28.03 32.15
CA GLY E 26 -13.61 -26.97 31.36
C GLY E 26 -12.75 -26.61 30.16
N HIS E 27 -13.43 -26.31 29.06
CA HIS E 27 -12.73 -25.89 27.85
C HIS E 27 -12.06 -24.54 28.04
N HIS E 28 -10.88 -24.39 27.43
CA HIS E 28 -10.17 -23.12 27.52
C HIS E 28 -10.85 -21.99 26.76
N ALA E 29 -11.68 -22.32 25.77
CA ALA E 29 -12.34 -21.33 24.94
C ALA E 29 -13.84 -21.62 24.91
N LEU E 30 -14.61 -20.81 25.64
CA LEU E 30 -16.07 -20.96 25.70
C LEU E 30 -16.70 -19.82 24.92
N LEU E 31 -17.48 -20.17 23.89
CA LEU E 31 -18.18 -19.21 23.06
C LEU E 31 -19.64 -19.19 23.48
N ILE E 32 -20.10 -18.07 24.02
CA ILE E 32 -21.47 -17.93 24.49
C ILE E 32 -22.29 -17.26 23.39
N GLN E 33 -23.35 -17.93 22.96
CA GLN E 33 -24.29 -17.37 22.00
C GLN E 33 -25.49 -16.83 22.77
N ALA E 34 -25.73 -15.52 22.64
CA ALA E 34 -26.83 -14.89 23.36
C ALA E 34 -27.21 -13.62 22.63
N LEU E 35 -28.52 -13.33 22.64
CA LEU E 35 -29.02 -12.13 22.00
C LEU E 35 -28.64 -10.91 22.84
N PRO E 36 -28.68 -9.72 22.25
CA PRO E 36 -28.40 -8.51 23.04
C PRO E 36 -29.36 -8.38 24.21
N GLY E 37 -28.81 -7.97 25.35
CA GLY E 37 -29.60 -7.87 26.57
C GLY E 37 -29.85 -9.18 27.27
N MET E 38 -29.42 -10.31 26.69
CA MET E 38 -29.62 -11.60 27.32
C MET E 38 -28.85 -11.69 28.64
N GLY E 39 -27.60 -11.21 28.64
CA GLY E 39 -26.80 -11.22 29.84
C GLY E 39 -25.55 -12.07 29.75
N ASP E 40 -25.05 -12.28 28.53
CA ASP E 40 -23.84 -13.07 28.36
C ASP E 40 -22.62 -12.41 29.00
N ASP E 41 -22.56 -11.07 28.96
CA ASP E 41 -21.50 -10.37 29.65
C ASP E 41 -21.49 -10.67 31.14
N ALA E 42 -22.67 -10.84 31.73
CA ALA E 42 -22.75 -11.19 33.15
C ALA E 42 -22.09 -12.55 33.40
N LEU E 43 -22.38 -13.54 32.56
CA LEU E 43 -21.73 -14.84 32.70
C LEU E 43 -20.23 -14.71 32.55
N ILE E 44 -19.78 -14.00 31.52
CA ILE E 44 -18.34 -13.93 31.27
C ILE E 44 -17.63 -13.27 32.44
N TYR E 45 -18.20 -12.17 32.94
CA TYR E 45 -17.56 -11.46 34.05
C TYR E 45 -17.59 -12.28 35.34
N ALA E 46 -18.71 -12.92 35.65
CA ALA E 46 -18.77 -13.74 36.86
C ALA E 46 -17.82 -14.92 36.78
N LEU E 47 -17.76 -15.57 35.62
CA LEU E 47 -16.84 -16.70 35.45
C LEU E 47 -15.38 -16.24 35.55
N SER E 48 -15.06 -15.08 34.98
CA SER E 48 -13.71 -14.56 35.08
C SER E 48 -13.35 -14.26 36.53
N ARG E 49 -14.28 -13.68 37.28
CA ARG E 49 -14.04 -13.43 38.70
C ARG E 49 -13.81 -14.73 39.46
N TYR E 50 -14.62 -15.75 39.17
CA TYR E 50 -14.41 -17.04 39.81
C TYR E 50 -13.05 -17.64 39.46
N LEU E 51 -12.68 -17.56 38.17
CA LEU E 51 -11.43 -18.15 37.71
C LEU E 51 -10.22 -17.47 38.33
N LEU E 52 -10.22 -16.14 38.37
CA LEU E 52 -9.09 -15.41 38.93
C LEU E 52 -9.13 -15.34 40.44
N CYS E 53 -10.18 -15.88 41.06
CA CYS E 53 -10.24 -15.97 42.51
C CYS E 53 -9.31 -17.07 43.02
N GLN E 54 -8.60 -16.78 44.09
CA GLN E 54 -7.63 -17.75 44.63
C GLN E 54 -8.35 -18.93 45.29
N GLN E 55 -9.17 -18.66 46.30
CA GLN E 55 -9.88 -19.71 47.02
C GLN E 55 -11.39 -19.52 46.86
N PRO E 56 -12.02 -20.21 45.92
CA PRO E 56 -13.46 -20.02 45.71
C PRO E 56 -14.28 -20.51 46.89
N GLN E 57 -15.47 -19.93 47.04
CA GLN E 57 -16.43 -20.30 48.08
C GLN E 57 -17.71 -20.75 47.38
N GLY E 58 -17.84 -22.06 47.17
CA GLY E 58 -19.04 -22.61 46.56
C GLY E 58 -19.27 -22.13 45.14
N HIS E 59 -18.22 -22.14 44.33
CA HIS E 59 -18.28 -21.72 42.93
C HIS E 59 -18.75 -20.28 42.80
N LYS E 60 -18.36 -19.43 43.75
CA LYS E 60 -18.72 -18.02 43.74
C LYS E 60 -17.51 -17.21 44.19
N SER E 61 -17.44 -15.97 43.73
CA SER E 61 -16.37 -15.07 44.16
C SER E 61 -16.46 -14.86 45.67
N CYS E 62 -15.31 -14.96 46.34
CA CYS E 62 -15.26 -15.02 47.80
C CYS E 62 -14.88 -13.64 48.35
N GLY E 63 -15.85 -12.74 48.35
CA GLY E 63 -15.71 -11.47 49.06
C GLY E 63 -14.50 -10.65 48.68
N HIS E 64 -13.54 -10.57 49.59
CA HIS E 64 -12.43 -9.61 49.51
C HIS E 64 -11.09 -10.30 49.25
N CYS E 65 -11.07 -11.31 48.38
CA CYS E 65 -9.81 -11.94 48.02
C CYS E 65 -8.92 -10.98 47.24
N ARG E 66 -7.61 -11.21 47.35
CA ARG E 66 -6.64 -10.41 46.59
C ARG E 66 -7.00 -10.41 45.10
N GLY E 67 -7.26 -11.59 44.54
CA GLY E 67 -7.80 -11.65 43.20
C GLY E 67 -9.13 -10.92 43.09
N CYS E 68 -10.01 -11.13 44.06
CA CYS E 68 -11.30 -10.45 44.07
C CYS E 68 -11.12 -8.94 44.18
N GLN E 69 -10.19 -8.49 45.03
CA GLN E 69 -9.94 -7.07 45.18
C GLN E 69 -9.45 -6.45 43.88
N LEU E 70 -8.50 -7.11 43.21
CA LEU E 70 -8.00 -6.57 41.95
C LEU E 70 -9.03 -6.67 40.83
N MET E 71 -9.97 -7.62 40.91
CA MET E 71 -11.07 -7.65 39.96
C MET E 71 -12.00 -6.46 40.18
N GLN E 72 -12.35 -6.18 41.43
CA GLN E 72 -13.22 -5.05 41.72
C GLN E 72 -12.57 -3.73 41.32
N ALA E 73 -11.26 -3.60 41.59
CA ALA E 73 -10.55 -2.40 41.17
C ALA E 73 -10.43 -2.29 39.65
N GLY E 74 -10.61 -3.39 38.93
CA GLY E 74 -10.54 -3.36 37.48
C GLY E 74 -9.15 -3.30 36.91
N THR E 75 -8.12 -3.53 37.72
CA THR E 75 -6.73 -3.46 37.27
C THR E 75 -6.00 -4.77 37.56
N HIS E 76 -6.68 -5.89 37.37
CA HIS E 76 -6.06 -7.20 37.58
C HIS E 76 -5.02 -7.46 36.49
N PRO E 77 -3.76 -7.72 36.85
CA PRO E 77 -2.74 -7.93 35.80
C PRO E 77 -3.00 -9.13 34.92
N ASP E 78 -3.60 -10.19 35.45
CA ASP E 78 -3.85 -11.42 34.70
C ASP E 78 -5.18 -11.40 33.96
N TYR E 79 -5.96 -10.33 34.10
CA TYR E 79 -7.24 -10.21 33.42
C TYR E 79 -7.06 -9.50 32.09
N TYR E 80 -7.79 -9.96 31.07
CA TYR E 80 -7.67 -9.41 29.73
C TYR E 80 -9.04 -9.01 29.23
N THR E 81 -9.13 -7.81 28.66
CA THR E 81 -10.35 -7.36 28.00
C THR E 81 -10.01 -6.90 26.58
N LEU E 82 -10.77 -7.38 25.61
CA LEU E 82 -10.59 -7.01 24.21
C LEU E 82 -11.88 -6.36 23.72
N ALA E 83 -11.85 -5.04 23.57
CA ALA E 83 -12.98 -4.28 23.07
C ALA E 83 -12.48 -3.26 22.06
N PRO E 84 -13.30 -2.93 21.06
CA PRO E 84 -12.91 -1.87 20.12
C PRO E 84 -12.79 -0.53 20.81
N GLU E 85 -11.91 0.32 20.29
CA GLU E 85 -11.80 1.68 20.80
C GLU E 85 -13.12 2.40 20.61
N LYS E 86 -13.46 3.27 21.57
CA LYS E 86 -14.79 3.88 21.59
C LYS E 86 -15.06 4.72 20.36
N GLY E 87 -14.04 5.12 19.62
CA GLY E 87 -14.20 5.83 18.37
C GLY E 87 -14.36 4.96 17.15
N LYS E 88 -14.47 3.65 17.33
CA LYS E 88 -14.55 2.70 16.22
C LYS E 88 -15.41 1.52 16.67
N ASN E 89 -15.79 0.67 15.71
CA ASN E 89 -16.63 -0.48 15.99
C ASN E 89 -15.97 -1.81 15.63
N THR E 90 -14.66 -1.83 15.42
CA THR E 90 -13.95 -3.05 15.04
C THR E 90 -12.77 -3.28 15.97
N LEU E 91 -12.43 -4.55 16.15
CA LEU E 91 -11.27 -4.96 16.94
C LEU E 91 -10.13 -5.31 15.99
N GLY E 92 -9.04 -4.53 16.06
CA GLY E 92 -7.98 -4.63 15.09
C GLY E 92 -6.97 -5.71 15.40
N VAL E 93 -5.97 -5.79 14.52
CA VAL E 93 -4.92 -6.81 14.68
C VAL E 93 -4.09 -6.53 15.93
N ASP E 94 -3.72 -5.28 16.15
CA ASP E 94 -2.79 -4.96 17.23
C ASP E 94 -3.41 -5.17 18.61
N ALA E 95 -4.72 -4.92 18.75
CA ALA E 95 -5.37 -5.07 20.04
C ALA E 95 -5.28 -6.51 20.53
N VAL E 96 -5.52 -7.48 19.64
CA VAL E 96 -5.36 -8.88 20.03
C VAL E 96 -3.90 -9.32 19.97
N ARG E 97 -3.06 -8.64 19.18
CA ARG E 97 -1.66 -9.02 19.09
C ARG E 97 -0.93 -8.73 20.39
N GLU E 98 -1.21 -7.59 21.03
CA GLU E 98 -0.60 -7.29 22.31
C GLU E 98 -1.05 -8.30 23.37
N VAL E 99 -2.33 -8.70 23.33
CA VAL E 99 -2.82 -9.74 24.22
C VAL E 99 -2.06 -11.04 23.99
N THR E 100 -1.89 -11.42 22.72
CA THR E 100 -1.20 -12.66 22.40
C THR E 100 0.25 -12.64 22.88
N GLU E 101 0.97 -11.55 22.60
CA GLU E 101 2.38 -11.51 22.95
C GLU E 101 2.61 -11.36 24.44
N LYS E 102 1.68 -10.70 25.15
CA LYS E 102 1.83 -10.52 26.58
C LYS E 102 1.21 -11.66 27.38
N LEU E 103 0.47 -12.54 26.71
CA LEU E 103 0.00 -13.78 27.35
C LEU E 103 1.09 -14.82 27.48
N ASN E 104 2.17 -14.69 26.72
CA ASN E 104 3.22 -15.70 26.74
C ASN E 104 3.89 -15.81 28.10
N GLU E 105 3.97 -14.71 28.83
CA GLU E 105 4.58 -14.73 30.15
C GLU E 105 3.66 -15.40 31.16
N HIS E 106 4.23 -15.76 32.30
CA HIS E 106 3.47 -16.42 33.35
C HIS E 106 2.46 -15.47 33.95
N ALA E 107 1.48 -16.04 34.65
CA ALA E 107 0.50 -15.23 35.35
C ALA E 107 1.19 -14.43 36.45
N ARG E 108 0.84 -13.15 36.54
CA ARG E 108 1.50 -12.28 37.51
C ARG E 108 1.26 -12.74 38.94
N LEU E 109 0.02 -13.11 39.25
CA LEU E 109 -0.33 -13.57 40.60
C LEU E 109 -0.17 -15.07 40.77
N GLY E 110 0.30 -15.78 39.74
CA GLY E 110 0.47 -17.21 39.83
C GLY E 110 -0.79 -18.02 39.67
N GLY E 111 -1.89 -17.41 39.27
CA GLY E 111 -3.16 -18.09 39.07
C GLY E 111 -3.46 -18.32 37.61
N ALA E 112 -4.72 -18.09 37.24
CA ALA E 112 -5.16 -18.29 35.87
C ALA E 112 -4.87 -17.05 35.03
N LYS E 113 -5.02 -17.21 33.71
CA LYS E 113 -4.91 -16.10 32.76
C LYS E 113 -6.19 -16.09 31.94
N VAL E 114 -7.09 -15.16 32.25
CA VAL E 114 -8.44 -15.14 31.69
C VAL E 114 -8.54 -13.99 30.71
N VAL E 115 -9.07 -14.27 29.52
CA VAL E 115 -9.24 -13.29 28.45
C VAL E 115 -10.72 -13.23 28.08
N TRP E 116 -11.25 -12.02 27.92
CA TRP E 116 -12.63 -11.81 27.51
C TRP E 116 -12.64 -10.95 26.25
N VAL E 117 -13.17 -11.51 25.17
CA VAL E 117 -13.47 -10.74 23.97
C VAL E 117 -14.91 -10.26 24.07
N THR E 118 -15.10 -8.94 24.07
CA THR E 118 -16.41 -8.37 24.37
C THR E 118 -17.46 -8.80 23.35
N ASP E 119 -17.11 -8.78 22.07
CA ASP E 119 -18.05 -9.21 21.03
C ASP E 119 -17.23 -9.79 19.88
N ALA E 120 -17.32 -11.10 19.69
CA ALA E 120 -16.54 -11.76 18.65
C ALA E 120 -16.98 -11.35 17.25
N ALA E 121 -18.22 -10.87 17.09
CA ALA E 121 -18.67 -10.42 15.78
C ALA E 121 -17.88 -9.20 15.31
N LEU E 122 -17.55 -8.30 16.23
CA LEU E 122 -16.79 -7.10 15.90
C LEU E 122 -15.35 -7.42 15.50
N LEU E 123 -14.88 -8.64 15.75
CA LEU E 123 -13.50 -8.99 15.43
C LEU E 123 -13.27 -8.95 13.93
N THR E 124 -12.24 -8.24 13.51
CA THR E 124 -11.80 -8.31 12.13
C THR E 124 -11.27 -9.71 11.84
N ASP E 125 -11.45 -10.15 10.59
CA ASP E 125 -11.00 -11.49 10.23
C ASP E 125 -9.51 -11.67 10.49
N ALA E 126 -8.72 -10.60 10.35
CA ALA E 126 -7.31 -10.67 10.70
C ALA E 126 -7.10 -10.88 12.19
N ALA E 127 -7.88 -10.19 13.02
CA ALA E 127 -7.80 -10.41 14.46
C ALA E 127 -8.21 -11.82 14.83
N ALA E 128 -9.26 -12.35 14.18
CA ALA E 128 -9.67 -13.72 14.40
C ALA E 128 -8.56 -14.71 14.04
N ASN E 129 -7.96 -14.51 12.87
CA ASN E 129 -6.88 -15.41 12.44
C ASN E 129 -5.69 -15.31 13.38
N ALA E 130 -5.40 -14.12 13.90
CA ALA E 130 -4.33 -13.98 14.90
C ALA E 130 -4.66 -14.72 16.18
N LEU E 131 -5.92 -14.65 16.63
CA LEU E 131 -6.34 -15.31 17.86
C LEU E 131 -6.49 -16.82 17.70
N LEU E 132 -6.47 -17.32 16.45
CA LEU E 132 -6.63 -18.75 16.21
C LEU E 132 -5.61 -19.57 16.98
N LYS E 133 -4.33 -19.21 16.87
CA LYS E 133 -3.27 -20.00 17.49
C LYS E 133 -3.42 -20.04 19.01
N THR E 134 -3.73 -18.90 19.62
CA THR E 134 -3.86 -18.86 21.07
C THR E 134 -5.11 -19.60 21.54
N LEU E 135 -6.18 -19.60 20.73
CA LEU E 135 -7.37 -20.35 21.10
C LEU E 135 -7.13 -21.85 20.97
N GLU E 136 -6.42 -22.27 19.94
CA GLU E 136 -6.22 -23.71 19.71
C GLU E 136 -5.36 -24.33 20.79
N GLU E 137 -4.20 -23.73 21.07
CA GLU E 137 -3.24 -24.28 22.03
C GLU E 137 -2.81 -23.18 22.99
N PRO E 138 -3.68 -22.80 23.92
CA PRO E 138 -3.32 -21.79 24.91
C PRO E 138 -2.30 -22.34 25.90
N PRO E 139 -1.57 -21.49 26.59
CA PRO E 139 -0.66 -21.97 27.64
C PRO E 139 -1.46 -22.53 28.81
N ALA E 140 -0.74 -23.12 29.75
CA ALA E 140 -1.38 -23.74 30.90
C ALA E 140 -2.12 -22.68 31.73
N GLU E 141 -3.27 -23.08 32.27
CA GLU E 141 -4.09 -22.22 33.12
C GLU E 141 -4.48 -20.93 32.40
N THR E 142 -4.82 -21.06 31.12
CA THR E 142 -5.31 -19.93 30.32
C THR E 142 -6.72 -20.25 29.84
N TRP E 143 -7.62 -19.30 30.02
CA TRP E 143 -9.02 -19.48 29.66
C TRP E 143 -9.51 -18.30 28.83
N PHE E 144 -10.43 -18.58 27.92
CA PHE E 144 -10.95 -17.59 26.99
C PHE E 144 -12.46 -17.53 27.09
N PHE E 145 -13.00 -16.36 26.75
CA PHE E 145 -14.44 -16.14 26.78
C PHE E 145 -14.81 -15.25 25.60
N LEU E 146 -15.73 -15.73 24.76
CA LEU E 146 -16.21 -14.98 23.61
C LEU E 146 -17.72 -14.92 23.65
N ALA E 147 -18.27 -13.83 23.13
CA ALA E 147 -19.71 -13.63 23.10
C ALA E 147 -20.12 -13.12 21.73
N THR E 148 -21.33 -13.50 21.32
CA THR E 148 -21.86 -13.05 20.03
C THR E 148 -23.36 -13.24 19.99
N ARG E 149 -24.02 -12.47 19.13
CA ARG E 149 -25.44 -12.66 18.91
C ARG E 149 -25.72 -13.95 18.15
N GLU E 150 -24.92 -14.25 17.12
CA GLU E 150 -25.09 -15.47 16.35
C GLU E 150 -23.73 -16.04 15.99
N PRO E 151 -23.43 -17.28 16.40
CA PRO E 151 -22.12 -17.85 16.09
C PRO E 151 -21.89 -18.09 14.60
N GLU E 152 -22.95 -18.16 13.79
CA GLU E 152 -22.76 -18.40 12.36
C GLU E 152 -22.06 -17.23 11.70
N ARG E 153 -22.28 -16.01 12.16
CA ARG E 153 -21.60 -14.85 11.60
C ARG E 153 -20.10 -14.87 11.88
N LEU E 154 -19.67 -15.66 12.85
CA LEU E 154 -18.25 -15.75 13.19
C LEU E 154 -17.50 -16.57 12.15
N LEU E 155 -16.18 -16.45 12.19
CA LEU E 155 -15.34 -17.26 11.33
C LEU E 155 -15.47 -18.74 11.70
N ALA E 156 -15.50 -19.60 10.69
CA ALA E 156 -15.70 -21.03 10.93
C ALA E 156 -14.58 -21.60 11.79
N THR E 157 -13.33 -21.31 11.43
CA THR E 157 -12.21 -21.81 12.20
C THR E 157 -12.08 -21.14 13.56
N LEU E 158 -12.66 -19.95 13.74
CA LEU E 158 -12.69 -19.34 15.06
C LEU E 158 -13.58 -20.13 16.01
N ARG E 159 -14.81 -20.42 15.58
CA ARG E 159 -15.75 -21.13 16.43
C ARG E 159 -15.45 -22.62 16.51
N SER E 160 -14.66 -23.16 15.58
CA SER E 160 -14.30 -24.56 15.64
C SER E 160 -13.50 -24.90 16.89
N ARG E 161 -12.82 -23.93 17.48
CA ARG E 161 -11.94 -24.17 18.62
C ARG E 161 -12.61 -23.93 19.96
N CYS E 162 -13.88 -23.53 19.98
CA CYS E 162 -14.55 -23.16 21.22
C CYS E 162 -15.78 -24.03 21.45
N ARG E 163 -16.06 -24.32 22.71
CA ARG E 163 -17.31 -24.97 23.07
C ARG E 163 -18.44 -23.94 23.04
N LEU E 164 -19.49 -24.24 22.28
CA LEU E 164 -20.60 -23.32 22.08
C LEU E 164 -21.65 -23.55 23.15
N HIS E 165 -21.84 -22.57 24.02
CA HIS E 165 -22.93 -22.57 24.98
C HIS E 165 -24.04 -21.66 24.47
N TYR E 166 -25.27 -22.02 24.79
CA TYR E 166 -26.45 -21.28 24.36
C TYR E 166 -27.20 -20.76 25.57
N LEU E 167 -27.56 -19.48 25.54
CA LEU E 167 -28.37 -18.86 26.57
C LEU E 167 -29.82 -18.83 26.09
N ALA E 168 -30.60 -19.80 26.54
CA ALA E 168 -31.99 -19.88 26.12
C ALA E 168 -32.80 -18.76 26.75
N PRO E 169 -33.54 -17.99 25.96
CA PRO E 169 -34.33 -16.90 26.55
C PRO E 169 -35.36 -17.45 27.51
N PRO E 170 -35.72 -16.70 28.54
CA PRO E 170 -36.64 -17.21 29.55
C PRO E 170 -38.02 -17.41 28.97
N PRO E 171 -38.89 -18.19 29.63
CA PRO E 171 -40.25 -18.40 29.13
C PRO E 171 -40.98 -17.06 28.99
N GLU E 172 -41.88 -17.01 28.01
CA GLU E 172 -42.54 -15.75 27.69
C GLU E 172 -43.30 -15.20 28.89
N GLN E 173 -44.01 -16.05 29.63
CA GLN E 173 -44.73 -15.58 30.79
C GLN E 173 -43.79 -15.01 31.85
N TYR E 174 -42.67 -15.71 32.10
CA TYR E 174 -41.69 -15.21 33.08
C TYR E 174 -41.10 -13.88 32.64
N ALA E 175 -40.78 -13.75 31.35
CA ALA E 175 -40.26 -12.49 30.84
C ALA E 175 -41.28 -11.37 30.97
N VAL E 176 -42.55 -11.66 30.66
CA VAL E 176 -43.61 -10.66 30.84
C VAL E 176 -43.70 -10.24 32.30
N THR E 177 -43.63 -11.20 33.22
CA THR E 177 -43.69 -10.85 34.64
C THR E 177 -42.53 -9.95 35.03
N TRP E 178 -41.31 -10.26 34.55
CA TRP E 178 -40.15 -9.44 34.88
C TRP E 178 -40.30 -8.03 34.31
N LEU E 179 -40.77 -7.91 33.06
CA LEU E 179 -40.96 -6.59 32.46
C LEU E 179 -42.00 -5.79 33.24
N SER E 180 -43.11 -6.44 33.61
CA SER E 180 -44.13 -5.75 34.40
C SER E 180 -43.58 -5.30 35.74
N ARG E 181 -42.72 -6.11 36.35
CA ARG E 181 -42.09 -5.71 37.60
C ARG E 181 -41.21 -4.49 37.41
N GLU E 182 -40.45 -4.43 36.31
CA GLU E 182 -39.55 -3.30 36.09
C GLU E 182 -40.30 -2.08 35.58
N VAL E 183 -40.91 -2.18 34.40
CA VAL E 183 -41.66 -1.07 33.82
C VAL E 183 -43.15 -1.34 34.01
N THR E 184 -43.92 -0.26 34.07
CA THR E 184 -45.35 -0.33 34.35
C THR E 184 -46.12 0.22 33.15
N MET E 185 -46.73 -0.67 32.37
CA MET E 185 -47.60 -0.30 31.27
C MET E 185 -48.43 -1.52 30.89
N SER E 186 -49.19 -1.39 29.79
CA SER E 186 -50.10 -2.44 29.38
C SER E 186 -49.35 -3.68 28.93
N GLN E 187 -49.98 -4.85 29.10
CA GLN E 187 -49.36 -6.12 28.76
C GLN E 187 -49.11 -6.23 27.26
N ASP E 188 -49.94 -5.58 26.43
CA ASP E 188 -49.73 -5.64 24.99
C ASP E 188 -48.42 -5.00 24.59
N ALA E 189 -48.06 -3.89 25.23
CA ALA E 189 -46.76 -3.26 24.96
C ALA E 189 -45.62 -4.19 25.37
N LEU E 190 -45.78 -4.89 26.50
CA LEU E 190 -44.76 -5.83 26.93
C LEU E 190 -44.59 -6.95 25.91
N LEU E 191 -45.70 -7.50 25.42
CA LEU E 191 -45.63 -8.55 24.41
C LEU E 191 -44.98 -8.04 23.14
N ALA E 192 -45.32 -6.82 22.72
CA ALA E 192 -44.71 -6.25 21.53
C ALA E 192 -43.20 -6.12 21.70
N ALA E 193 -42.77 -5.61 22.87
CA ALA E 193 -41.33 -5.46 23.10
C ALA E 193 -40.62 -6.81 23.12
N LEU E 194 -41.22 -7.80 23.77
CA LEU E 194 -40.59 -9.12 23.85
C LEU E 194 -40.47 -9.76 22.46
N ARG E 195 -41.57 -9.80 21.72
CA ARG E 195 -41.55 -10.45 20.42
C ARG E 195 -40.75 -9.66 19.39
N LEU E 196 -40.61 -8.34 19.56
CA LEU E 196 -39.70 -7.58 18.72
C LEU E 196 -38.24 -7.80 19.12
N SER E 197 -38.00 -8.14 20.38
CA SER E 197 -36.66 -8.38 20.88
C SER E 197 -36.24 -9.84 20.77
N ALA E 198 -36.99 -10.66 20.04
CA ALA E 198 -36.71 -12.08 19.87
C ALA E 198 -36.63 -12.80 21.21
N GLY E 199 -37.51 -12.41 22.14
CA GLY E 199 -37.55 -13.03 23.44
C GLY E 199 -36.53 -12.51 24.43
N SER E 200 -35.78 -11.48 24.08
CA SER E 200 -34.76 -10.93 24.98
C SER E 200 -35.40 -9.87 25.86
N PRO E 201 -35.57 -10.12 27.17
CA PRO E 201 -36.19 -9.09 28.01
C PRO E 201 -35.28 -7.91 28.28
N GLY E 202 -33.96 -8.11 28.29
CA GLY E 202 -33.05 -6.98 28.44
C GLY E 202 -33.18 -6.00 27.29
N ALA E 203 -33.33 -6.50 26.06
CA ALA E 203 -33.59 -5.62 24.93
C ALA E 203 -34.91 -4.89 25.08
N ALA E 204 -35.91 -5.54 25.68
CA ALA E 204 -37.17 -4.87 25.95
C ALA E 204 -36.99 -3.73 26.94
N LEU E 205 -36.22 -3.95 28.00
CA LEU E 205 -35.90 -2.86 28.92
C LEU E 205 -35.17 -1.73 28.20
N ALA E 206 -34.22 -2.07 27.33
CA ALA E 206 -33.51 -1.04 26.58
C ALA E 206 -34.45 -0.24 25.70
N LEU E 207 -35.41 -0.92 25.06
CA LEU E 207 -36.38 -0.23 24.22
C LEU E 207 -37.27 0.69 25.04
N PHE E 208 -37.74 0.23 26.20
CA PHE E 208 -38.66 1.02 26.99
C PHE E 208 -37.98 2.21 27.67
N GLN E 209 -36.79 2.00 28.22
CA GLN E 209 -36.14 3.06 28.98
C GLN E 209 -35.78 4.24 28.09
N GLY E 210 -35.28 3.98 26.89
CA GLY E 210 -34.98 5.02 25.95
C GLY E 210 -36.22 5.59 25.29
N ASP E 211 -36.00 6.56 24.41
CA ASP E 211 -37.10 7.17 23.67
C ASP E 211 -37.48 6.38 22.43
N ASN E 212 -36.83 5.24 22.19
CA ASN E 212 -37.03 4.52 20.94
C ASN E 212 -38.46 3.98 20.83
N TRP E 213 -39.08 3.66 21.96
CA TRP E 213 -40.47 3.20 21.95
C TRP E 213 -41.41 4.30 21.49
N GLN E 214 -41.13 5.54 21.90
CA GLN E 214 -41.92 6.67 21.40
C GLN E 214 -41.74 6.84 19.90
N ALA E 215 -40.53 6.58 19.39
CA ALA E 215 -40.31 6.59 17.95
C ALA E 215 -41.10 5.49 17.27
N ARG E 216 -41.23 4.34 17.93
CA ARG E 216 -42.09 3.28 17.40
C ARG E 216 -43.54 3.74 17.30
N GLU E 217 -44.01 4.45 18.33
CA GLU E 217 -45.36 5.01 18.31
C GLU E 217 -45.52 6.00 17.16
N THR E 218 -44.50 6.83 16.95
CA THR E 218 -44.52 7.79 15.85
C THR E 218 -44.61 7.07 14.51
N LEU E 219 -43.83 5.99 14.34
CA LEU E 219 -43.88 5.21 13.12
C LEU E 219 -45.26 4.58 12.93
N CYS E 220 -45.87 4.14 14.04
CA CYS E 220 -47.21 3.56 13.97
C CYS E 220 -48.22 4.59 13.48
N GLN E 221 -48.14 5.82 13.99
CA GLN E 221 -49.05 6.88 13.52
C GLN E 221 -48.81 7.19 12.05
N ALA E 222 -47.54 7.30 11.66
CA ALA E 222 -47.21 7.58 10.26
C ALA E 222 -47.71 6.48 9.35
N LEU E 223 -47.71 5.24 9.82
CA LEU E 223 -48.28 4.14 9.06
C LEU E 223 -49.80 4.20 9.03
N ALA E 224 -50.41 4.62 10.14
CA ALA E 224 -51.86 4.81 10.17
C ALA E 224 -52.30 5.78 9.09
N TYR E 225 -51.47 6.78 8.80
CA TYR E 225 -51.75 7.63 7.64
C TYR E 225 -51.18 7.08 6.33
N SER E 226 -50.22 6.16 6.38
CA SER E 226 -49.44 5.84 5.20
C SER E 226 -50.11 4.77 4.34
N VAL E 227 -50.63 3.72 4.96
CA VAL E 227 -51.18 2.60 4.21
C VAL E 227 -52.52 2.91 3.53
N PRO E 228 -53.43 3.72 4.09
CA PRO E 228 -54.70 3.94 3.40
C PRO E 228 -54.61 4.91 2.23
N SER E 229 -53.47 5.57 2.02
CA SER E 229 -53.33 6.56 0.98
C SER E 229 -52.15 6.34 0.05
N GLY E 230 -51.35 5.30 0.27
CA GLY E 230 -50.18 5.07 -0.56
C GLY E 230 -49.16 6.19 -0.47
N ASP E 231 -48.82 6.59 0.75
CA ASP E 231 -47.91 7.70 1.01
C ASP E 231 -46.77 7.25 1.92
N TRP E 232 -46.14 6.12 1.59
CA TRP E 232 -45.08 5.56 2.42
C TRP E 232 -43.84 6.46 2.48
N TYR E 233 -43.66 7.35 1.51
CA TYR E 233 -42.51 8.26 1.56
C TYR E 233 -42.53 9.11 2.82
N SER E 234 -43.72 9.43 3.33
CA SER E 234 -43.83 10.23 4.54
C SER E 234 -43.24 9.52 5.75
N LEU E 235 -42.99 8.21 5.65
CA LEU E 235 -42.34 7.48 6.74
C LEU E 235 -40.86 7.81 6.86
N LEU E 236 -40.30 8.55 5.90
CA LEU E 236 -38.87 8.87 5.93
C LEU E 236 -38.43 9.41 7.28
N ALA E 237 -39.06 10.50 7.73
CA ALA E 237 -38.68 11.11 8.99
C ALA E 237 -38.85 10.16 10.16
N ALA E 238 -39.76 9.19 10.03
CA ALA E 238 -39.98 8.22 11.11
C ALA E 238 -38.90 7.16 11.18
N LEU E 239 -38.12 6.98 10.11
CA LEU E 239 -37.13 5.92 10.07
C LEU E 239 -35.69 6.40 10.14
N ASN E 240 -35.41 7.63 9.72
CA ASN E 240 -34.04 8.09 9.52
C ASN E 240 -33.56 8.89 10.73
N HIS E 241 -33.46 8.20 11.87
CA HIS E 241 -32.77 8.75 13.06
C HIS E 241 -31.84 7.68 13.61
N GLU E 242 -30.66 7.55 13.00
CA GLU E 242 -29.51 6.77 13.51
C GLU E 242 -29.93 5.40 14.06
N GLN E 243 -31.10 4.90 13.66
CA GLN E 243 -31.63 3.64 14.18
C GLN E 243 -32.32 2.85 13.08
N ALA E 244 -31.86 3.00 11.84
CA ALA E 244 -32.51 2.34 10.72
C ALA E 244 -32.71 0.84 10.92
N PRO E 245 -31.74 0.08 11.45
CA PRO E 245 -32.03 -1.34 11.72
C PRO E 245 -33.24 -1.56 12.62
N ALA E 246 -33.38 -0.78 13.70
CA ALA E 246 -34.47 -1.00 14.63
C ALA E 246 -35.82 -0.63 14.04
N ARG E 247 -35.90 0.56 13.42
CA ARG E 247 -37.16 0.98 12.81
C ARG E 247 -37.55 0.06 11.66
N LEU E 248 -36.59 -0.33 10.84
CA LEU E 248 -36.89 -1.26 9.75
C LEU E 248 -37.30 -2.62 10.29
N HIS E 249 -36.72 -3.05 11.40
CA HIS E 249 -37.13 -4.29 12.02
C HIS E 249 -38.58 -4.21 12.48
N TRP E 250 -38.97 -3.09 13.10
CA TRP E 250 -40.35 -2.93 13.53
C TRP E 250 -41.30 -2.92 12.34
N LEU E 251 -40.93 -2.22 11.27
CA LEU E 251 -41.79 -2.18 10.08
C LEU E 251 -41.94 -3.56 9.45
N ALA E 252 -40.82 -4.29 9.31
CA ALA E 252 -40.87 -5.64 8.76
C ALA E 252 -41.70 -6.55 9.63
N THR E 253 -41.63 -6.36 10.96
CA THR E 253 -42.43 -7.19 11.85
C THR E 253 -43.91 -6.85 11.76
N LEU E 254 -44.24 -5.58 11.53
CA LEU E 254 -45.64 -5.22 11.25
C LEU E 254 -46.14 -5.90 9.98
N LEU E 255 -45.31 -5.89 8.93
CA LEU E 255 -45.69 -6.58 7.70
C LEU E 255 -45.85 -8.08 7.94
N MET E 256 -44.95 -8.66 8.75
CA MET E 256 -45.05 -10.08 9.09
C MET E 256 -46.34 -10.38 9.83
N ASP E 257 -46.73 -9.50 10.76
CA ASP E 257 -47.97 -9.69 11.49
C ASP E 257 -49.18 -9.59 10.58
N ALA E 258 -49.14 -8.67 9.62
CA ALA E 258 -50.23 -8.61 8.64
C ALA E 258 -50.30 -9.90 7.81
N LEU E 259 -49.14 -10.41 7.41
CA LEU E 259 -49.10 -11.68 6.67
C LEU E 259 -49.67 -12.82 7.50
N LYS E 260 -49.33 -12.85 8.80
CA LYS E 260 -49.91 -13.84 9.70
C LYS E 260 -51.42 -13.65 9.80
N ARG E 261 -51.88 -12.41 9.78
CA ARG E 261 -53.32 -12.15 9.81
C ARG E 261 -54.00 -12.68 8.56
N HIS E 262 -53.29 -12.70 7.42
CA HIS E 262 -53.84 -13.36 6.25
C HIS E 262 -54.04 -14.85 6.53
N HIS E 263 -52.95 -15.58 6.73
CA HIS E 263 -53.02 -17.00 7.09
C HIS E 263 -53.27 -17.06 8.60
N GLY E 264 -54.53 -16.87 8.97
CA GLY E 264 -54.94 -16.57 10.33
C GLY E 264 -54.17 -17.30 11.42
N ALA E 265 -53.52 -16.54 12.30
CA ALA E 265 -52.70 -17.09 13.36
C ALA E 265 -53.18 -16.58 14.70
N ALA E 266 -53.04 -17.41 15.73
CA ALA E 266 -53.47 -17.04 17.07
C ALA E 266 -52.58 -15.94 17.65
N GLN E 267 -51.28 -15.97 17.35
CA GLN E 267 -50.32 -15.06 17.95
C GLN E 267 -49.59 -14.27 16.88
N VAL E 268 -49.43 -12.96 17.13
CA VAL E 268 -48.63 -12.07 16.31
C VAL E 268 -47.74 -11.25 17.23
N THR E 269 -46.82 -10.49 16.64
CA THR E 269 -45.92 -9.68 17.44
C THR E 269 -46.58 -8.37 17.85
N ASN E 270 -46.94 -7.53 16.89
CA ASN E 270 -47.50 -6.22 17.17
C ASN E 270 -48.95 -6.39 17.64
N VAL E 271 -49.08 -6.81 18.90
CA VAL E 271 -50.40 -6.94 19.52
C VAL E 271 -50.91 -5.62 20.06
N ASP E 272 -50.03 -4.61 20.20
CA ASP E 272 -50.47 -3.31 20.71
C ASP E 272 -51.25 -2.51 19.68
N VAL E 273 -51.11 -2.85 18.39
CA VAL E 273 -51.79 -2.11 17.33
C VAL E 273 -52.56 -3.07 16.43
N PRO E 274 -53.58 -3.76 16.94
CA PRO E 274 -54.33 -4.68 16.06
C PRO E 274 -55.02 -3.98 14.90
N GLY E 275 -55.50 -2.76 15.12
CA GLY E 275 -56.15 -2.03 14.03
C GLY E 275 -55.20 -1.74 12.88
N LEU E 276 -53.96 -1.36 13.21
CA LEU E 276 -52.97 -1.13 12.16
C LEU E 276 -52.67 -2.42 11.40
N VAL E 277 -52.57 -3.53 12.10
CA VAL E 277 -52.33 -4.82 11.43
C VAL E 277 -53.48 -5.16 10.51
N ALA E 278 -54.72 -4.93 10.97
CA ALA E 278 -55.88 -5.18 10.13
C ALA E 278 -55.88 -4.29 8.89
N GLU E 279 -55.51 -3.02 9.06
CA GLU E 279 -55.43 -2.12 7.90
C GLU E 279 -54.37 -2.58 6.92
N LEU E 280 -53.20 -2.98 7.43
CA LEU E 280 -52.14 -3.49 6.56
C LEU E 280 -52.60 -4.71 5.79
N ALA E 281 -53.29 -5.64 6.46
CA ALA E 281 -53.75 -6.85 5.79
C ALA E 281 -54.83 -6.53 4.75
N ASN E 282 -55.77 -5.64 5.08
CA ASN E 282 -56.90 -5.40 4.19
C ASN E 282 -56.48 -4.58 2.96
N HIS E 283 -55.67 -3.55 3.16
CA HIS E 283 -55.37 -2.61 2.10
C HIS E 283 -54.23 -3.05 1.20
N LEU E 284 -53.60 -4.20 1.46
CA LEU E 284 -52.42 -4.61 0.71
C LEU E 284 -52.56 -6.05 0.23
N SER E 285 -52.13 -6.27 -1.01
CA SER E 285 -52.14 -7.61 -1.57
C SER E 285 -51.10 -8.47 -0.87
N PRO E 286 -51.38 -9.76 -0.66
CA PRO E 286 -50.41 -10.63 0.04
C PRO E 286 -49.07 -10.72 -0.66
N SER E 287 -49.06 -10.78 -1.99
CA SER E 287 -47.79 -10.78 -2.72
C SER E 287 -47.06 -9.46 -2.56
N ARG E 288 -47.80 -8.35 -2.56
CA ARG E 288 -47.20 -7.06 -2.28
C ARG E 288 -46.61 -7.01 -0.88
N LEU E 289 -47.30 -7.61 0.10
CA LEU E 289 -46.75 -7.70 1.45
C LEU E 289 -45.47 -8.52 1.46
N GLN E 290 -45.43 -9.64 0.74
CA GLN E 290 -44.22 -10.43 0.63
C GLN E 290 -43.07 -9.58 0.09
N ALA E 291 -43.32 -8.88 -1.01
CA ALA E 291 -42.27 -8.08 -1.64
C ALA E 291 -41.78 -6.98 -0.70
N ILE E 292 -42.72 -6.30 -0.03
CA ILE E 292 -42.35 -5.20 0.86
C ILE E 292 -41.54 -5.71 2.03
N LEU E 293 -41.97 -6.81 2.64
CA LEU E 293 -41.22 -7.38 3.77
C LEU E 293 -39.83 -7.81 3.35
N GLY E 294 -39.72 -8.48 2.20
CA GLY E 294 -38.41 -8.90 1.73
C GLY E 294 -37.49 -7.72 1.45
N ASP E 295 -38.02 -6.67 0.81
CA ASP E 295 -37.20 -5.52 0.50
C ASP E 295 -36.78 -4.78 1.77
N VAL E 296 -37.68 -4.68 2.75
CA VAL E 296 -37.33 -4.04 4.02
C VAL E 296 -36.22 -4.83 4.72
N CYS E 297 -36.34 -6.16 4.75
CA CYS E 297 -35.31 -6.96 5.39
C CYS E 297 -33.96 -6.82 4.66
N HIS E 298 -33.99 -6.81 3.33
CA HIS E 298 -32.76 -6.66 2.57
C HIS E 298 -32.11 -5.31 2.83
N ILE E 299 -32.92 -4.24 2.89
CA ILE E 299 -32.36 -2.91 3.13
C ILE E 299 -31.81 -2.80 4.55
N ARG E 300 -32.49 -3.43 5.52
CA ARG E 300 -31.96 -3.44 6.87
C ARG E 300 -30.62 -4.17 6.93
N GLU E 301 -30.52 -5.29 6.21
CA GLU E 301 -29.26 -6.03 6.16
C GLU E 301 -28.16 -5.17 5.53
N GLN E 302 -28.48 -4.47 4.44
CA GLN E 302 -27.49 -3.61 3.79
C GLN E 302 -27.05 -2.48 4.71
N LEU E 303 -27.99 -1.90 5.46
CA LEU E 303 -27.65 -0.84 6.41
C LEU E 303 -26.75 -1.37 7.51
N MET E 304 -27.03 -2.58 8.02
CA MET E 304 -26.21 -3.13 9.09
C MET E 304 -24.81 -3.52 8.59
N SER E 305 -24.73 -4.03 7.36
CA SER E 305 -23.47 -4.57 6.86
C SER E 305 -22.51 -3.46 6.42
N VAL E 306 -22.93 -2.66 5.44
CA VAL E 306 -22.03 -1.68 4.84
C VAL E 306 -21.81 -0.53 5.81
N THR E 307 -20.53 -0.18 6.00
CA THR E 307 -20.17 0.95 6.86
C THR E 307 -19.95 2.19 6.02
N GLY E 308 -20.35 3.34 6.56
CA GLY E 308 -20.24 4.59 5.83
C GLY E 308 -21.35 4.83 4.82
N ILE E 309 -22.35 3.95 4.76
CA ILE E 309 -23.43 4.12 3.81
C ILE E 309 -24.36 5.24 4.27
N ASN E 310 -25.06 5.84 3.31
CA ASN E 310 -26.03 6.89 3.61
C ASN E 310 -27.35 6.26 4.01
N ARG E 311 -27.75 6.48 5.26
CA ARG E 311 -29.03 5.98 5.73
C ARG E 311 -30.19 6.64 4.99
N GLU E 312 -30.11 7.95 4.79
CA GLU E 312 -31.23 8.69 4.22
C GLU E 312 -31.53 8.25 2.79
N LEU E 313 -30.48 8.11 1.97
CA LEU E 313 -30.69 7.69 0.58
C LEU E 313 -31.28 6.29 0.51
N LEU E 314 -30.76 5.37 1.33
CA LEU E 314 -31.28 4.00 1.31
C LEU E 314 -32.73 3.96 1.74
N ILE E 315 -33.10 4.69 2.80
CA ILE E 315 -34.48 4.67 3.26
C ILE E 315 -35.40 5.32 2.22
N THR E 316 -34.95 6.40 1.59
CA THR E 316 -35.76 7.04 0.56
C THR E 316 -35.97 6.10 -0.62
N ASP E 317 -34.93 5.39 -1.04
CA ASP E 317 -35.07 4.43 -2.13
C ASP E 317 -36.01 3.30 -1.73
N LEU E 318 -35.89 2.81 -0.49
CA LEU E 318 -36.81 1.79 0.01
C LEU E 318 -38.25 2.26 -0.08
N LEU E 319 -38.53 3.49 0.36
CA LEU E 319 -39.89 3.99 0.34
C LEU E 319 -40.40 4.17 -1.09
N LEU E 320 -39.53 4.66 -1.99
CA LEU E 320 -39.95 4.81 -3.38
C LEU E 320 -40.23 3.46 -4.02
N ARG E 321 -39.43 2.45 -3.70
CA ARG E 321 -39.69 1.11 -4.22
C ARG E 321 -40.99 0.54 -3.68
N ILE E 322 -41.28 0.79 -2.40
CA ILE E 322 -42.57 0.36 -1.85
C ILE E 322 -43.72 1.04 -2.60
N GLU E 323 -43.58 2.35 -2.84
CA GLU E 323 -44.60 3.08 -3.59
C GLU E 323 -44.79 2.49 -4.98
N HIS E 324 -43.70 2.14 -5.65
CA HIS E 324 -43.80 1.52 -6.97
C HIS E 324 -44.48 0.15 -6.88
N TYR E 325 -44.18 -0.60 -5.82
CA TYR E 325 -44.83 -1.90 -5.63
C TYR E 325 -46.32 -1.77 -5.41
N LEU E 326 -46.75 -0.65 -4.81
CA LEU E 326 -48.18 -0.47 -4.54
C LEU E 326 -49.01 -0.41 -5.82
N GLN E 327 -48.42 0.07 -6.91
CA GLN E 327 -49.18 0.22 -8.15
C GLN E 327 -49.56 -1.15 -8.71
N PRO E 328 -50.75 -1.28 -9.27
CA PRO E 328 -51.14 -2.56 -9.87
C PRO E 328 -50.31 -2.89 -11.10
N GLY E 329 -50.13 -4.20 -11.32
CA GLY E 329 -49.43 -4.66 -12.50
C GLY E 329 -47.91 -4.65 -12.41
N VAL E 330 -47.35 -4.48 -11.22
CA VAL E 330 -45.91 -4.45 -11.04
C VAL E 330 -45.41 -5.86 -10.79
N VAL E 331 -44.25 -6.18 -11.35
CA VAL E 331 -43.61 -7.48 -11.11
C VAL E 331 -42.95 -7.44 -9.73
N LEU E 332 -43.32 -8.39 -8.88
CA LEU E 332 -42.78 -8.35 -7.53
C LEU E 332 -41.63 -9.32 -7.37
N PRO E 333 -40.62 -8.96 -6.57
CA PRO E 333 -39.46 -9.83 -6.39
C PRO E 333 -39.81 -11.06 -5.56
N VAL E 334 -39.04 -12.12 -5.77
CA VAL E 334 -39.14 -13.35 -4.98
C VAL E 334 -37.73 -13.83 -4.68
N PRO E 335 -37.43 -14.21 -3.44
CA PRO E 335 -36.09 -14.75 -3.14
C PRO E 335 -35.79 -15.98 -3.97
N HIS E 336 -34.57 -16.06 -4.49
CA HIS E 336 -34.21 -17.14 -5.39
C HIS E 336 -32.69 -17.30 -5.38
N LEU E 337 -32.25 -18.53 -5.63
CA LEU E 337 -30.83 -18.89 -5.76
C LEU E 337 -30.05 -18.68 -4.46
N GLY F 1 51.13 0.48 -15.91
CA GLY F 1 50.81 1.31 -17.05
C GLY F 1 49.66 2.26 -16.77
N PRO F 2 48.43 1.79 -16.99
CA PRO F 2 47.24 2.56 -16.59
C PRO F 2 46.85 2.28 -15.14
N HIS F 3 47.85 2.35 -14.25
CA HIS F 3 47.70 1.95 -12.85
C HIS F 3 48.18 3.11 -11.99
N MET F 4 47.26 3.99 -11.62
CA MET F 4 47.65 5.10 -10.76
C MET F 4 48.27 4.53 -9.50
N LYS F 5 49.58 4.65 -9.37
CA LYS F 5 50.28 4.09 -8.22
C LYS F 5 50.44 5.15 -7.15
N PHE F 6 50.14 4.77 -5.92
CA PHE F 6 50.08 5.73 -4.83
C PHE F 6 50.47 5.01 -3.55
N THR F 7 51.22 5.69 -2.69
CA THR F 7 51.76 5.06 -1.50
C THR F 7 52.05 6.14 -0.47
N VAL F 8 51.38 6.09 0.68
CA VAL F 8 51.55 7.11 1.69
C VAL F 8 51.23 6.52 3.05
N GLU F 9 51.88 7.03 4.08
CA GLU F 9 51.46 6.75 5.45
C GLU F 9 50.11 7.40 5.72
N ARG F 10 49.35 6.79 6.63
CA ARG F 10 48.00 7.27 6.89
C ARG F 10 47.97 8.59 7.64
N GLU F 11 49.06 8.96 8.31
CA GLU F 11 49.07 10.22 9.05
C GLU F 11 48.97 11.42 8.12
N HIS F 12 49.66 11.37 6.98
CA HIS F 12 49.61 12.46 6.01
C HIS F 12 48.39 12.38 5.10
N LEU F 13 47.56 11.36 5.26
CA LEU F 13 46.36 11.20 4.44
C LEU F 13 45.06 11.40 5.21
N LEU F 14 45.09 11.29 6.54
CA LEU F 14 43.87 11.42 7.32
C LEU F 14 43.29 12.83 7.25
N LYS F 15 44.12 13.84 7.56
CA LYS F 15 43.61 15.20 7.60
C LYS F 15 43.15 15.72 6.24
N PRO F 16 43.92 15.57 5.15
CA PRO F 16 43.42 16.05 3.84
C PRO F 16 42.14 15.38 3.41
N LEU F 17 41.96 14.08 3.72
CA LEU F 17 40.71 13.41 3.40
C LEU F 17 39.54 14.05 4.12
N GLN F 18 39.72 14.41 5.39
CA GLN F 18 38.67 15.10 6.12
C GLN F 18 38.42 16.49 5.55
N GLN F 19 39.49 17.16 5.12
CA GLN F 19 39.34 18.50 4.54
C GLN F 19 38.50 18.45 3.27
N VAL F 20 38.77 17.48 2.39
CA VAL F 20 38.02 17.39 1.13
C VAL F 20 36.69 16.70 1.29
N SER F 21 36.33 16.29 2.50
CA SER F 21 35.06 15.60 2.75
C SER F 21 33.93 16.55 3.10
N GLY F 22 34.19 17.86 3.11
CA GLY F 22 33.19 18.85 3.45
C GLY F 22 31.96 18.86 2.55
N PRO F 23 32.15 19.10 1.24
CA PRO F 23 30.98 19.21 0.35
C PRO F 23 30.18 17.93 0.23
N LEU F 24 30.76 16.79 0.59
CA LEU F 24 30.13 15.49 0.40
C LEU F 24 29.03 15.32 1.45
N GLY F 25 27.80 15.65 1.08
CA GLY F 25 26.65 15.52 1.95
C GLY F 25 26.00 14.16 1.84
N GLY F 26 24.74 14.10 2.26
CA GLY F 26 23.99 12.87 2.22
C GLY F 26 23.71 12.36 0.83
N ARG F 27 22.87 13.09 0.08
CA ARG F 27 22.52 12.70 -1.27
C ARG F 27 23.03 13.74 -2.26
N PRO F 28 23.97 13.38 -3.13
CA PRO F 28 24.43 14.33 -4.14
C PRO F 28 23.50 14.37 -5.34
N THR F 29 23.44 15.55 -5.97
CA THR F 29 22.57 15.71 -7.13
C THR F 29 23.00 14.79 -8.26
N LEU F 30 24.28 14.75 -8.54
CA LEU F 30 24.81 13.78 -9.48
C LEU F 30 25.39 12.59 -8.73
N PRO F 31 25.41 11.40 -9.33
CA PRO F 31 25.95 10.23 -8.63
C PRO F 31 27.45 10.36 -8.34
N ILE F 32 28.22 10.75 -9.36
CA ILE F 32 29.66 10.87 -9.20
C ILE F 32 30.04 11.96 -8.21
N LEU F 33 29.11 12.89 -7.96
CA LEU F 33 29.35 13.93 -6.96
C LEU F 33 29.39 13.40 -5.54
N GLY F 34 29.23 12.09 -5.35
CA GLY F 34 29.33 11.49 -4.04
C GLY F 34 30.70 10.86 -3.81
N ASN F 35 31.69 11.30 -4.58
CA ASN F 35 32.99 10.66 -4.61
C ASN F 35 34.09 11.70 -4.44
N LEU F 36 35.34 11.23 -4.45
CA LEU F 36 36.54 12.05 -4.35
C LEU F 36 37.39 11.83 -5.59
N LEU F 37 37.97 12.91 -6.11
CA LEU F 37 38.86 12.84 -7.27
C LEU F 37 40.29 12.80 -6.76
N LEU F 38 41.00 11.73 -7.10
CA LEU F 38 42.36 11.47 -6.64
C LEU F 38 43.31 11.57 -7.84
N GLN F 39 44.31 12.44 -7.75
CA GLN F 39 45.24 12.59 -8.86
C GLN F 39 46.68 12.54 -8.35
N VAL F 40 47.46 11.61 -8.88
CA VAL F 40 48.88 11.49 -8.58
C VAL F 40 49.63 12.06 -9.77
N ALA F 41 50.31 13.19 -9.57
CA ALA F 41 51.06 13.81 -10.65
C ALA F 41 52.07 14.77 -10.07
N ASP F 42 53.22 14.88 -10.73
CA ASP F 42 54.30 15.78 -10.33
C ASP F 42 54.73 15.53 -8.90
N GLY F 43 54.75 14.27 -8.49
CA GLY F 43 55.13 13.92 -7.13
C GLY F 43 54.19 14.44 -6.08
N THR F 44 52.93 14.70 -6.43
CA THR F 44 51.95 15.24 -5.50
C THR F 44 50.62 14.53 -5.71
N LEU F 45 49.92 14.27 -4.61
CA LEU F 45 48.55 13.77 -4.64
C LEU F 45 47.60 14.93 -4.39
N SER F 46 46.63 15.08 -5.29
CA SER F 46 45.57 16.06 -5.15
C SER F 46 44.26 15.33 -4.84
N LEU F 47 43.60 15.75 -3.76
CA LEU F 47 42.30 15.27 -3.33
C LEU F 47 41.28 16.37 -3.61
N THR F 48 40.27 16.05 -4.41
CA THR F 48 39.26 17.04 -4.79
C THR F 48 37.87 16.54 -4.41
N GLY F 49 37.10 17.40 -3.73
CA GLY F 49 35.72 17.09 -3.44
C GLY F 49 34.82 18.26 -3.75
N THR F 50 33.75 18.04 -4.49
CA THR F 50 32.88 19.12 -4.95
C THR F 50 31.42 18.82 -4.64
N ASP F 51 30.64 19.89 -4.55
CA ASP F 51 29.20 19.81 -4.31
C ASP F 51 28.41 20.48 -5.44
N LEU F 52 29.03 20.68 -6.59
CA LEU F 52 28.51 21.43 -7.73
C LEU F 52 28.33 22.90 -7.40
N GLU F 53 28.64 23.32 -6.19
CA GLU F 53 28.61 24.71 -5.74
C GLU F 53 29.92 25.13 -5.11
N MET F 54 30.59 24.25 -4.36
CA MET F 54 31.88 24.54 -3.76
C MET F 54 32.77 23.32 -3.93
N GLU F 55 34.07 23.59 -4.08
CA GLU F 55 35.09 22.56 -4.24
C GLU F 55 36.19 22.79 -3.24
N MET F 56 36.69 21.71 -2.65
CA MET F 56 37.82 21.77 -1.74
C MET F 56 38.86 20.75 -2.16
N VAL F 57 40.11 21.20 -2.30
CA VAL F 57 41.20 20.36 -2.78
C VAL F 57 42.36 20.45 -1.80
N ALA F 58 42.90 19.30 -1.43
CA ALA F 58 44.04 19.20 -0.54
C ALA F 58 45.18 18.50 -1.26
N ARG F 59 46.37 19.08 -1.21
CA ARG F 59 47.56 18.53 -1.86
C ARG F 59 48.52 17.99 -0.82
N VAL F 60 49.08 16.81 -1.09
CA VAL F 60 50.07 16.20 -0.22
C VAL F 60 51.29 15.81 -1.05
N ALA F 61 52.47 16.14 -0.53
CA ALA F 61 53.71 15.76 -1.18
C ALA F 61 53.91 14.26 -1.12
N LEU F 62 54.53 13.72 -2.16
CA LEU F 62 54.69 12.27 -2.31
C LEU F 62 56.18 11.95 -2.44
N VAL F 63 56.67 11.08 -1.56
CA VAL F 63 58.06 10.68 -1.56
C VAL F 63 58.26 9.23 -2.03
N GLN F 64 57.28 8.37 -1.82
CA GLN F 64 57.39 6.99 -2.28
C GLN F 64 57.34 6.94 -3.81
N PRO F 65 57.90 5.90 -4.42
CA PRO F 65 57.78 5.75 -5.88
C PRO F 65 56.32 5.62 -6.29
N HIS F 66 56.01 6.15 -7.47
CA HIS F 66 54.62 6.24 -7.89
C HIS F 66 54.54 6.20 -9.41
N GLU F 67 53.31 6.13 -9.91
CA GLU F 67 53.01 6.25 -11.33
C GLU F 67 51.87 7.24 -11.47
N PRO F 68 51.98 8.24 -12.34
CA PRO F 68 50.93 9.25 -12.45
C PRO F 68 49.61 8.67 -12.92
N GLY F 69 48.53 9.25 -12.43
CA GLY F 69 47.20 8.80 -12.80
C GLY F 69 46.13 9.61 -12.11
N ALA F 70 44.89 9.25 -12.38
CA ALA F 70 43.74 9.94 -11.81
C ALA F 70 42.55 9.00 -11.77
N THR F 71 41.80 9.02 -10.67
CA THR F 71 40.62 8.17 -10.55
C THR F 71 39.67 8.76 -9.51
N THR F 72 38.38 8.50 -9.71
CA THR F 72 37.32 8.96 -8.83
C THR F 72 36.87 7.78 -7.95
N VAL F 73 37.03 7.92 -6.64
CA VAL F 73 36.79 6.82 -5.70
C VAL F 73 35.65 7.17 -4.76
N PRO F 74 34.92 6.19 -4.23
CA PRO F 74 33.84 6.50 -3.28
C PRO F 74 34.36 7.26 -2.07
N ALA F 75 33.61 8.30 -1.67
CA ALA F 75 34.07 9.18 -0.60
C ALA F 75 34.14 8.47 0.73
N ARG F 76 32.98 8.06 1.27
CA ARG F 76 32.94 7.51 2.61
C ARG F 76 33.63 6.17 2.69
N LYS F 77 33.57 5.37 1.62
CA LYS F 77 34.34 4.13 1.59
C LYS F 77 35.82 4.43 1.81
N PHE F 78 36.44 5.14 0.86
CA PHE F 78 37.87 5.41 0.95
C PHE F 78 38.25 6.00 2.30
N PHE F 79 37.44 6.93 2.82
CA PHE F 79 37.76 7.48 4.13
C PHE F 79 37.69 6.40 5.22
N ASP F 80 36.71 5.50 5.13
CA ASP F 80 36.57 4.45 6.15
C ASP F 80 37.76 3.49 6.12
N ILE F 81 38.17 3.05 4.93
CA ILE F 81 39.38 2.22 4.84
C ILE F 81 40.59 2.97 5.40
N CYS F 82 40.78 4.22 4.99
CA CYS F 82 41.98 4.94 5.41
C CYS F 82 42.01 5.13 6.92
N ARG F 83 40.85 5.41 7.53
CA ARG F 83 40.81 5.64 8.97
C ARG F 83 40.88 4.34 9.76
N GLY F 84 40.34 3.24 9.24
CA GLY F 84 40.25 2.01 9.99
C GLY F 84 41.56 1.24 10.15
N LEU F 85 42.61 1.62 9.43
CA LEU F 85 43.88 0.94 9.54
C LEU F 85 44.55 1.26 10.89
N PRO F 86 45.46 0.42 11.35
CA PRO F 86 46.21 0.72 12.57
C PRO F 86 47.12 1.93 12.38
N GLU F 87 47.43 2.58 13.50
CA GLU F 87 48.28 3.77 13.47
C GLU F 87 49.62 3.45 12.83
N GLY F 88 50.06 4.35 11.94
CA GLY F 88 51.30 4.15 11.23
C GLY F 88 51.21 3.28 10.01
N ALA F 89 50.01 2.92 9.58
CA ALA F 89 49.85 2.04 8.43
C ALA F 89 50.34 2.72 7.15
N GLU F 90 50.99 1.94 6.29
CA GLU F 90 51.51 2.43 5.02
C GLU F 90 50.56 1.95 3.92
N ILE F 91 49.66 2.83 3.50
CA ILE F 91 48.64 2.50 2.51
C ILE F 91 49.28 2.54 1.12
N ALA F 92 49.06 1.49 0.33
CA ALA F 92 49.50 1.43 -1.06
C ALA F 92 48.27 1.20 -1.92
N VAL F 93 47.88 2.21 -2.69
CA VAL F 93 46.68 2.17 -3.53
C VAL F 93 47.12 2.10 -4.98
N GLN F 94 46.56 1.14 -5.71
CA GLN F 94 46.87 0.91 -7.12
C GLN F 94 45.57 0.84 -7.91
N LEU F 95 45.71 0.94 -9.23
CA LEU F 95 44.57 0.92 -10.16
C LEU F 95 44.70 -0.30 -11.06
N GLU F 96 43.81 -1.27 -10.87
CA GLU F 96 43.77 -2.47 -11.69
C GLU F 96 42.42 -2.52 -12.39
N GLY F 97 42.44 -2.39 -13.72
CA GLY F 97 41.20 -2.35 -14.47
C GLY F 97 40.36 -1.17 -14.05
N GLU F 98 39.21 -1.45 -13.44
CA GLU F 98 38.31 -0.42 -12.91
C GLU F 98 38.21 -0.48 -11.40
N ARG F 99 39.26 -0.95 -10.72
CA ARG F 99 39.22 -1.19 -9.29
C ARG F 99 40.43 -0.57 -8.60
N MET F 100 40.19 0.09 -7.47
CA MET F 100 41.25 0.55 -6.58
C MET F 100 41.62 -0.59 -5.64
N LEU F 101 42.88 -1.02 -5.71
CA LEU F 101 43.40 -2.03 -4.81
C LEU F 101 44.15 -1.32 -3.69
N VAL F 102 43.63 -1.42 -2.48
CA VAL F 102 44.21 -0.81 -1.29
C VAL F 102 44.88 -1.90 -0.50
N ARG F 103 46.21 -1.86 -0.43
CA ARG F 103 47.00 -2.88 0.25
C ARG F 103 47.75 -2.26 1.41
N SER F 104 47.80 -3.00 2.52
CA SER F 104 48.49 -2.52 3.71
C SER F 104 48.90 -3.76 4.51
N GLY F 105 50.16 -4.17 4.38
CA GLY F 105 50.61 -5.38 5.01
C GLY F 105 49.86 -6.60 4.52
N ARG F 106 49.00 -7.14 5.38
CA ARG F 106 48.17 -8.30 5.04
C ARG F 106 46.74 -7.93 4.72
N SER F 107 46.42 -6.64 4.65
CA SER F 107 45.05 -6.18 4.41
C SER F 107 44.90 -5.78 2.95
N ARG F 108 43.84 -6.26 2.32
CA ARG F 108 43.59 -6.00 0.91
C ARG F 108 42.13 -5.62 0.71
N PHE F 109 41.91 -4.52 -0.01
CA PHE F 109 40.58 -4.07 -0.40
C PHE F 109 40.57 -3.84 -1.91
N SER F 110 39.42 -4.08 -2.53
CA SER F 110 39.24 -3.84 -3.97
C SER F 110 37.95 -3.04 -4.13
N LEU F 111 38.09 -1.72 -4.15
CA LEU F 111 36.94 -0.83 -4.26
C LEU F 111 36.59 -0.55 -5.72
N SER F 112 35.31 -0.39 -5.99
CA SER F 112 34.82 -0.03 -7.31
C SER F 112 34.88 1.48 -7.51
N THR F 113 35.24 1.90 -8.71
CA THR F 113 35.48 3.31 -8.99
C THR F 113 34.91 3.69 -10.35
N LEU F 114 34.69 5.00 -10.51
CA LEU F 114 34.20 5.79 -11.63
C LEU F 114 35.36 6.43 -12.38
N PRO F 115 35.23 6.59 -13.70
CA PRO F 115 36.30 7.19 -14.48
C PRO F 115 36.60 8.62 -14.02
N ALA F 116 37.89 8.97 -14.06
CA ALA F 116 38.29 10.31 -13.65
C ALA F 116 37.72 11.38 -14.59
N ALA F 117 37.67 11.08 -15.89
CA ALA F 117 37.20 12.06 -16.85
C ALA F 117 35.73 12.40 -16.69
N ASP F 118 34.98 11.58 -15.95
CA ASP F 118 33.55 11.83 -15.74
C ASP F 118 33.27 12.74 -14.55
N PHE F 119 34.29 13.13 -13.79
CA PHE F 119 34.09 14.06 -12.70
C PHE F 119 33.92 15.47 -13.27
N PRO F 120 32.77 16.15 -12.99
CA PRO F 120 32.34 17.33 -13.76
C PRO F 120 33.29 17.90 -14.80
N ASN F 121 33.65 19.18 -14.62
CA ASN F 121 34.70 19.79 -15.44
C ASN F 121 35.27 20.94 -14.62
N LEU F 122 36.39 20.68 -13.94
CA LEU F 122 37.02 21.69 -13.09
C LEU F 122 38.11 22.42 -13.87
N ASP F 123 37.68 23.05 -14.95
CA ASP F 123 38.55 23.78 -15.87
C ASP F 123 37.74 24.96 -16.40
N ASP F 124 38.20 25.54 -17.51
CA ASP F 124 37.59 26.70 -18.17
C ASP F 124 37.67 27.95 -17.31
N TRP F 125 38.25 27.87 -16.11
CA TRP F 125 38.38 29.02 -15.24
C TRP F 125 39.54 29.87 -15.73
N GLN F 126 39.23 30.97 -16.38
CA GLN F 126 40.22 31.98 -16.76
C GLN F 126 39.95 33.20 -15.87
N SER F 127 40.54 33.18 -14.68
CA SER F 127 40.31 34.26 -13.73
C SER F 127 40.88 35.57 -14.27
N GLU F 128 40.11 36.65 -14.11
CA GLU F 128 40.57 37.97 -14.49
C GLU F 128 41.14 38.75 -13.32
N VAL F 129 40.86 38.34 -12.08
CA VAL F 129 41.37 39.02 -10.90
C VAL F 129 42.24 38.02 -10.13
N GLU F 130 43.43 38.46 -9.73
CA GLU F 130 44.36 37.61 -8.99
C GLU F 130 45.14 38.47 -8.01
N PHE F 131 45.08 38.13 -6.72
CA PHE F 131 45.76 38.95 -5.73
C PHE F 131 46.06 38.13 -4.49
N THR F 132 47.20 38.42 -3.86
CA THR F 132 47.63 37.75 -2.65
C THR F 132 47.67 38.77 -1.51
N LEU F 133 47.08 38.41 -0.37
CA LEU F 133 46.98 39.33 0.75
C LEU F 133 47.21 38.61 2.06
N PRO F 134 47.67 39.31 3.09
CA PRO F 134 47.89 38.68 4.40
C PRO F 134 46.59 38.24 5.04
N GLN F 135 46.71 37.21 5.89
CA GLN F 135 45.53 36.63 6.54
C GLN F 135 44.81 37.64 7.42
N ALA F 136 45.55 38.56 8.04
CA ALA F 136 44.93 39.50 8.99
C ALA F 136 43.88 40.36 8.30
N THR F 137 44.20 40.90 7.12
CA THR F 137 43.24 41.72 6.41
C THR F 137 42.04 40.91 5.95
N MET F 138 42.28 39.69 5.46
CA MET F 138 41.18 38.83 5.02
C MET F 138 40.22 38.54 6.16
N LYS F 139 40.76 38.26 7.35
CA LYS F 139 39.90 38.05 8.51
C LYS F 139 39.18 39.34 8.90
N ARG F 140 39.89 40.47 8.87
CA ARG F 140 39.33 41.73 9.36
C ARG F 140 38.16 42.18 8.49
N LEU F 141 38.26 42.00 7.18
CA LEU F 141 37.16 42.39 6.29
C LEU F 141 35.85 41.77 6.72
N ILE F 142 35.86 40.45 6.96
CA ILE F 142 34.62 39.76 7.26
C ILE F 142 34.25 39.94 8.73
N GLU F 143 35.23 40.19 9.60
CA GLU F 143 34.90 40.62 10.96
C GLU F 143 34.09 41.91 10.91
N ALA F 144 34.46 42.82 10.02
CA ALA F 144 33.78 44.10 9.93
C ALA F 144 32.41 43.98 9.30
N THR F 145 32.27 43.14 8.26
CA THR F 145 31.06 43.18 7.46
C THR F 145 30.24 41.89 7.45
N GLN F 146 30.44 40.98 8.41
CA GLN F 146 29.63 39.77 8.41
C GLN F 146 28.27 39.97 9.05
N PHE F 147 28.18 40.84 10.05
CA PHE F 147 26.92 40.99 10.78
C PHE F 147 25.82 41.55 9.89
N SER F 148 26.16 42.43 8.96
CA SER F 148 25.17 43.15 8.17
C SER F 148 24.74 42.40 6.92
N MET F 149 24.96 41.09 6.87
CA MET F 149 24.51 40.29 5.73
C MET F 149 23.06 39.87 5.93
N ALA F 150 22.25 40.04 4.89
CA ALA F 150 20.89 39.53 4.90
C ALA F 150 20.91 38.01 4.68
N HIS F 151 19.96 37.34 5.32
CA HIS F 151 19.83 35.90 5.18
C HIS F 151 18.37 35.54 4.97
N GLN F 152 18.13 34.56 4.10
CA GLN F 152 16.78 34.10 3.77
C GLN F 152 15.91 35.26 3.30
N ASP F 153 16.42 36.00 2.32
CA ASP F 153 15.71 37.12 1.72
C ASP F 153 15.27 36.76 0.32
N VAL F 154 14.14 37.33 -0.10
CA VAL F 154 13.64 37.12 -1.45
C VAL F 154 14.67 37.62 -2.46
N ARG F 155 15.29 38.76 -2.19
CA ARG F 155 16.39 39.25 -3.00
C ARG F 155 17.62 38.38 -2.74
N TYR F 156 18.00 37.55 -3.71
CA TYR F 156 19.12 36.65 -3.53
C TYR F 156 20.42 37.42 -3.32
N TYR F 157 20.62 38.49 -4.08
CA TYR F 157 21.91 39.19 -4.08
C TYR F 157 22.24 39.80 -2.73
N LEU F 158 21.26 39.99 -1.85
CA LEU F 158 21.51 40.53 -0.52
C LEU F 158 22.02 39.49 0.46
N ASN F 159 22.12 38.22 0.05
CA ASN F 159 22.54 37.16 0.94
C ASN F 159 24.05 36.91 0.91
N GLY F 160 24.81 37.67 0.14
CA GLY F 160 26.23 37.44 0.01
C GLY F 160 27.02 38.72 0.18
N MET F 161 28.29 38.54 0.54
CA MET F 161 29.24 39.65 0.58
C MET F 161 29.43 40.21 -0.82
N LEU F 162 29.83 41.47 -0.89
CA LEU F 162 30.33 42.04 -2.13
C LEU F 162 31.80 42.40 -1.92
N PHE F 163 32.67 41.66 -2.59
CA PHE F 163 34.05 42.06 -2.72
C PHE F 163 34.13 43.04 -3.87
N GLU F 164 34.35 44.31 -3.55
CA GLU F 164 34.62 45.33 -4.55
C GLU F 164 36.13 45.33 -4.75
N THR F 165 36.55 44.82 -5.91
CA THR F 165 37.96 44.64 -6.23
C THR F 165 38.29 45.63 -7.35
N GLU F 166 38.64 46.85 -6.96
CA GLU F 166 38.91 47.91 -7.92
C GLU F 166 40.06 48.76 -7.42
N GLY F 167 40.73 49.42 -8.36
CA GLY F 167 41.82 50.33 -8.00
C GLY F 167 42.89 49.62 -7.21
N GLU F 168 43.18 50.14 -6.02
CA GLU F 168 44.06 49.49 -5.07
C GLU F 168 43.39 49.16 -3.75
N GLU F 169 42.41 49.94 -3.33
CA GLU F 169 41.68 49.67 -2.09
C GLU F 169 40.69 48.54 -2.32
N LEU F 170 40.92 47.41 -1.65
CA LEU F 170 40.00 46.28 -1.72
C LEU F 170 38.90 46.47 -0.67
N ARG F 171 37.66 46.36 -1.10
CA ARG F 171 36.53 46.66 -0.23
C ARG F 171 35.63 45.45 -0.08
N THR F 172 34.97 45.37 1.06
CA THR F 172 33.93 44.38 1.30
C THR F 172 32.69 45.11 1.82
N VAL F 173 31.54 44.80 1.22
CA VAL F 173 30.28 45.49 1.51
C VAL F 173 29.22 44.45 1.80
N ALA F 174 28.39 44.73 2.79
CA ALA F 174 27.26 43.87 3.10
C ALA F 174 26.10 44.74 3.56
N THR F 175 24.97 44.67 2.85
CA THR F 175 23.79 45.44 3.19
C THR F 175 22.61 44.51 3.42
N ASP F 176 22.03 44.59 4.61
CA ASP F 176 20.77 43.95 4.95
C ASP F 176 19.73 45.06 5.02
N GLY F 177 19.20 45.44 3.85
CA GLY F 177 18.18 46.48 3.82
C GLY F 177 18.66 47.76 4.45
N HIS F 178 18.16 48.02 5.66
CA HIS F 178 18.53 49.23 6.39
C HIS F 178 20.01 49.22 6.76
N ARG F 179 20.53 48.07 7.15
CA ARG F 179 21.92 48.00 7.60
C ARG F 179 22.87 47.97 6.41
N LEU F 180 23.96 48.73 6.51
CA LEU F 180 25.00 48.71 5.50
C LEU F 180 26.35 48.76 6.19
N ALA F 181 27.27 47.89 5.78
CA ALA F 181 28.63 47.88 6.31
C ALA F 181 29.60 47.84 5.14
N VAL F 182 30.61 48.71 5.18
CA VAL F 182 31.64 48.76 4.15
C VAL F 182 33.00 48.83 4.85
N CYS F 183 33.96 48.09 4.31
CA CYS F 183 35.32 48.09 4.85
C CYS F 183 36.32 48.11 3.72
N SER F 184 37.27 49.04 3.78
CA SER F 184 38.29 49.19 2.75
C SER F 184 39.66 48.96 3.34
N MET F 185 40.50 48.21 2.62
CA MET F 185 41.86 47.92 3.07
C MET F 185 42.80 48.01 1.87
N PRO F 186 43.98 48.62 2.03
CA PRO F 186 44.98 48.58 0.95
C PRO F 186 45.74 47.27 0.97
N ILE F 187 45.86 46.64 -0.20
CA ILE F 187 46.53 45.35 -0.30
C ILE F 187 47.91 45.45 -0.92
N GLY F 188 48.20 46.48 -1.71
CA GLY F 188 49.55 46.66 -2.21
C GLY F 188 49.67 46.90 -3.70
N GLN F 189 48.82 46.29 -4.51
CA GLN F 189 48.94 46.36 -5.96
C GLN F 189 47.65 46.83 -6.60
N SER F 190 47.78 47.52 -7.73
CA SER F 190 46.65 47.99 -8.49
C SER F 190 46.02 46.85 -9.30
N LEU F 191 44.80 47.08 -9.76
CA LEU F 191 43.99 46.03 -10.35
C LEU F 191 42.71 46.65 -10.92
N PRO F 192 42.09 46.01 -11.92
CA PRO F 192 40.90 46.59 -12.57
C PRO F 192 39.69 46.60 -11.65
N SER F 193 38.56 47.12 -12.13
CA SER F 193 37.36 47.28 -11.33
C SER F 193 36.43 46.08 -11.51
N HIS F 194 36.03 45.48 -10.40
CA HIS F 194 35.11 44.36 -10.40
C HIS F 194 34.26 44.42 -9.14
N SER F 195 33.03 43.91 -9.24
CA SER F 195 32.14 43.79 -8.11
C SER F 195 31.62 42.36 -8.08
N VAL F 196 32.06 41.57 -7.11
CA VAL F 196 31.76 40.15 -7.06
C VAL F 196 30.96 39.86 -5.80
N ILE F 197 29.83 39.15 -5.96
CA ILE F 197 28.95 38.84 -4.84
C ILE F 197 29.16 37.38 -4.49
N VAL F 198 29.69 37.15 -3.29
CA VAL F 198 30.03 35.81 -2.82
C VAL F 198 28.92 35.33 -1.90
N PRO F 199 28.43 34.10 -2.06
CA PRO F 199 27.34 33.61 -1.22
C PRO F 199 27.78 33.43 0.22
N ARG F 200 26.79 33.30 1.10
CA ARG F 200 27.07 33.06 2.52
C ARG F 200 27.81 31.75 2.71
N LYS F 201 27.44 30.71 1.95
CA LYS F 201 28.11 29.43 2.05
C LYS F 201 29.57 29.53 1.66
N GLY F 202 29.95 30.53 0.87
CA GLY F 202 31.34 30.71 0.51
C GLY F 202 32.15 31.39 1.59
N VAL F 203 31.62 32.49 2.14
CA VAL F 203 32.37 33.22 3.16
C VAL F 203 32.40 32.47 4.48
N ILE F 204 31.33 31.73 4.81
CA ILE F 204 31.35 30.95 6.03
C ILE F 204 32.40 29.85 5.95
N GLU F 205 32.67 29.34 4.74
CA GLU F 205 33.77 28.41 4.55
C GLU F 205 35.11 29.13 4.58
N LEU F 206 35.17 30.32 3.99
CA LEU F 206 36.42 31.08 3.99
C LEU F 206 36.90 31.33 5.40
N MET F 207 35.99 31.70 6.30
CA MET F 207 36.38 31.96 7.68
C MET F 207 36.96 30.71 8.34
N ARG F 208 36.42 29.53 8.01
CA ARG F 208 36.97 28.32 8.62
C ARG F 208 38.28 27.91 7.97
N MET F 209 38.53 28.31 6.72
CA MET F 209 39.76 27.94 6.07
C MET F 209 40.84 29.02 6.14
N LEU F 210 40.61 30.10 6.87
CA LEU F 210 41.65 31.06 7.21
C LEU F 210 42.17 30.79 8.61
N ASP F 211 43.48 30.62 8.74
CA ASP F 211 44.14 30.42 10.02
C ASP F 211 45.42 31.24 10.03
N GLY F 212 45.91 31.51 11.24
CA GLY F 212 47.14 32.26 11.38
C GLY F 212 48.32 31.53 10.77
N GLY F 213 49.17 32.27 10.07
CA GLY F 213 50.33 31.68 9.43
C GLY F 213 50.91 32.64 8.41
N ASP F 214 51.79 32.08 7.58
CA ASP F 214 52.46 32.83 6.53
C ASP F 214 51.73 32.73 5.19
N ASN F 215 50.46 32.37 5.20
CA ASN F 215 49.73 32.14 3.96
C ASN F 215 49.60 33.42 3.15
N PRO F 216 49.89 33.38 1.84
CA PRO F 216 49.75 34.59 1.02
C PRO F 216 48.33 34.83 0.52
N LEU F 217 47.43 33.85 0.62
CA LEU F 217 46.05 33.97 0.16
C LEU F 217 45.99 34.37 -1.32
N ARG F 218 46.46 33.47 -2.18
CA ARG F 218 46.37 33.73 -3.61
C ARG F 218 44.93 33.57 -4.05
N VAL F 219 44.15 34.64 -3.99
CA VAL F 219 42.74 34.61 -4.35
C VAL F 219 42.60 34.92 -5.84
N GLN F 220 41.93 34.03 -6.56
CA GLN F 220 41.62 34.21 -7.97
C GLN F 220 40.11 34.34 -8.11
N ILE F 221 39.67 35.43 -8.74
CA ILE F 221 38.27 35.74 -8.93
C ILE F 221 37.98 35.83 -10.42
N GLY F 222 36.96 35.10 -10.86
CA GLY F 222 36.50 35.14 -12.24
C GLY F 222 35.14 35.79 -12.36
N SER F 223 34.36 35.38 -13.36
CA SER F 223 33.06 35.98 -13.60
C SER F 223 31.94 35.29 -12.85
N ASN F 224 32.08 33.99 -12.56
CA ASN F 224 31.02 33.24 -11.90
C ASN F 224 31.49 32.45 -10.68
N ASN F 225 32.75 32.57 -10.29
CA ASN F 225 33.25 31.84 -9.12
C ASN F 225 34.50 32.51 -8.59
N ILE F 226 34.79 32.24 -7.32
CA ILE F 226 35.92 32.79 -6.60
C ILE F 226 36.71 31.64 -5.98
N ARG F 227 38.03 31.74 -6.02
CA ARG F 227 38.89 30.67 -5.55
C ARG F 227 39.97 31.22 -4.64
N ALA F 228 40.21 30.52 -3.53
CA ALA F 228 41.21 30.90 -2.54
C ALA F 228 42.30 29.82 -2.47
N HIS F 229 43.51 30.24 -2.10
CA HIS F 229 44.69 29.36 -2.14
C HIS F 229 45.52 29.53 -0.87
N VAL F 230 45.52 28.50 -0.04
CA VAL F 230 46.58 28.29 0.92
C VAL F 230 47.54 27.27 0.29
N GLY F 231 48.78 27.21 0.81
CA GLY F 231 49.82 26.44 0.14
C GLY F 231 49.43 25.00 -0.12
N ASP F 232 48.79 24.35 0.86
CA ASP F 232 48.39 22.96 0.71
C ASP F 232 46.92 22.76 0.39
N PHE F 233 46.07 23.73 0.68
CA PHE F 233 44.63 23.61 0.50
C PHE F 233 44.11 24.74 -0.38
N ILE F 234 43.24 24.40 -1.32
CA ILE F 234 42.64 25.39 -2.22
C ILE F 234 41.13 25.18 -2.23
N PHE F 235 40.40 26.26 -2.48
CA PHE F 235 38.95 26.26 -2.36
C PHE F 235 38.33 27.03 -3.51
N THR F 236 37.12 26.62 -3.89
CA THR F 236 36.36 27.20 -4.98
C THR F 236 34.91 27.37 -4.54
N SER F 237 34.30 28.50 -4.87
CA SER F 237 32.90 28.75 -4.56
C SER F 237 32.24 29.52 -5.70
N LYS F 238 31.04 29.11 -6.08
CA LYS F 238 30.31 29.82 -7.12
C LYS F 238 29.83 31.17 -6.61
N LEU F 239 29.13 31.90 -7.46
CA LEU F 239 28.69 33.26 -7.16
C LEU F 239 27.18 33.38 -7.32
N VAL F 240 26.58 34.23 -6.49
CA VAL F 240 25.15 34.49 -6.52
C VAL F 240 24.87 35.67 -7.45
N ASP F 241 23.85 35.51 -8.31
CA ASP F 241 23.54 36.51 -9.32
C ASP F 241 22.84 37.70 -8.69
N GLY F 242 22.41 38.62 -9.55
CA GLY F 242 21.74 39.83 -9.13
C GLY F 242 22.69 41.01 -9.02
N ARG F 243 22.12 42.22 -9.08
CA ARG F 243 22.89 43.44 -8.95
C ARG F 243 23.12 43.74 -7.47
N PHE F 244 23.61 44.94 -7.18
CA PHE F 244 23.87 45.33 -5.80
C PHE F 244 23.66 46.83 -5.65
N PRO F 245 22.99 47.27 -4.59
CA PRO F 245 22.78 48.71 -4.40
C PRO F 245 24.09 49.43 -4.11
N ASP F 246 24.31 50.54 -4.79
CA ASP F 246 25.56 51.28 -4.68
C ASP F 246 25.70 51.84 -3.27
N TYR F 247 26.70 51.36 -2.54
CA TYR F 247 26.97 51.85 -1.20
C TYR F 247 27.39 53.32 -1.22
N ARG F 248 28.22 53.70 -2.20
CA ARG F 248 28.72 55.06 -2.26
C ARG F 248 27.63 56.06 -2.60
N ARG F 249 26.57 55.62 -3.28
CA ARG F 249 25.46 56.52 -3.61
C ARG F 249 24.62 56.85 -2.38
N VAL F 250 24.62 56.02 -1.36
CA VAL F 250 23.84 56.26 -0.15
C VAL F 250 24.73 56.74 1.00
N LEU F 251 25.95 57.17 0.70
CA LEU F 251 26.81 57.77 1.72
C LEU F 251 26.50 59.27 1.84
N PRO F 252 26.36 59.79 3.06
CA PRO F 252 26.08 61.22 3.22
C PRO F 252 27.21 62.10 2.72
N LYS F 253 26.96 62.84 1.64
CA LYS F 253 27.98 63.70 1.04
C LYS F 253 27.87 65.14 1.54
N ASN F 254 26.72 65.77 1.31
CA ASN F 254 26.55 67.17 1.70
C ASN F 254 26.60 67.40 3.20
N PRO F 255 25.83 66.71 4.04
CA PRO F 255 25.71 67.14 5.44
C PRO F 255 27.01 66.91 6.22
N ASP F 256 27.29 67.81 7.16
CA ASP F 256 28.59 67.87 7.82
C ASP F 256 28.55 68.03 9.33
N LYS F 257 27.38 68.05 9.96
CA LYS F 257 27.29 68.13 11.41
C LYS F 257 27.79 66.82 12.00
N HIS F 258 28.88 66.88 12.77
CA HIS F 258 29.58 65.68 13.24
C HIS F 258 29.38 65.48 14.74
N LEU F 259 29.22 64.22 15.12
CA LEU F 259 29.05 63.79 16.49
C LEU F 259 30.19 62.86 16.87
N GLU F 260 30.68 62.98 18.10
CA GLU F 260 31.76 62.12 18.59
C GLU F 260 31.35 61.52 19.92
N ALA F 261 31.67 60.24 20.11
CA ALA F 261 31.32 59.56 21.35
C ALA F 261 32.32 58.43 21.59
N GLY F 262 32.29 57.91 22.82
CA GLY F 262 33.09 56.76 23.15
C GLY F 262 32.46 55.47 22.65
N CYS F 263 33.18 54.37 22.87
CA CYS F 263 32.69 53.06 22.48
C CYS F 263 32.12 52.28 23.65
N ASP F 264 32.92 52.03 24.69
CA ASP F 264 32.51 51.13 25.77
C ASP F 264 31.29 51.63 26.50
N LEU F 265 31.22 52.95 26.76
CA LEU F 265 30.05 53.51 27.42
C LEU F 265 28.79 53.32 26.56
N LEU F 266 28.91 53.57 25.26
CA LEU F 266 27.79 53.30 24.36
C LEU F 266 27.45 51.82 24.33
N LYS F 267 28.47 50.96 24.38
CA LYS F 267 28.23 49.52 24.49
C LYS F 267 27.36 49.20 25.67
N GLN F 268 27.73 49.69 26.86
CA GLN F 268 26.98 49.37 28.07
C GLN F 268 25.58 49.95 28.01
N ALA F 269 25.43 51.19 27.53
CA ALA F 269 24.11 51.79 27.47
C ALA F 269 23.19 51.03 26.52
N PHE F 270 23.69 50.69 25.33
CA PHE F 270 22.86 49.99 24.36
C PHE F 270 22.58 48.55 24.79
N ALA F 271 23.52 47.91 25.46
CA ALA F 271 23.28 46.56 25.99
C ALA F 271 22.22 46.57 27.07
N ARG F 272 22.27 47.57 27.97
CA ARG F 272 21.23 47.71 28.98
C ARG F 272 19.88 48.00 28.34
N ALA F 273 19.86 48.80 27.28
CA ALA F 273 18.62 49.02 26.54
C ALA F 273 18.10 47.73 25.91
N ALA F 274 19.02 46.91 25.38
CA ALA F 274 18.60 45.66 24.75
C ALA F 274 18.05 44.67 25.77
N ILE F 275 18.51 44.73 27.02
CA ILE F 275 17.97 43.87 28.06
C ILE F 275 16.52 44.26 28.31
N LEU F 276 15.60 43.35 28.03
CA LEU F 276 14.17 43.61 28.09
C LEU F 276 13.80 44.82 27.24
N SER F 277 14.21 44.76 25.97
CA SER F 277 13.98 45.84 25.02
C SER F 277 12.53 45.82 24.55
N ASN F 278 12.23 46.63 23.53
CA ASN F 278 10.88 46.68 22.98
C ASN F 278 10.47 45.31 22.46
N GLU F 279 9.22 44.94 22.75
CA GLU F 279 8.77 43.57 22.50
C GLU F 279 8.72 43.26 21.01
N LYS F 280 8.06 44.12 20.22
CA LYS F 280 7.86 43.85 18.80
C LYS F 280 8.98 44.46 17.95
N PHE F 281 9.14 45.77 18.01
CA PHE F 281 10.20 46.46 17.27
C PHE F 281 11.26 46.88 18.29
N ARG F 282 12.25 46.00 18.48
CA ARG F 282 13.21 46.22 19.54
C ARG F 282 14.16 47.37 19.18
N GLY F 283 13.60 48.57 19.07
CA GLY F 283 14.39 49.74 18.74
C GLY F 283 13.98 50.91 19.61
N VAL F 284 14.96 51.78 19.86
CA VAL F 284 14.76 52.90 20.78
C VAL F 284 15.04 54.21 20.06
N ARG F 285 14.76 55.34 20.71
CA ARG F 285 14.92 56.65 20.12
C ARG F 285 16.04 57.42 20.81
N LEU F 286 16.55 58.44 20.11
CA LEU F 286 17.53 59.35 20.67
C LEU F 286 17.20 60.77 20.25
N TYR F 287 17.51 61.70 21.15
CA TYR F 287 17.45 63.13 20.90
C TYR F 287 18.88 63.66 20.97
N VAL F 288 19.41 64.10 19.84
CA VAL F 288 20.75 64.66 19.76
C VAL F 288 20.64 66.17 19.91
N SER F 289 21.36 66.69 20.93
CA SER F 289 21.47 68.09 21.27
C SER F 289 22.95 68.47 21.30
N GLU F 290 23.19 69.78 21.43
CA GLU F 290 24.56 70.29 21.42
C GLU F 290 25.38 69.63 22.52
N ASN F 291 26.34 68.78 22.13
CA ASN F 291 27.18 68.05 23.06
C ASN F 291 26.34 67.24 24.05
N GLN F 292 25.30 66.58 23.54
CA GLN F 292 24.44 65.78 24.40
C GLN F 292 23.70 64.75 23.58
N LEU F 293 23.60 63.53 24.11
CA LEU F 293 22.85 62.44 23.48
C LEU F 293 21.85 61.87 24.49
N LYS F 294 20.59 62.24 24.38
CA LYS F 294 19.56 61.64 25.21
C LYS F 294 19.04 60.39 24.50
N ILE F 295 18.87 59.31 25.23
CA ILE F 295 18.32 58.08 24.68
C ILE F 295 17.10 57.67 25.50
N THR F 296 16.02 57.38 24.79
CA THR F 296 14.79 56.91 25.42
C THR F 296 14.43 55.55 24.84
N ALA F 297 14.08 54.62 25.72
CA ALA F 297 13.61 53.30 25.35
C ALA F 297 12.14 53.19 25.75
N ASN F 298 11.29 52.95 24.76
CA ASN F 298 9.86 52.78 24.99
C ASN F 298 9.46 51.35 24.63
N ASN F 299 8.41 50.88 25.30
CA ASN F 299 7.91 49.53 25.11
C ASN F 299 6.40 49.55 24.96
N PRO F 300 5.82 48.56 24.29
CA PRO F 300 4.35 48.47 24.25
C PRO F 300 3.72 48.28 25.62
N GLU F 301 4.49 47.84 26.61
CA GLU F 301 4.03 47.70 27.98
C GLU F 301 4.28 48.95 28.82
N GLN F 302 4.35 50.12 28.18
CA GLN F 302 4.47 51.42 28.85
C GLN F 302 5.84 51.60 29.49
N GLU F 303 6.69 50.58 29.43
CA GLU F 303 8.01 50.66 30.05
C GLU F 303 8.84 51.73 29.37
N GLU F 304 9.36 52.66 30.19
CA GLU F 304 10.13 53.80 29.68
C GLU F 304 11.47 53.87 30.41
N ALA F 305 12.52 54.13 29.64
CA ALA F 305 13.86 54.32 30.19
C ALA F 305 14.48 55.57 29.54
N GLU F 306 15.14 56.39 30.36
CA GLU F 306 15.75 57.63 29.88
C GLU F 306 17.18 57.70 30.38
N GLU F 307 18.11 58.00 29.48
CA GLU F 307 19.52 58.17 29.85
C GLU F 307 20.11 59.33 29.07
N ILE F 308 21.17 59.90 29.63
CA ILE F 308 21.85 61.07 29.05
C ILE F 308 23.32 60.74 28.89
N LEU F 309 23.87 61.03 27.71
CA LEU F 309 25.26 60.76 27.39
C LEU F 309 25.97 62.07 27.08
N ASP F 310 27.14 62.26 27.68
CA ASP F 310 27.96 63.45 27.46
C ASP F 310 28.87 63.19 26.26
N VAL F 311 28.65 63.93 25.18
CA VAL F 311 29.34 63.73 23.91
C VAL F 311 29.77 65.08 23.37
N THR F 312 30.33 65.06 22.16
CA THR F 312 30.73 66.27 21.46
C THR F 312 29.87 66.44 20.21
N TYR F 313 29.20 67.58 20.10
CA TYR F 313 28.35 67.86 18.96
C TYR F 313 28.42 69.34 18.62
N SER F 314 28.29 69.65 17.33
CA SER F 314 28.33 71.02 16.83
C SER F 314 27.27 71.23 15.77
N GLY F 315 26.06 70.74 16.01
CA GLY F 315 24.99 70.80 15.04
C GLY F 315 23.69 71.28 15.66
N ALA F 316 22.59 70.85 15.05
CA ALA F 316 21.25 71.26 15.45
C ALA F 316 20.62 70.17 16.31
N GLU F 317 19.33 70.34 16.61
CA GLU F 317 18.57 69.43 17.46
C GLU F 317 17.87 68.42 16.56
N MET F 318 18.09 67.12 16.79
CA MET F 318 17.43 66.12 15.97
C MET F 318 16.88 64.98 16.82
N GLU F 319 15.84 64.35 16.31
CA GLU F 319 15.18 63.22 16.97
C GLU F 319 15.16 62.06 15.99
N ILE F 320 15.74 60.93 16.39
CA ILE F 320 15.97 59.80 15.49
C ILE F 320 15.78 58.51 16.26
N GLY F 321 14.86 57.67 15.80
CA GLY F 321 14.61 56.40 16.45
C GLY F 321 14.99 55.21 15.58
N PHE F 322 15.98 54.44 16.01
CA PHE F 322 16.56 53.35 15.23
C PHE F 322 16.16 52.00 15.81
N ASN F 323 16.74 50.94 15.25
CA ASN F 323 16.65 49.59 15.79
C ASN F 323 17.95 49.27 16.51
N VAL F 324 17.85 48.83 17.77
CA VAL F 324 19.02 48.74 18.63
C VAL F 324 20.03 47.73 18.08
N SER F 325 19.54 46.61 17.54
CA SER F 325 20.44 45.56 17.05
C SER F 325 21.40 46.10 15.98
N TYR F 326 20.90 46.96 15.10
CA TYR F 326 21.71 47.42 13.99
C TYR F 326 22.94 48.19 14.49
N VAL F 327 22.72 49.19 15.33
CA VAL F 327 23.84 49.98 15.83
C VAL F 327 24.70 49.14 16.78
N LEU F 328 24.08 48.22 17.52
CA LEU F 328 24.83 47.35 18.41
C LEU F 328 25.87 46.55 17.63
N ASP F 329 25.43 45.86 16.57
CA ASP F 329 26.35 45.04 15.80
C ASP F 329 27.30 45.90 14.97
N VAL F 330 26.87 47.09 14.56
CA VAL F 330 27.77 48.03 13.89
C VAL F 330 28.95 48.37 14.80
N LEU F 331 28.65 48.77 16.04
CA LEU F 331 29.72 49.11 16.97
C LEU F 331 30.56 47.88 17.31
N ASN F 332 29.93 46.72 17.40
CA ASN F 332 30.67 45.50 17.70
C ASN F 332 31.68 45.18 16.62
N ALA F 333 31.29 45.34 15.35
CA ALA F 333 32.23 45.10 14.26
C ALA F 333 33.30 46.17 14.19
N LEU F 334 32.94 47.42 14.47
CA LEU F 334 33.92 48.50 14.35
C LEU F 334 35.01 48.38 15.40
N LYS F 335 34.66 47.93 16.61
CA LYS F 335 35.58 47.53 17.68
C LYS F 335 36.71 48.54 17.94
N CYS F 336 36.47 49.82 17.68
CA CYS F 336 37.49 50.83 17.91
C CYS F 336 37.34 51.40 19.32
N GLU F 337 38.03 52.51 19.61
CA GLU F 337 37.98 53.14 20.92
C GLU F 337 36.98 54.28 21.01
N ASN F 338 36.89 55.11 19.97
CA ASN F 338 35.90 56.18 19.91
C ASN F 338 35.29 56.23 18.52
N VAL F 339 34.01 56.54 18.45
CA VAL F 339 33.25 56.52 17.21
C VAL F 339 32.83 57.93 16.85
N ARG F 340 33.13 58.33 15.61
CA ARG F 340 32.52 59.51 15.01
C ARG F 340 31.28 59.06 14.23
N MET F 341 30.31 59.95 14.12
CA MET F 341 29.06 59.60 13.47
C MET F 341 28.37 60.86 13.01
N MET F 342 27.36 60.68 12.16
CA MET F 342 26.49 61.77 11.76
C MET F 342 25.06 61.25 11.62
N LEU F 343 24.10 62.08 12.02
CA LEU F 343 22.69 61.75 11.93
C LEU F 343 21.89 63.04 11.89
N THR F 344 20.96 63.14 10.95
CA THR F 344 20.10 64.30 10.80
C THR F 344 18.63 63.87 10.72
N ASP F 345 17.75 64.85 10.89
CA ASP F 345 16.32 64.58 11.05
C ASP F 345 15.72 64.16 9.71
N SER F 346 14.41 63.98 9.70
CA SER F 346 13.63 63.57 8.52
C SER F 346 14.16 62.21 8.06
N VAL F 347 14.26 61.97 6.77
CA VAL F 347 14.74 60.71 6.23
C VAL F 347 16.18 60.94 5.77
N SER F 348 17.14 60.55 6.61
CA SER F 348 18.54 60.70 6.27
C SER F 348 19.34 59.63 6.98
N SER F 349 20.39 59.16 6.32
CA SER F 349 21.17 58.03 6.80
C SER F 349 22.05 58.41 7.98
N VAL F 350 22.13 57.52 8.96
CA VAL F 350 23.05 57.67 10.09
C VAL F 350 24.34 56.95 9.74
N GLN F 351 25.43 57.71 9.66
CA GLN F 351 26.73 57.15 9.33
C GLN F 351 27.56 57.01 10.59
N ILE F 352 28.27 55.88 10.71
CA ILE F 352 29.13 55.60 11.85
C ILE F 352 30.50 55.19 11.33
N GLU F 353 31.55 55.77 11.90
CA GLU F 353 32.91 55.59 11.40
C GLU F 353 33.87 55.64 12.58
N ASP F 354 35.02 54.99 12.42
CA ASP F 354 36.08 55.11 13.40
C ASP F 354 36.63 56.53 13.41
N ALA F 355 36.76 57.10 14.61
CA ALA F 355 37.30 58.46 14.72
C ALA F 355 38.79 58.50 14.39
N ALA F 356 39.47 57.35 14.40
CA ALA F 356 40.90 57.31 14.12
C ALA F 356 41.22 56.88 12.69
N SER F 357 40.34 56.15 12.03
CA SER F 357 40.60 55.67 10.68
C SER F 357 39.30 55.71 9.87
N GLN F 358 39.45 55.89 8.56
CA GLN F 358 38.33 55.91 7.63
C GLN F 358 38.28 54.64 6.78
N SER F 359 38.94 53.57 7.21
CA SER F 359 38.97 52.33 6.45
C SER F 359 37.65 51.58 6.51
N ALA F 360 36.80 51.88 7.47
CA ALA F 360 35.52 51.20 7.61
C ALA F 360 34.42 52.22 7.89
N ALA F 361 33.20 51.89 7.49
CA ALA F 361 32.06 52.76 7.69
C ALA F 361 30.79 51.92 7.74
N TYR F 362 29.76 52.49 8.36
CA TYR F 362 28.48 51.82 8.49
C TYR F 362 27.36 52.84 8.30
N VAL F 363 26.23 52.36 7.77
CA VAL F 363 25.08 53.20 7.48
C VAL F 363 23.84 52.51 8.04
N VAL F 364 23.07 53.24 8.85
CA VAL F 364 21.86 52.72 9.49
C VAL F 364 20.74 53.73 9.31
N MET F 365 19.53 53.24 8.99
CA MET F 365 18.43 54.17 8.88
C MET F 365 17.44 53.97 10.03
N PRO F 366 17.04 55.06 10.69
CA PRO F 366 16.04 54.95 11.77
C PRO F 366 14.68 54.48 11.27
N MET F 367 13.75 54.27 12.20
CA MET F 367 12.37 53.94 11.88
C MET F 367 11.48 55.16 11.99
N ARG F 368 10.25 55.03 11.52
CA ARG F 368 9.31 56.13 11.54
C ARG F 368 8.92 56.48 12.98
N LEU F 369 8.74 57.77 13.22
CA LEU F 369 8.37 58.24 14.56
C LEU F 369 6.97 58.84 14.55
N LEU G 122 2.42 -8.00 46.23
CA LEU G 122 2.28 -9.43 46.46
C LEU G 122 3.24 -9.93 47.53
N ASP G 123 2.75 -10.06 48.75
CA ASP G 123 3.57 -10.54 49.87
C ASP G 123 3.44 -12.05 50.05
N ASP G 124 3.59 -12.79 48.95
CA ASP G 124 3.57 -14.25 48.95
C ASP G 124 4.67 -14.74 48.01
N TRP G 125 5.65 -15.44 48.57
CA TRP G 125 6.81 -15.83 47.78
C TRP G 125 7.37 -17.14 48.30
N GLN G 126 7.55 -18.12 47.42
CA GLN G 126 8.25 -19.36 47.72
C GLN G 126 9.50 -19.38 46.86
N SER G 127 10.64 -19.09 47.48
CA SER G 127 11.91 -19.02 46.76
C SER G 127 12.32 -20.44 46.36
N GLU G 128 12.04 -20.80 45.11
CA GLU G 128 12.50 -22.10 44.61
C GLU G 128 14.02 -22.17 44.61
N VAL G 129 14.69 -21.10 44.19
CA VAL G 129 16.15 -21.07 44.11
C VAL G 129 16.63 -19.72 44.60
N GLU G 130 17.49 -19.71 45.62
CA GLU G 130 17.95 -18.46 46.21
C GLU G 130 19.47 -18.36 46.08
N PHE G 131 19.93 -17.32 45.39
CA PHE G 131 21.35 -17.05 45.21
C PHE G 131 21.78 -15.91 46.12
N THR G 132 22.90 -16.09 46.82
CA THR G 132 23.59 -15.02 47.51
C THR G 132 24.94 -14.87 46.79
N LEU G 133 24.99 -13.96 45.82
CA LEU G 133 26.05 -13.94 44.84
C LEU G 133 26.59 -12.52 44.65
N PRO G 134 27.88 -12.37 44.38
CA PRO G 134 28.42 -11.03 44.13
C PRO G 134 27.81 -10.41 42.88
N GLN G 135 27.44 -9.13 42.98
CA GLN G 135 26.75 -8.50 41.86
C GLN G 135 27.65 -8.36 40.64
N ALA G 136 28.97 -8.20 40.85
CA ALA G 136 29.88 -8.19 39.72
C ALA G 136 29.92 -9.54 39.01
N THR G 137 29.73 -10.63 39.75
CA THR G 137 29.73 -11.96 39.14
C THR G 137 28.58 -12.10 38.14
N MET G 138 27.36 -11.77 38.56
CA MET G 138 26.24 -11.83 37.63
C MET G 138 26.31 -10.73 36.58
N LYS G 139 26.96 -9.61 36.88
CA LYS G 139 27.22 -8.63 35.84
C LYS G 139 28.05 -9.24 34.72
N ARG G 140 29.12 -9.96 35.08
CA ARG G 140 29.91 -10.67 34.09
C ARG G 140 29.08 -11.73 33.37
N LEU G 141 28.27 -12.47 34.12
CA LEU G 141 27.44 -13.53 33.54
C LEU G 141 26.52 -12.96 32.45
N ILE G 142 25.79 -11.91 32.77
CA ILE G 142 24.84 -11.35 31.83
C ILE G 142 25.55 -10.67 30.66
N GLU G 143 26.62 -9.91 30.95
CA GLU G 143 27.37 -9.27 29.89
C GLU G 143 27.99 -10.28 28.94
N ALA G 144 28.24 -11.51 29.41
CA ALA G 144 28.77 -12.55 28.53
C ALA G 144 27.74 -12.97 27.48
N THR G 145 26.45 -12.98 27.83
CA THR G 145 25.42 -13.54 26.96
C THR G 145 24.34 -12.56 26.56
N GLN G 146 24.46 -11.28 26.92
CA GLN G 146 23.37 -10.33 26.66
C GLN G 146 23.14 -10.14 25.16
N PHE G 147 24.22 -10.00 24.39
CA PHE G 147 24.07 -9.63 22.98
C PHE G 147 23.38 -10.72 22.18
N SER G 148 23.68 -11.99 22.46
CA SER G 148 23.05 -13.10 21.74
C SER G 148 21.66 -13.36 22.32
N MET G 149 20.73 -12.50 21.95
CA MET G 149 19.37 -12.58 22.45
C MET G 149 18.40 -12.25 21.32
N ALA G 150 17.19 -12.79 21.42
CA ALA G 150 16.17 -12.58 20.40
C ALA G 150 15.32 -11.37 20.75
N HIS G 151 15.09 -10.51 19.76
CA HIS G 151 14.26 -9.32 19.91
C HIS G 151 12.99 -9.50 19.09
N GLN G 152 11.85 -9.62 19.77
CA GLN G 152 10.55 -9.74 19.12
C GLN G 152 10.54 -10.88 18.11
N ASP G 153 11.21 -11.97 18.46
CA ASP G 153 11.28 -13.13 17.59
C ASP G 153 9.95 -13.89 17.62
N VAL G 154 9.73 -14.68 16.56
CA VAL G 154 8.51 -15.49 16.50
C VAL G 154 8.50 -16.51 17.62
N ARG G 155 9.65 -17.15 17.88
CA ARG G 155 9.78 -18.09 18.99
C ARG G 155 9.79 -17.31 20.28
N TYR G 156 8.65 -17.28 20.97
CA TYR G 156 8.50 -16.44 22.15
C TYR G 156 9.42 -16.86 23.29
N TYR G 157 9.77 -18.16 23.36
CA TYR G 157 10.65 -18.63 24.42
C TYR G 157 12.07 -18.11 24.27
N LEU G 158 12.46 -17.67 23.07
CA LEU G 158 13.79 -17.13 22.85
C LEU G 158 13.90 -15.65 23.20
N ASN G 159 12.79 -14.96 23.43
CA ASN G 159 12.80 -13.54 23.75
C ASN G 159 13.16 -13.34 25.23
N GLY G 160 14.32 -13.89 25.59
CA GLY G 160 14.73 -13.86 26.97
C GLY G 160 16.06 -14.57 27.16
N MET G 161 16.31 -14.99 28.40
CA MET G 161 17.58 -15.57 28.76
C MET G 161 17.35 -16.60 29.87
N LEU G 162 18.01 -17.75 29.73
CA LEU G 162 17.82 -18.89 30.63
C LEU G 162 18.80 -18.82 31.79
N PHE G 163 18.27 -18.85 33.00
CA PHE G 163 19.03 -19.03 34.22
C PHE G 163 18.95 -20.51 34.60
N GLU G 164 20.11 -21.16 34.71
CA GLU G 164 20.19 -22.57 35.05
C GLU G 164 21.07 -22.74 36.28
N THR G 165 20.70 -23.68 37.14
CA THR G 165 21.41 -23.92 38.39
C THR G 165 21.77 -25.39 38.47
N GLU G 166 23.05 -25.67 38.69
CA GLU G 166 23.56 -27.04 38.74
C GLU G 166 24.61 -27.12 39.84
N GLY G 167 24.19 -27.57 41.02
CA GLY G 167 25.13 -27.68 42.13
C GLY G 167 25.71 -26.34 42.51
N GLU G 168 27.04 -26.27 42.55
CA GLU G 168 27.76 -25.04 42.85
C GLU G 168 27.98 -24.18 41.62
N GLU G 169 27.26 -24.44 40.53
CA GLU G 169 27.48 -23.76 39.27
C GLU G 169 26.23 -23.02 38.84
N LEU G 170 26.40 -21.76 38.44
CA LEU G 170 25.33 -20.97 37.86
C LEU G 170 25.62 -20.77 36.38
N ARG G 171 24.62 -21.03 35.54
CA ARG G 171 24.77 -20.97 34.10
C ARG G 171 23.75 -19.99 33.53
N THR G 172 24.19 -19.21 32.56
CA THR G 172 23.33 -18.26 31.87
C THR G 172 23.42 -18.52 30.38
N VAL G 173 22.29 -18.83 29.75
CA VAL G 173 22.25 -19.22 28.34
C VAL G 173 21.38 -18.21 27.60
N ALA G 174 21.78 -17.86 26.38
CA ALA G 174 20.99 -16.94 25.59
C ALA G 174 21.22 -17.21 24.11
N THR G 175 20.14 -17.34 23.34
CA THR G 175 20.24 -17.67 21.93
C THR G 175 19.10 -17.03 21.17
N ASP G 176 19.28 -16.95 19.84
CA ASP G 176 18.25 -16.42 18.98
C ASP G 176 18.10 -17.23 17.69
N GLY G 177 18.68 -18.42 17.61
CA GLY G 177 18.63 -19.24 16.42
C GLY G 177 19.81 -19.07 15.48
N HIS G 178 20.55 -17.98 15.60
CA HIS G 178 21.79 -17.78 14.87
C HIS G 178 23.01 -17.70 15.76
N ARG G 179 22.82 -17.32 17.03
CA ARG G 179 23.89 -17.25 18.01
C ARG G 179 23.50 -18.07 19.23
N LEU G 180 24.51 -18.50 19.97
CA LEU G 180 24.31 -19.04 21.30
C LEU G 180 25.43 -18.54 22.19
N ALA G 181 25.10 -18.17 23.42
CA ALA G 181 26.08 -17.69 24.37
C ALA G 181 25.78 -18.32 25.71
N VAL G 182 26.69 -19.14 26.21
CA VAL G 182 26.54 -19.79 27.51
C VAL G 182 27.68 -19.33 28.41
N CYS G 183 27.35 -18.98 29.64
CA CYS G 183 28.34 -18.60 30.64
C CYS G 183 28.10 -19.44 31.87
N SER G 184 29.01 -20.37 32.15
CA SER G 184 28.90 -21.30 33.27
C SER G 184 29.99 -20.97 34.27
N MET G 185 29.59 -20.45 35.43
CA MET G 185 30.56 -20.00 36.42
C MET G 185 30.26 -20.62 37.76
N PRO G 186 31.26 -21.17 38.45
CA PRO G 186 31.05 -21.63 39.83
C PRO G 186 30.77 -20.47 40.75
N ILE G 187 29.97 -20.73 41.78
CA ILE G 187 29.68 -19.73 42.81
C ILE G 187 30.07 -20.19 44.20
N GLY G 188 30.39 -21.47 44.40
CA GLY G 188 30.81 -21.98 45.67
C GLY G 188 29.69 -22.43 46.59
N GLN G 189 28.44 -22.17 46.23
CA GLN G 189 27.28 -22.54 47.02
C GLN G 189 26.43 -23.52 46.23
N SER G 190 26.03 -24.61 46.86
CA SER G 190 25.32 -25.69 46.19
C SER G 190 23.81 -25.45 46.21
N LEU G 191 23.18 -25.54 45.05
CA LEU G 191 21.74 -25.35 44.93
C LEU G 191 21.16 -26.44 44.05
N PRO G 192 19.87 -26.74 44.20
CA PRO G 192 19.23 -27.72 43.32
C PRO G 192 19.20 -27.26 41.87
N SER G 193 19.27 -28.22 40.96
CA SER G 193 19.24 -27.90 39.54
C SER G 193 17.90 -27.28 39.17
N HIS G 194 17.94 -26.23 38.35
CA HIS G 194 16.72 -25.54 37.96
C HIS G 194 16.98 -24.81 36.65
N SER G 195 15.89 -24.41 35.99
CA SER G 195 15.98 -23.68 34.72
C SER G 195 14.75 -22.80 34.57
N VAL G 196 14.97 -21.49 34.44
CA VAL G 196 13.89 -20.52 34.22
C VAL G 196 14.32 -19.57 33.10
N ILE G 197 13.33 -18.90 32.50
CA ILE G 197 13.59 -17.94 31.44
C ILE G 197 13.12 -16.58 31.91
N VAL G 198 14.02 -15.61 31.91
CA VAL G 198 13.71 -14.22 32.26
C VAL G 198 13.62 -13.42 30.96
N PRO G 199 12.57 -12.64 30.75
CA PRO G 199 12.40 -11.94 29.47
C PRO G 199 13.52 -10.95 29.21
N ARG G 200 13.55 -10.47 27.97
CA ARG G 200 14.58 -9.50 27.58
C ARG G 200 14.48 -8.22 28.39
N LYS G 201 13.25 -7.72 28.61
CA LYS G 201 13.07 -6.48 29.34
C LYS G 201 13.61 -6.59 30.76
N GLY G 202 13.37 -7.73 31.43
CA GLY G 202 13.83 -7.88 32.80
C GLY G 202 15.34 -7.84 32.92
N VAL G 203 16.04 -8.57 32.04
CA VAL G 203 17.49 -8.59 32.11
C VAL G 203 18.08 -7.25 31.69
N ILE G 204 17.46 -6.57 30.72
CA ILE G 204 17.92 -5.24 30.34
C ILE G 204 17.76 -4.27 31.51
N GLU G 205 16.63 -4.34 32.21
CA GLU G 205 16.44 -3.50 33.38
C GLU G 205 17.46 -3.81 34.46
N LEU G 206 17.74 -5.10 34.68
CA LEU G 206 18.74 -5.49 35.66
C LEU G 206 20.10 -4.91 35.33
N MET G 207 20.51 -5.01 34.06
CA MET G 207 21.79 -4.44 33.64
C MET G 207 21.78 -2.91 33.78
N ARG G 208 20.67 -2.27 33.44
CA ARG G 208 20.54 -0.84 33.63
C ARG G 208 20.74 -0.47 35.09
N MET G 209 20.31 -1.32 36.01
CA MET G 209 20.43 -1.03 37.43
C MET G 209 21.70 -1.62 38.04
N LEU G 210 22.20 -2.73 37.50
CA LEU G 210 23.38 -3.38 38.06
C LEU G 210 24.62 -2.51 37.83
N ASP G 211 25.44 -2.37 38.86
CA ASP G 211 26.66 -1.57 38.82
C ASP G 211 27.86 -2.43 39.22
N GLY G 212 29.04 -1.84 39.13
CA GLY G 212 30.26 -2.52 39.49
C GLY G 212 30.70 -2.27 40.92
N GLY G 213 29.89 -2.70 41.88
CA GLY G 213 30.20 -2.53 43.28
C GLY G 213 30.37 -3.86 43.99
N ASP G 214 30.37 -3.80 45.32
CA ASP G 214 30.61 -4.95 46.18
C ASP G 214 29.36 -5.41 46.93
N ASN G 215 28.20 -4.88 46.60
CA ASN G 215 26.99 -5.23 47.32
C ASN G 215 26.62 -6.69 47.04
N PRO G 216 26.39 -7.50 48.07
CA PRO G 216 26.02 -8.90 47.83
C PRO G 216 24.60 -9.04 47.28
N LEU G 217 24.50 -9.31 45.99
CA LEU G 217 23.22 -9.45 45.33
C LEU G 217 22.50 -10.71 45.79
N ARG G 218 21.17 -10.65 45.83
CA ARG G 218 20.35 -11.77 46.28
C ARG G 218 19.27 -12.05 45.24
N VAL G 219 19.37 -13.19 44.58
CA VAL G 219 18.41 -13.61 43.55
C VAL G 219 17.38 -14.54 44.17
N GLN G 220 16.11 -14.28 43.90
CA GLN G 220 15.00 -15.12 44.32
C GLN G 220 14.30 -15.66 43.08
N ILE G 221 14.26 -16.98 42.96
CA ILE G 221 13.63 -17.71 41.87
C ILE G 221 12.40 -18.41 42.41
N GLY G 222 11.23 -18.06 41.88
CA GLY G 222 10.00 -18.73 42.23
C GLY G 222 9.45 -19.54 41.07
N SER G 223 8.16 -19.86 41.12
CA SER G 223 7.55 -20.62 40.03
C SER G 223 7.32 -19.75 38.80
N ASN G 224 7.01 -18.45 39.00
CA ASN G 224 6.62 -17.59 37.91
C ASN G 224 7.36 -16.26 37.85
N ASN G 225 8.10 -15.87 38.88
CA ASN G 225 8.66 -14.53 38.95
C ASN G 225 10.13 -14.57 39.35
N ILE G 226 10.85 -13.53 38.95
CA ILE G 226 12.25 -13.30 39.29
C ILE G 226 12.34 -12.06 40.17
N ARG G 227 13.10 -12.15 41.25
CA ARG G 227 13.32 -11.02 42.12
C ARG G 227 14.80 -10.88 42.45
N ALA G 228 15.22 -9.65 42.71
CA ALA G 228 16.62 -9.34 42.99
C ALA G 228 16.69 -8.24 44.04
N HIS G 229 17.25 -8.58 45.20
CA HIS G 229 17.58 -7.60 46.23
C HIS G 229 19.03 -7.18 46.02
N VAL G 230 19.24 -5.90 45.73
CA VAL G 230 20.53 -5.38 45.31
C VAL G 230 20.83 -4.15 46.16
N GLY G 231 21.57 -4.34 47.26
CA GLY G 231 21.82 -3.24 48.16
C GLY G 231 20.54 -2.65 48.70
N ASP G 232 20.17 -1.46 48.21
CA ASP G 232 18.97 -0.76 48.63
C ASP G 232 17.90 -0.72 47.55
N PHE G 233 18.01 -1.56 46.53
CA PHE G 233 17.04 -1.58 45.44
C PHE G 233 16.44 -2.98 45.29
N ILE G 234 15.24 -3.03 44.73
CA ILE G 234 14.53 -4.27 44.45
C ILE G 234 14.12 -4.28 42.99
N PHE G 235 14.44 -5.38 42.30
CA PHE G 235 14.07 -5.56 40.90
C PHE G 235 13.16 -6.78 40.78
N THR G 236 12.00 -6.59 40.17
CA THR G 236 11.00 -7.65 40.04
C THR G 236 10.59 -7.80 38.58
N SER G 237 10.35 -9.04 38.16
CA SER G 237 9.86 -9.29 36.81
C SER G 237 9.18 -10.65 36.78
N LYS G 238 8.43 -10.88 35.71
CA LYS G 238 7.80 -12.17 35.48
C LYS G 238 8.75 -13.07 34.70
N LEU G 239 8.33 -14.31 34.48
CA LEU G 239 9.12 -15.29 33.76
C LEU G 239 8.35 -15.78 32.54
N VAL G 240 9.07 -16.04 31.45
CA VAL G 240 8.44 -16.54 30.24
C VAL G 240 7.99 -17.97 30.45
N ASP G 241 6.74 -18.25 30.15
CA ASP G 241 6.17 -19.60 30.30
C ASP G 241 6.59 -20.43 29.11
N GLY G 242 7.71 -21.12 29.25
CA GLY G 242 8.22 -21.96 28.18
C GLY G 242 9.43 -22.74 28.64
N ARG G 243 9.92 -23.59 27.75
CA ARG G 243 11.08 -24.42 28.00
C ARG G 243 12.21 -23.99 27.07
N PHE G 244 13.33 -23.57 27.66
CA PHE G 244 14.47 -23.19 26.86
C PHE G 244 15.11 -24.43 26.22
N PRO G 245 15.58 -24.32 24.98
CA PRO G 245 16.20 -25.48 24.33
C PRO G 245 17.48 -25.91 25.03
N ASP G 246 17.78 -27.21 24.93
CA ASP G 246 18.98 -27.76 25.53
C ASP G 246 20.21 -27.25 24.79
N TYR G 247 21.00 -26.42 25.45
CA TYR G 247 22.19 -25.85 24.82
C TYR G 247 23.27 -26.89 24.57
N ARG G 248 23.25 -28.01 25.31
CA ARG G 248 24.34 -28.98 25.22
C ARG G 248 24.43 -29.57 23.83
N ARG G 249 23.29 -29.88 23.20
CA ARG G 249 23.30 -30.43 21.85
C ARG G 249 23.60 -29.37 20.80
N VAL G 250 23.42 -28.09 21.13
CA VAL G 250 23.77 -27.04 20.18
C VAL G 250 25.27 -26.96 19.99
N LEU G 251 26.03 -27.12 21.08
CA LEU G 251 27.48 -27.15 20.99
C LEU G 251 27.91 -28.30 20.07
N PRO G 252 28.89 -28.08 19.20
CA PRO G 252 29.35 -29.18 18.34
C PRO G 252 29.92 -30.32 19.18
N LYS G 253 29.65 -31.54 18.74
CA LYS G 253 30.07 -32.73 19.47
C LYS G 253 31.43 -33.27 19.03
N ASN G 254 32.01 -32.70 17.98
CA ASN G 254 33.34 -33.10 17.50
C ASN G 254 34.19 -31.86 17.28
N PRO G 255 34.58 -31.18 18.36
CA PRO G 255 35.42 -29.98 18.20
C PRO G 255 36.89 -30.34 18.00
N ASP G 256 37.20 -30.87 16.82
CA ASP G 256 38.54 -31.36 16.54
C ASP G 256 39.48 -30.25 16.08
N LYS G 257 39.05 -29.42 15.14
CA LYS G 257 39.92 -28.37 14.61
C LYS G 257 39.95 -27.18 15.57
N HIS G 258 41.15 -26.64 15.79
CA HIS G 258 41.34 -25.58 16.78
C HIS G 258 42.15 -24.44 16.18
N LEU G 259 41.59 -23.23 16.20
CA LEU G 259 42.27 -22.01 15.79
C LEU G 259 42.49 -21.16 17.03
N GLU G 260 43.73 -21.07 17.49
CA GLU G 260 44.05 -20.29 18.69
C GLU G 260 44.86 -19.07 18.27
N ALA G 261 44.35 -17.89 18.58
CA ALA G 261 45.00 -16.65 18.16
C ALA G 261 44.64 -15.54 19.12
N GLY G 262 45.48 -14.49 19.13
CA GLY G 262 45.25 -13.35 19.99
C GLY G 262 43.90 -12.71 19.77
N CYS G 263 43.18 -12.44 20.86
CA CYS G 263 41.84 -11.90 20.76
C CYS G 263 41.83 -10.54 20.07
N ASP G 264 42.74 -9.65 20.48
CA ASP G 264 42.76 -8.31 19.92
C ASP G 264 43.11 -8.32 18.44
N LEU G 265 44.03 -9.19 18.03
CA LEU G 265 44.36 -9.29 16.61
C LEU G 265 43.16 -9.74 15.79
N LEU G 266 42.41 -10.73 16.30
CA LEU G 266 41.22 -11.17 15.60
C LEU G 266 40.17 -10.06 15.53
N LYS G 267 39.99 -9.33 16.63
CA LYS G 267 39.03 -8.22 16.63
C LYS G 267 39.41 -7.18 15.59
N GLN G 268 40.68 -6.79 15.56
CA GLN G 268 41.12 -5.78 14.60
C GLN G 268 40.95 -6.27 13.17
N ALA G 269 41.30 -7.52 12.91
CA ALA G 269 41.17 -8.06 11.55
C ALA G 269 39.71 -8.11 11.12
N PHE G 270 38.82 -8.55 12.01
CA PHE G 270 37.41 -8.63 11.65
C PHE G 270 36.81 -7.26 11.45
N ALA G 271 37.18 -6.29 12.29
CA ALA G 271 36.71 -4.92 12.08
C ALA G 271 37.22 -4.36 10.76
N ARG G 272 38.48 -4.64 10.42
CA ARG G 272 39.03 -4.18 9.16
C ARG G 272 38.29 -4.79 7.97
N ALA G 273 38.00 -6.08 8.04
CA ALA G 273 37.28 -6.73 6.95
C ALA G 273 35.83 -6.28 6.88
N ALA G 274 35.26 -5.86 8.01
CA ALA G 274 33.86 -5.44 8.08
C ALA G 274 33.69 -3.94 7.82
N ILE G 275 34.75 -3.25 7.43
CA ILE G 275 34.66 -1.80 7.20
C ILE G 275 33.70 -1.51 6.06
N LEU G 276 33.84 -2.23 4.95
CA LEU G 276 32.98 -2.01 3.79
C LEU G 276 31.71 -2.84 3.82
N SER G 277 31.52 -3.69 4.82
CA SER G 277 30.31 -4.51 4.89
C SER G 277 29.10 -3.64 5.18
N ASN G 278 28.01 -3.92 4.48
CA ASN G 278 26.77 -3.17 4.63
C ASN G 278 25.93 -3.74 5.77
N GLU G 279 25.00 -2.92 6.26
CA GLU G 279 24.08 -3.39 7.29
C GLU G 279 23.14 -4.46 6.76
N LYS G 280 22.66 -4.28 5.52
CA LYS G 280 21.76 -5.26 4.92
C LYS G 280 22.49 -6.52 4.47
N PHE G 281 23.81 -6.46 4.30
CA PHE G 281 24.60 -7.61 3.87
C PHE G 281 25.86 -7.64 4.72
N ARG G 282 25.81 -8.38 5.82
CA ARG G 282 26.89 -8.44 6.79
C ARG G 282 27.32 -9.90 6.93
N GLY G 283 28.45 -10.26 6.34
CA GLY G 283 28.92 -11.63 6.37
C GLY G 283 30.29 -11.83 5.75
N VAL G 284 31.09 -12.68 6.38
CA VAL G 284 32.48 -12.90 5.98
C VAL G 284 32.76 -14.39 5.88
N ARG G 285 33.63 -14.75 4.95
CA ARG G 285 34.07 -16.12 4.74
C ARG G 285 35.47 -16.30 5.29
N LEU G 286 35.66 -17.30 6.13
CA LEU G 286 36.94 -17.68 6.71
C LEU G 286 37.50 -18.83 5.90
N TYR G 287 38.67 -18.62 5.31
CA TYR G 287 39.46 -19.68 4.69
C TYR G 287 40.55 -20.06 5.68
N VAL G 288 40.47 -21.28 6.20
CA VAL G 288 41.46 -21.80 7.15
C VAL G 288 42.44 -22.68 6.39
N SER G 289 43.73 -22.42 6.60
CA SER G 289 44.81 -23.14 5.93
C SER G 289 45.85 -23.55 6.96
N GLU G 290 47.03 -23.96 6.49
CA GLU G 290 48.07 -24.47 7.39
C GLU G 290 48.33 -23.50 8.53
N ASN G 291 48.70 -22.27 8.22
CA ASN G 291 48.84 -21.23 9.23
C ASN G 291 47.94 -20.03 8.99
N GLN G 292 47.94 -19.48 7.76
CA GLN G 292 47.22 -18.25 7.52
C GLN G 292 45.71 -18.46 7.61
N LEU G 293 45.03 -17.51 8.24
CA LEU G 293 43.57 -17.43 8.26
C LEU G 293 43.16 -16.25 7.41
N LYS G 294 42.32 -16.49 6.42
CA LYS G 294 41.88 -15.45 5.50
C LYS G 294 40.43 -15.10 5.79
N ILE G 295 40.17 -13.80 5.95
CA ILE G 295 38.81 -13.29 6.12
C ILE G 295 38.48 -12.49 4.87
N THR G 296 37.45 -12.94 4.14
CA THR G 296 37.05 -12.32 2.89
C THR G 296 35.63 -11.79 3.03
N ALA G 297 35.41 -10.54 2.61
CA ALA G 297 34.11 -9.90 2.73
C ALA G 297 33.72 -9.31 1.39
N ASN G 298 32.46 -9.52 1.00
CA ASN G 298 31.89 -8.93 -0.20
C ASN G 298 30.70 -8.06 0.19
N ASN G 299 30.14 -7.38 -0.79
CA ASN G 299 29.11 -6.39 -0.59
C ASN G 299 28.21 -6.39 -1.81
N PRO G 300 26.97 -5.91 -1.68
CA PRO G 300 26.12 -5.76 -2.88
C PRO G 300 26.74 -4.87 -3.95
N GLU G 301 27.63 -3.94 -3.56
CA GLU G 301 28.36 -3.15 -4.54
C GLU G 301 29.43 -3.97 -5.26
N GLN G 302 29.64 -5.22 -4.84
CA GLN G 302 30.61 -6.13 -5.46
C GLN G 302 32.03 -5.56 -5.35
N GLU G 303 32.44 -5.29 -4.12
CA GLU G 303 33.81 -4.94 -3.81
C GLU G 303 34.32 -5.85 -2.69
N GLU G 304 35.59 -6.20 -2.75
CA GLU G 304 36.15 -7.28 -1.96
C GLU G 304 37.12 -6.74 -0.90
N ALA G 305 37.10 -7.35 0.27
CA ALA G 305 38.05 -7.05 1.34
C ALA G 305 38.65 -8.36 1.82
N GLU G 306 39.95 -8.35 2.12
CA GLU G 306 40.66 -9.57 2.52
C GLU G 306 41.65 -9.25 3.62
N GLU G 307 41.69 -10.10 4.63
CA GLU G 307 42.65 -10.00 5.74
C GLU G 307 43.31 -11.35 5.95
N ILE G 308 44.59 -11.33 6.34
CA ILE G 308 45.37 -12.54 6.56
C ILE G 308 45.97 -12.49 7.96
N LEU G 309 45.91 -13.61 8.66
CA LEU G 309 46.46 -13.70 10.01
C LEU G 309 47.34 -14.93 10.15
N ASP G 310 48.34 -14.84 11.01
CA ASP G 310 49.26 -15.96 11.29
C ASP G 310 48.82 -16.78 12.50
N VAL G 311 47.56 -17.22 12.51
CA VAL G 311 47.06 -18.08 13.57
C VAL G 311 47.74 -19.43 13.48
N THR G 312 48.16 -19.97 14.63
CA THR G 312 48.75 -21.30 14.66
C THR G 312 47.65 -22.35 14.54
N TYR G 313 47.80 -23.24 13.56
CA TYR G 313 46.76 -24.21 13.24
C TYR G 313 47.41 -25.40 12.55
N SER G 314 46.70 -26.52 12.56
CA SER G 314 47.15 -27.72 11.86
C SER G 314 45.93 -28.53 11.49
N GLY G 315 45.60 -28.56 10.20
CA GLY G 315 44.44 -29.27 9.74
C GLY G 315 44.21 -29.04 8.26
N ALA G 316 43.03 -29.44 7.80
CA ALA G 316 42.69 -29.32 6.39
C ALA G 316 42.16 -27.93 6.08
N GLU G 317 42.45 -27.47 4.86
CA GLU G 317 41.90 -26.19 4.40
C GLU G 317 40.38 -26.27 4.34
N MET G 318 39.73 -25.17 4.73
CA MET G 318 38.27 -25.17 4.79
C MET G 318 37.76 -23.75 4.59
N GLU G 319 36.49 -23.65 4.21
CA GLU G 319 35.83 -22.38 3.98
C GLU G 319 34.51 -22.36 4.74
N ILE G 320 34.30 -21.32 5.55
CA ILE G 320 33.17 -21.26 6.48
C ILE G 320 32.69 -19.81 6.62
N GLY G 321 31.40 -19.57 6.40
CA GLY G 321 30.87 -18.22 6.38
C GLY G 321 30.03 -17.92 7.60
N PHE G 322 30.31 -16.79 8.23
CA PHE G 322 29.52 -16.32 9.38
C PHE G 322 29.30 -14.83 9.30
N ASN G 323 28.26 -14.38 10.00
CA ASN G 323 27.98 -12.96 10.15
C ASN G 323 29.07 -12.32 11.00
N VAL G 324 29.79 -11.36 10.43
CA VAL G 324 30.93 -10.76 11.12
C VAL G 324 30.47 -9.98 12.35
N SER G 325 29.23 -9.52 12.37
CA SER G 325 28.73 -8.82 13.55
C SER G 325 28.65 -9.75 14.75
N TYR G 326 28.14 -10.96 14.54
CA TYR G 326 28.03 -11.93 15.64
C TYR G 326 29.42 -12.33 16.15
N VAL G 327 30.35 -12.59 15.24
CA VAL G 327 31.71 -12.96 15.64
C VAL G 327 32.37 -11.81 16.39
N LEU G 328 32.19 -10.58 15.90
CA LEU G 328 32.77 -9.43 16.58
C LEU G 328 32.18 -9.26 17.97
N ASP G 329 30.87 -9.47 18.11
CA ASP G 329 30.26 -9.41 19.44
C ASP G 329 30.82 -10.49 20.35
N VAL G 330 31.03 -11.69 19.82
CA VAL G 330 31.62 -12.77 20.62
C VAL G 330 33.00 -12.39 21.10
N LEU G 331 33.83 -11.84 20.21
CA LEU G 331 35.16 -11.39 20.60
C LEU G 331 35.10 -10.27 21.63
N ASN G 332 34.17 -9.32 21.45
CA ASN G 332 33.98 -8.25 22.43
C ASN G 332 33.62 -8.80 23.79
N ALA G 333 32.81 -9.86 23.84
CA ALA G 333 32.47 -10.46 25.12
C ALA G 333 33.65 -11.14 25.79
N LEU G 334 34.70 -11.46 25.04
CA LEU G 334 35.88 -12.14 25.56
C LEU G 334 36.98 -11.12 25.80
N LYS G 335 37.21 -10.79 27.06
CA LYS G 335 38.28 -9.87 27.46
C LYS G 335 39.51 -10.65 27.89
N CYS G 336 40.08 -11.40 26.95
CA CYS G 336 41.24 -12.23 27.18
C CYS G 336 42.31 -11.93 26.15
N GLU G 337 43.52 -12.43 26.40
CA GLU G 337 44.64 -12.16 25.51
C GLU G 337 44.56 -12.98 24.22
N ASN G 338 44.00 -14.18 24.27
CA ASN G 338 43.82 -14.98 23.07
C ASN G 338 42.64 -15.92 23.24
N VAL G 339 42.09 -16.36 22.12
CA VAL G 339 40.90 -17.20 22.08
C VAL G 339 41.17 -18.42 21.21
N ARG G 340 40.35 -19.45 21.41
CA ARG G 340 40.38 -20.67 20.62
C ARG G 340 39.00 -20.90 20.01
N MET G 341 38.99 -21.13 18.70
CA MET G 341 37.79 -21.46 17.95
C MET G 341 37.83 -22.94 17.61
N MET G 342 36.76 -23.65 17.98
CA MET G 342 36.63 -25.08 17.73
C MET G 342 35.70 -25.29 16.54
N LEU G 343 36.20 -26.02 15.55
CA LEU G 343 35.57 -26.19 14.25
C LEU G 343 35.47 -27.67 13.92
N THR G 344 34.40 -28.05 13.26
CA THR G 344 34.16 -29.44 12.87
C THR G 344 34.19 -29.61 11.35
N ASP G 345 33.35 -28.89 10.62
CA ASP G 345 33.35 -28.96 9.16
C ASP G 345 32.67 -27.70 8.63
N SER G 346 32.52 -27.64 7.30
CA SER G 346 32.08 -26.42 6.63
C SER G 346 30.60 -26.12 6.79
N VAL G 347 29.81 -27.04 7.35
CA VAL G 347 28.37 -26.85 7.46
C VAL G 347 27.88 -26.85 8.89
N SER G 348 28.75 -27.12 9.87
CA SER G 348 28.35 -27.13 11.27
C SER G 348 28.68 -25.80 11.93
N SER G 349 28.12 -25.61 13.12
CA SER G 349 28.37 -24.41 13.89
C SER G 349 29.81 -24.39 14.39
N VAL G 350 30.29 -23.19 14.73
CA VAL G 350 31.63 -23.00 15.25
C VAL G 350 31.53 -22.54 16.69
N GLN G 351 32.38 -23.11 17.56
CA GLN G 351 32.43 -22.68 18.94
C GLN G 351 33.60 -21.74 19.13
N ILE G 352 33.44 -20.77 20.03
CA ILE G 352 34.50 -19.83 20.37
C ILE G 352 34.60 -19.79 21.90
N GLU G 353 35.82 -19.84 22.41
CA GLU G 353 36.03 -19.87 23.85
C GLU G 353 37.37 -19.22 24.18
N ASP G 354 37.54 -18.90 25.45
CA ASP G 354 38.84 -18.46 25.95
C ASP G 354 39.84 -19.61 25.83
N ALA G 355 41.02 -19.31 25.31
CA ALA G 355 42.04 -20.35 25.16
C ALA G 355 42.59 -20.82 26.50
N ALA G 356 42.38 -20.05 27.58
CA ALA G 356 42.90 -20.39 28.89
C ALA G 356 41.81 -20.44 29.95
N SER G 357 40.54 -20.53 29.54
CA SER G 357 39.45 -20.61 30.49
C SER G 357 38.25 -21.26 29.80
N GLN G 358 37.42 -21.93 30.61
CA GLN G 358 36.23 -22.61 30.12
C GLN G 358 34.98 -22.09 30.80
N SER G 359 35.01 -20.83 31.25
CA SER G 359 33.88 -20.27 31.99
C SER G 359 32.71 -19.93 31.07
N ALA G 360 32.97 -19.59 29.82
CA ALA G 360 31.91 -19.20 28.91
C ALA G 360 32.27 -19.62 27.49
N ALA G 361 31.27 -20.12 26.76
CA ALA G 361 31.44 -20.56 25.38
C ALA G 361 30.40 -19.90 24.51
N TYR G 362 30.70 -19.83 23.22
CA TYR G 362 29.82 -19.20 22.24
C TYR G 362 29.71 -20.07 21.00
N VAL G 363 28.56 -20.02 20.36
CA VAL G 363 28.27 -20.81 19.17
C VAL G 363 27.76 -19.88 18.08
N VAL G 364 28.37 -19.95 16.89
CA VAL G 364 27.94 -19.18 15.74
C VAL G 364 27.54 -20.18 14.65
N MET G 365 26.30 -20.06 14.18
CA MET G 365 25.81 -20.91 13.10
C MET G 365 26.30 -20.37 11.76
N PRO G 366 26.84 -21.22 10.89
CA PRO G 366 27.34 -20.73 9.61
C PRO G 366 26.22 -20.26 8.69
N MET G 367 26.59 -19.40 7.76
CA MET G 367 25.67 -18.90 6.75
C MET G 367 25.89 -19.63 5.43
N ARG G 368 24.81 -19.79 4.68
CA ARG G 368 24.90 -20.42 3.37
C ARG G 368 25.57 -19.49 2.36
N LEU G 369 26.33 -20.08 1.45
CA LEU G 369 27.03 -19.32 0.42
C LEU G 369 26.55 -19.72 -0.97
#